data_7MC9
#
_entry.id   7MC9
#
_cell.length_a   98.138
_cell.length_b   136.873
_cell.length_c   193.348
_cell.angle_alpha   90.000
_cell.angle_beta   90.000
_cell.angle_gamma   90.000
#
_symmetry.space_group_name_H-M   'P 21 21 21'
#
loop_
_entity.id
_entity.type
_entity.pdbx_description
1 polymer '3C-like proteinase'
2 polymer Ubiquitin
3 non-polymer 'ZINC ION'
4 non-polymer prop-2-en-1-amine
5 water water
#
loop_
_entity_poly.entity_id
_entity_poly.type
_entity_poly.pdbx_seq_one_letter_code
_entity_poly.pdbx_strand_id
1 'polypeptide(L)'
;GSHMDSHYGFDKAGEFHMLDHTGFAFPSEVVNGRRVLKTTDNNCWVNVTCLQLQFARFRFKSAGLQAMWESYCTGDVAMF
VHWLYWLTGVDKGQPSDSENALNMLSKYIVPAGSVTIERVTHDGCCCSKRVVTAPVVNASVLKLGVEDGLCPHGLNYIDK
VVVVKGTTIVVNVGKPVVAPSHLFLKGVSYTTFLDNGNGVAGHYTVFDHDTGMVHDGDVFVPGDLNVSPVTNVVVSE
;
A,C,E,G,I,K,M,O
2 'polypeptide(L)' MQIFVKTLTGKTITLEVEPSDTIENVKAKIQDKEGIPPDQQRLIFAGKQLEDGRTLSDYNIQKESTLHLVLRLRG B,D,F,H,J,L,N,P
#
# COMPACT_ATOMS: atom_id res chain seq x y z
N HIS A 3 36.18 -2.65 -25.83
CA HIS A 3 34.93 -1.89 -25.88
C HIS A 3 33.74 -2.84 -25.79
N MET A 4 33.65 -3.75 -26.76
CA MET A 4 32.53 -4.69 -26.81
C MET A 4 32.41 -5.47 -25.51
N ASP A 5 33.54 -5.82 -24.91
CA ASP A 5 33.53 -6.58 -23.65
C ASP A 5 33.24 -5.70 -22.44
N SER A 6 33.51 -4.39 -22.54
CA SER A 6 33.17 -3.47 -21.46
C SER A 6 31.79 -2.85 -21.64
N HIS A 7 31.30 -2.77 -22.87
CA HIS A 7 29.98 -2.20 -23.12
C HIS A 7 28.86 -3.16 -22.72
N TYR A 8 29.08 -4.47 -22.88
CA TYR A 8 28.05 -5.46 -22.57
C TYR A 8 28.36 -6.28 -21.32
N GLY A 9 29.59 -6.25 -20.81
CA GLY A 9 29.89 -6.85 -19.53
C GLY A 9 30.18 -8.33 -19.53
N PHE A 10 30.48 -8.93 -20.68
CA PHE A 10 30.86 -10.33 -20.73
C PHE A 10 31.94 -10.55 -21.78
N ASP A 11 32.70 -11.62 -21.60
CA ASP A 11 33.81 -11.93 -22.47
C ASP A 11 33.32 -12.38 -23.84
N LYS A 12 34.20 -12.24 -24.84
CA LYS A 12 33.91 -12.63 -26.22
C LYS A 12 32.62 -11.99 -26.73
N ALA A 13 32.32 -10.79 -26.24
CA ALA A 13 31.10 -10.11 -26.65
C ALA A 13 31.15 -9.74 -28.13
N GLY A 14 32.34 -9.38 -28.62
CA GLY A 14 32.48 -9.11 -30.05
C GLY A 14 32.14 -10.31 -30.90
N GLU A 15 32.59 -11.50 -30.49
CA GLU A 15 32.29 -12.71 -31.25
C GLU A 15 30.79 -12.99 -31.30
N PHE A 16 30.11 -12.83 -30.15
CA PHE A 16 28.69 -13.14 -30.10
C PHE A 16 27.88 -12.18 -30.97
N HIS A 17 28.10 -10.88 -30.80
CA HIS A 17 27.27 -9.88 -31.48
C HIS A 17 27.42 -9.91 -32.99
N MET A 18 28.43 -10.58 -33.53
CA MET A 18 28.52 -10.76 -34.98
C MET A 18 27.67 -11.91 -35.47
N LEU A 19 27.26 -12.81 -34.58
CA LEU A 19 26.49 -13.98 -34.99
C LEU A 19 25.04 -13.59 -35.32
N ASP A 20 24.33 -14.51 -35.94
CA ASP A 20 22.95 -14.29 -36.37
C ASP A 20 22.01 -14.80 -35.28
N HIS A 21 21.28 -13.88 -34.65
CA HIS A 21 20.37 -14.21 -33.56
C HIS A 21 18.96 -14.55 -34.04
N THR A 22 18.71 -14.51 -35.36
CA THR A 22 17.35 -14.69 -35.85
C THR A 22 16.83 -16.08 -35.58
N GLY A 23 17.70 -17.09 -35.52
CA GLY A 23 17.28 -18.45 -35.31
C GLY A 23 16.65 -18.71 -33.95
N PHE A 24 16.77 -17.77 -33.02
CA PHE A 24 16.24 -17.94 -31.67
C PHE A 24 15.09 -17.00 -31.37
N ALA A 25 14.44 -16.46 -32.41
CA ALA A 25 13.31 -15.55 -32.24
C ALA A 25 12.02 -16.37 -32.08
N PHE A 26 11.88 -16.96 -30.90
CA PHE A 26 10.71 -17.78 -30.62
C PHE A 26 9.47 -16.90 -30.52
N PRO A 27 8.32 -17.43 -30.93
CA PRO A 27 7.06 -16.67 -30.77
C PRO A 27 6.70 -16.53 -29.29
N SER A 28 6.35 -15.31 -28.89
CA SER A 28 6.12 -14.99 -27.50
C SER A 28 4.84 -14.18 -27.34
N GLU A 29 4.32 -14.19 -26.12
CA GLU A 29 3.14 -13.43 -25.75
C GLU A 29 3.34 -12.86 -24.35
N VAL A 30 2.46 -11.93 -23.97
CA VAL A 30 2.45 -11.36 -22.63
C VAL A 30 1.32 -12.00 -21.84
N VAL A 31 1.64 -12.57 -20.68
CA VAL A 31 0.66 -13.24 -19.81
C VAL A 31 0.87 -12.70 -18.40
N ASN A 32 -0.17 -12.04 -17.86
CA ASN A 32 -0.14 -11.48 -16.51
C ASN A 32 1.02 -10.49 -16.35
N GLY A 33 1.30 -9.72 -17.41
CA GLY A 33 2.40 -8.79 -17.44
C GLY A 33 3.74 -9.43 -17.75
N ARG A 34 3.91 -10.72 -17.46
CA ARG A 34 5.14 -11.41 -17.79
C ARG A 34 5.17 -11.74 -19.28
N ARG A 35 6.37 -11.75 -19.84
CA ARG A 35 6.58 -12.19 -21.23
C ARG A 35 7.02 -13.65 -21.22
N VAL A 36 6.25 -14.50 -21.88
CA VAL A 36 6.49 -15.94 -21.91
C VAL A 36 6.63 -16.40 -23.35
N LEU A 37 7.30 -17.52 -23.53
CA LEU A 37 7.60 -18.06 -24.84
C LEU A 37 6.73 -19.27 -25.14
N LYS A 38 6.25 -19.36 -26.37
CA LYS A 38 5.49 -20.53 -26.80
C LYS A 38 6.40 -21.76 -26.82
N THR A 39 5.87 -22.89 -26.37
CA THR A 39 6.65 -24.12 -26.27
C THR A 39 7.01 -24.63 -27.66
N THR A 40 8.30 -24.64 -27.97
CA THR A 40 8.81 -25.17 -29.23
C THR A 40 10.32 -25.34 -29.12
N ASP A 41 10.83 -26.40 -29.74
CA ASP A 41 12.26 -26.69 -29.76
C ASP A 41 12.84 -26.83 -28.35
N ASN A 42 12.04 -27.40 -27.44
CA ASN A 42 12.46 -27.68 -26.07
C ASN A 42 12.92 -26.42 -25.34
N ASN A 43 12.31 -25.27 -25.65
CA ASN A 43 12.72 -24.01 -25.06
C ASN A 43 12.10 -23.75 -23.69
N CYS A 44 11.50 -24.77 -23.07
CA CYS A 44 10.85 -24.56 -21.78
C CYS A 44 11.84 -24.16 -20.70
N TRP A 45 13.08 -24.63 -20.78
CA TRP A 45 14.07 -24.23 -19.80
C TRP A 45 14.47 -22.77 -19.97
N VAL A 46 14.36 -22.23 -21.19
CA VAL A 46 14.62 -20.81 -21.39
C VAL A 46 13.43 -19.98 -20.89
N ASN A 47 12.21 -20.50 -21.06
CA ASN A 47 11.03 -19.76 -20.64
C ASN A 47 10.97 -19.63 -19.13
N VAL A 48 11.21 -20.73 -18.40
CA VAL A 48 11.15 -20.68 -16.94
C VAL A 48 12.36 -19.96 -16.36
N THR A 49 13.48 -19.95 -17.08
CA THR A 49 14.66 -19.23 -16.59
C THR A 49 14.45 -17.72 -16.65
N CYS A 50 13.99 -17.21 -17.79
CA CYS A 50 13.70 -15.79 -17.93
C CYS A 50 12.45 -15.37 -17.15
N LEU A 51 11.56 -16.30 -16.82
CA LEU A 51 10.41 -15.96 -15.99
C LEU A 51 10.85 -15.63 -14.57
N GLN A 52 11.78 -16.40 -14.02
CA GLN A 52 12.28 -16.12 -12.68
C GLN A 52 13.04 -14.80 -12.63
N LEU A 53 13.72 -14.43 -13.72
CA LEU A 53 14.35 -13.12 -13.78
C LEU A 53 13.31 -12.01 -13.77
N GLN A 54 12.11 -12.28 -14.29
CA GLN A 54 11.04 -11.30 -14.24
C GLN A 54 10.36 -11.27 -12.88
N PHE A 55 10.10 -12.45 -12.31
CA PHE A 55 9.51 -12.50 -10.97
C PHE A 55 10.44 -11.91 -9.93
N ALA A 56 11.75 -11.97 -10.14
CA ALA A 56 12.71 -11.37 -9.24
C ALA A 56 12.95 -9.90 -9.51
N ARG A 57 12.45 -9.37 -10.62
CA ARG A 57 12.66 -7.98 -11.01
C ARG A 57 14.15 -7.65 -11.06
N PHE A 58 14.93 -8.59 -11.57
CA PHE A 58 16.38 -8.47 -11.60
C PHE A 58 16.83 -7.50 -12.68
N ARG A 59 18.00 -6.90 -12.45
CA ARG A 59 18.71 -6.11 -13.44
C ARG A 59 20.03 -6.78 -13.77
N PHE A 60 20.66 -6.34 -14.85
CA PHE A 60 21.99 -6.80 -15.21
C PHE A 60 23.00 -5.69 -14.98
N LYS A 61 24.22 -6.09 -14.62
CA LYS A 61 25.22 -5.14 -14.15
C LYS A 61 25.57 -4.13 -15.24
N SER A 62 25.92 -4.61 -16.42
CA SER A 62 26.29 -3.72 -17.51
C SER A 62 25.04 -3.17 -18.18
N ALA A 63 25.12 -1.92 -18.64
CA ALA A 63 23.99 -1.31 -19.34
C ALA A 63 23.72 -2.00 -20.66
N GLY A 64 24.73 -2.62 -21.25
CA GLY A 64 24.53 -3.32 -22.51
C GLY A 64 23.73 -4.59 -22.36
N LEU A 65 24.03 -5.39 -21.33
CA LEU A 65 23.28 -6.61 -21.10
C LEU A 65 21.84 -6.31 -20.71
N GLN A 66 21.63 -5.26 -19.91
CA GLN A 66 20.26 -4.89 -19.55
C GLN A 66 19.47 -4.42 -20.76
N ALA A 67 20.13 -3.75 -21.70
CA ALA A 67 19.46 -3.35 -22.93
C ALA A 67 19.01 -4.57 -23.74
N MET A 68 19.77 -5.66 -23.67
CA MET A 68 19.33 -6.91 -24.29
C MET A 68 18.16 -7.50 -23.52
N TRP A 69 18.24 -7.52 -22.19
CA TRP A 69 17.17 -8.08 -21.38
C TRP A 69 15.89 -7.26 -21.50
N GLU A 70 16.02 -5.93 -21.57
CA GLU A 70 14.84 -5.09 -21.76
C GLU A 70 14.18 -5.35 -23.11
N SER A 71 14.99 -5.60 -24.14
CA SER A 71 14.43 -5.94 -25.44
C SER A 71 13.71 -7.28 -25.42
N TYR A 72 14.20 -8.22 -24.60
CA TYR A 72 13.51 -9.50 -24.47
C TYR A 72 12.11 -9.32 -23.93
N CYS A 73 11.96 -8.49 -22.88
CA CYS A 73 10.67 -8.30 -22.24
C CYS A 73 9.70 -7.52 -23.12
N THR A 74 10.20 -6.76 -24.08
CA THR A 74 9.34 -5.97 -24.96
C THR A 74 8.94 -6.71 -26.23
N GLY A 75 9.46 -7.92 -26.44
CA GLY A 75 9.13 -8.74 -27.59
C GLY A 75 10.33 -9.17 -28.41
N ASP A 76 11.41 -8.38 -28.39
CA ASP A 76 12.63 -8.71 -29.12
C ASP A 76 13.40 -9.76 -28.33
N VAL A 77 12.92 -11.00 -28.45
CA VAL A 77 13.49 -12.11 -27.67
C VAL A 77 14.63 -12.82 -28.41
N ALA A 78 14.93 -12.43 -29.64
CA ALA A 78 15.91 -13.17 -30.44
C ALA A 78 17.30 -13.07 -29.84
N MET A 79 17.69 -11.87 -29.40
CA MET A 79 19.09 -11.65 -29.00
C MET A 79 19.40 -12.32 -27.66
N PHE A 80 18.54 -12.10 -26.66
CA PHE A 80 18.83 -12.63 -25.32
C PHE A 80 18.74 -14.14 -25.29
N VAL A 81 17.75 -14.72 -25.97
CA VAL A 81 17.61 -16.18 -25.99
C VAL A 81 18.84 -16.82 -26.61
N HIS A 82 19.33 -16.26 -27.72
CA HIS A 82 20.57 -16.75 -28.31
C HIS A 82 21.74 -16.63 -27.34
N TRP A 83 21.77 -15.54 -26.58
CA TRP A 83 22.85 -15.35 -25.61
C TRP A 83 22.79 -16.38 -24.48
N LEU A 84 21.60 -16.84 -24.12
CA LEU A 84 21.49 -17.91 -23.13
C LEU A 84 22.06 -19.21 -23.67
N TYR A 85 21.83 -19.49 -24.95
CA TYR A 85 22.45 -20.67 -25.57
C TYR A 85 23.95 -20.47 -25.75
N TRP A 86 24.36 -19.23 -26.05
CA TRP A 86 25.77 -18.95 -26.27
C TRP A 86 26.58 -19.04 -24.98
N LEU A 87 26.00 -18.58 -23.87
CA LEU A 87 26.71 -18.61 -22.60
C LEU A 87 26.73 -20.00 -21.99
N THR A 88 25.56 -20.65 -21.90
CA THR A 88 25.46 -21.97 -21.28
C THR A 88 26.04 -23.08 -22.16
N GLY A 89 26.34 -22.80 -23.42
CA GLY A 89 26.88 -23.82 -24.30
C GLY A 89 25.89 -24.90 -24.66
N VAL A 90 24.65 -24.53 -24.94
CA VAL A 90 23.59 -25.46 -25.31
C VAL A 90 23.25 -25.25 -26.77
N ASP A 91 23.03 -26.34 -27.49
CA ASP A 91 22.64 -26.26 -28.89
C ASP A 91 21.15 -25.96 -29.02
N LYS A 92 20.79 -25.27 -30.09
CA LYS A 92 19.39 -24.95 -30.34
C LYS A 92 18.58 -26.21 -30.55
N GLY A 93 17.37 -26.23 -29.99
CA GLY A 93 16.51 -27.39 -30.07
C GLY A 93 16.78 -28.47 -29.06
N GLN A 94 17.84 -28.36 -28.27
CA GLN A 94 18.19 -29.36 -27.27
C GLN A 94 17.75 -28.91 -25.88
N PRO A 95 17.36 -29.84 -25.02
CA PRO A 95 16.98 -29.47 -23.65
C PRO A 95 18.20 -29.12 -22.82
N SER A 96 17.94 -28.41 -21.72
CA SER A 96 19.02 -27.99 -20.82
C SER A 96 18.45 -27.83 -19.41
N ASP A 97 19.30 -27.39 -18.50
CA ASP A 97 18.97 -27.26 -17.09
C ASP A 97 18.74 -25.78 -16.77
N SER A 98 17.56 -25.46 -16.25
CA SER A 98 17.25 -24.07 -15.92
C SER A 98 18.00 -23.60 -14.69
N GLU A 99 18.21 -24.49 -13.71
CA GLU A 99 18.98 -24.13 -12.52
C GLU A 99 20.45 -23.94 -12.87
N ASN A 100 20.97 -24.67 -13.84
CA ASN A 100 22.33 -24.45 -14.30
C ASN A 100 22.45 -23.11 -15.02
N ALA A 101 21.41 -22.72 -15.76
CA ALA A 101 21.43 -21.44 -16.46
C ALA A 101 21.41 -20.27 -15.47
N LEU A 102 20.61 -20.38 -14.41
CA LEU A 102 20.52 -19.31 -13.43
C LEU A 102 21.83 -19.12 -12.67
N ASN A 103 22.56 -20.21 -12.42
CA ASN A 103 23.83 -20.10 -11.72
C ASN A 103 24.88 -19.40 -12.58
N MET A 104 24.91 -19.71 -13.87
CA MET A 104 25.84 -19.02 -14.77
C MET A 104 25.43 -17.57 -15.00
N LEU A 105 24.16 -17.23 -14.79
CA LEU A 105 23.70 -15.86 -14.94
C LEU A 105 23.95 -15.01 -13.70
N SER A 106 24.26 -15.64 -12.56
CA SER A 106 24.27 -14.91 -11.30
C SER A 106 25.34 -13.82 -11.28
N LYS A 107 26.52 -14.09 -11.84
CA LYS A 107 27.60 -13.12 -11.80
C LYS A 107 27.36 -11.91 -12.68
N TYR A 108 26.35 -11.95 -13.55
CA TYR A 108 26.00 -10.81 -14.40
C TYR A 108 24.84 -10.00 -13.87
N ILE A 109 24.15 -10.49 -12.84
CA ILE A 109 22.94 -9.87 -12.31
C ILE A 109 23.30 -9.01 -11.10
N VAL A 110 22.68 -7.85 -11.00
CA VAL A 110 22.87 -6.99 -9.82
C VAL A 110 22.22 -7.65 -8.62
N PRO A 111 22.91 -7.77 -7.48
CA PRO A 111 22.30 -8.37 -6.29
C PRO A 111 21.17 -7.49 -5.77
N ALA A 112 19.96 -8.05 -5.73
CA ALA A 112 18.78 -7.30 -5.31
C ALA A 112 18.16 -7.88 -4.04
N GLY A 113 18.94 -8.57 -3.23
CA GLY A 113 18.38 -9.15 -2.03
C GLY A 113 19.47 -9.66 -1.09
N SER A 114 19.02 -10.33 -0.04
CA SER A 114 19.91 -10.86 0.98
C SER A 114 19.25 -12.08 1.61
N VAL A 115 20.09 -13.01 2.08
CA VAL A 115 19.61 -14.25 2.69
C VAL A 115 20.55 -14.64 3.81
N THR A 116 19.98 -14.94 4.98
CA THR A 116 20.72 -15.44 6.12
C THR A 116 20.60 -16.95 6.16
N ILE A 117 21.74 -17.65 6.11
CA ILE A 117 21.78 -19.10 6.14
C ILE A 117 22.32 -19.53 7.49
N GLU A 118 21.46 -20.16 8.29
CA GLU A 118 21.86 -20.66 9.61
C GLU A 118 22.36 -22.09 9.49
N ARG A 119 23.52 -22.36 10.09
CA ARG A 119 24.13 -23.69 10.08
C ARG A 119 24.13 -24.20 11.52
N VAL A 120 23.30 -25.22 11.77
CA VAL A 120 23.14 -25.82 13.09
C VAL A 120 23.01 -27.33 12.91
N THR A 121 23.11 -28.05 14.02
CA THR A 121 23.13 -29.51 13.96
C THR A 121 21.92 -30.10 14.67
N HIS A 122 21.96 -31.43 14.81
CA HIS A 122 20.80 -32.20 15.26
C HIS A 122 20.35 -31.81 16.67
N ASP A 123 21.26 -31.30 17.49
CA ASP A 123 20.92 -30.89 18.84
C ASP A 123 21.67 -29.62 19.21
N GLY A 124 21.83 -28.72 18.25
CA GLY A 124 22.44 -27.42 18.48
C GLY A 124 23.84 -27.46 19.07
N CYS A 125 24.69 -28.38 18.61
CA CYS A 125 26.03 -28.50 19.17
C CYS A 125 26.99 -27.48 18.58
N CYS A 126 26.79 -27.08 17.32
CA CYS A 126 27.62 -26.06 16.69
C CYS A 126 26.73 -25.19 15.82
N CYS A 127 26.83 -23.86 15.99
CA CYS A 127 25.95 -22.93 15.30
C CYS A 127 26.77 -21.81 14.67
N SER A 128 26.27 -21.31 13.55
CA SER A 128 26.89 -20.19 12.84
C SER A 128 25.87 -19.62 11.86
N LYS A 129 25.94 -18.30 11.66
CA LYS A 129 25.07 -17.61 10.73
C LYS A 129 25.91 -16.78 9.78
N ARG A 130 25.49 -16.70 8.52
CA ARG A 130 26.13 -15.84 7.53
C ARG A 130 25.06 -15.22 6.65
N VAL A 131 25.37 -14.02 6.14
CA VAL A 131 24.44 -13.24 5.34
C VAL A 131 24.94 -13.26 3.90
N VAL A 132 24.20 -13.94 3.03
CA VAL A 132 24.57 -14.09 1.62
C VAL A 132 23.84 -13.03 0.81
N THR A 133 24.57 -12.37 -0.09
CA THR A 133 24.01 -11.35 -0.99
C THR A 133 24.46 -11.69 -2.41
N ALA A 134 23.75 -12.63 -3.04
CA ALA A 134 23.99 -13.04 -4.40
C ALA A 134 22.67 -13.16 -5.13
N PRO A 135 22.65 -12.92 -6.44
CA PRO A 135 21.39 -13.08 -7.19
C PRO A 135 20.83 -14.49 -7.14
N VAL A 136 21.70 -15.49 -7.14
CA VAL A 136 21.30 -16.90 -7.07
C VAL A 136 22.09 -17.56 -5.96
N VAL A 137 21.37 -18.20 -5.03
CA VAL A 137 21.99 -18.92 -3.92
C VAL A 137 21.48 -20.35 -3.94
N ASN A 138 22.39 -21.31 -3.84
CA ASN A 138 22.03 -22.73 -3.84
C ASN A 138 21.78 -23.16 -2.40
N ALA A 139 20.51 -23.33 -2.05
CA ALA A 139 20.13 -23.76 -0.71
C ALA A 139 18.86 -24.58 -0.82
N SER A 140 18.42 -25.12 0.32
CA SER A 140 17.20 -25.91 0.34
C SER A 140 15.97 -25.00 0.18
N VAL A 141 15.12 -25.34 -0.79
CA VAL A 141 13.88 -24.61 -0.99
C VAL A 141 12.86 -24.89 0.09
N LEU A 142 13.14 -25.82 0.99
CA LEU A 142 12.29 -26.12 2.14
C LEU A 142 12.83 -25.43 3.39
N LYS A 143 11.96 -25.33 4.40
CA LYS A 143 12.38 -24.82 5.69
C LYS A 143 13.18 -25.85 6.48
N LEU A 144 13.23 -27.10 6.01
CA LEU A 144 14.03 -28.13 6.67
C LEU A 144 15.51 -27.81 6.57
N GLY A 145 16.04 -27.79 5.35
CA GLY A 145 17.45 -27.64 5.12
C GLY A 145 18.03 -28.89 4.46
N VAL A 146 19.36 -28.93 4.41
CA VAL A 146 20.10 -30.06 3.87
C VAL A 146 21.31 -30.32 4.74
N GLU A 147 21.78 -31.57 4.73
CA GLU A 147 22.98 -31.93 5.47
C GLU A 147 24.22 -31.36 4.77
N ASP A 148 25.22 -31.02 5.57
CA ASP A 148 26.40 -30.34 5.05
C ASP A 148 27.67 -30.79 5.79
N GLY A 149 27.78 -32.09 6.04
CA GLY A 149 28.98 -32.62 6.68
C GLY A 149 28.89 -32.61 8.19
N LEU A 150 29.98 -33.07 8.80
CA LEU A 150 30.04 -33.29 10.23
C LEU A 150 30.67 -32.10 10.96
N CYS A 151 30.28 -31.93 12.21
CA CYS A 151 30.83 -30.92 13.09
C CYS A 151 31.97 -31.53 13.90
N PRO A 152 32.71 -30.73 14.69
CA PRO A 152 33.79 -31.33 15.50
C PRO A 152 33.31 -32.35 16.53
N HIS A 153 31.99 -32.60 16.59
CA HIS A 153 31.43 -33.61 17.46
C HIS A 153 30.88 -34.81 16.70
N GLY A 154 31.04 -34.83 15.39
CA GLY A 154 30.58 -35.96 14.59
C GLY A 154 29.11 -35.93 14.24
N LEU A 155 28.48 -34.76 14.27
CA LEU A 155 27.07 -34.61 13.95
C LEU A 155 26.91 -33.76 12.71
N ASN A 156 25.84 -34.02 11.97
CA ASN A 156 25.62 -33.38 10.68
C ASN A 156 25.11 -31.96 10.83
N TYR A 157 25.66 -31.05 10.04
CA TYR A 157 25.15 -29.69 9.95
C TYR A 157 23.86 -29.65 9.14
N ILE A 158 23.06 -28.61 9.37
CA ILE A 158 21.84 -28.36 8.63
C ILE A 158 21.84 -26.90 8.18
N ASP A 159 21.64 -26.68 6.89
CA ASP A 159 21.67 -25.35 6.30
C ASP A 159 20.27 -24.96 5.85
N LYS A 160 19.69 -23.96 6.52
CA LYS A 160 18.37 -23.46 6.19
C LYS A 160 18.40 -21.95 6.10
N VAL A 161 17.44 -21.40 5.34
CA VAL A 161 17.28 -19.96 5.20
C VAL A 161 16.28 -19.48 6.23
N VAL A 162 16.72 -18.63 7.16
CA VAL A 162 15.90 -18.18 8.27
C VAL A 162 15.43 -16.74 8.09
N VAL A 163 16.27 -15.88 7.52
CA VAL A 163 15.93 -14.47 7.32
C VAL A 163 16.10 -14.13 5.85
N VAL A 164 15.13 -13.40 5.29
CA VAL A 164 15.16 -12.99 3.90
C VAL A 164 14.97 -11.49 3.82
N LYS A 165 15.85 -10.81 3.10
CA LYS A 165 15.73 -9.39 2.80
C LYS A 165 15.79 -9.21 1.29
N GLY A 166 14.88 -8.40 0.76
CA GLY A 166 14.87 -8.17 -0.68
C GLY A 166 14.36 -9.40 -1.42
N THR A 167 14.95 -9.64 -2.60
CA THR A 167 14.53 -10.73 -3.46
C THR A 167 15.75 -11.42 -4.04
N THR A 168 15.78 -12.75 -3.97
CA THR A 168 16.84 -13.55 -4.56
C THR A 168 16.26 -14.86 -5.04
N ILE A 169 17.02 -15.57 -5.86
CA ILE A 169 16.61 -16.86 -6.41
C ILE A 169 17.33 -17.96 -5.63
N VAL A 170 16.56 -18.80 -4.94
CA VAL A 170 17.11 -19.93 -4.19
C VAL A 170 16.95 -21.17 -5.05
N VAL A 171 18.07 -21.69 -5.56
CA VAL A 171 18.09 -22.91 -6.34
C VAL A 171 18.28 -24.09 -5.39
N ASN A 172 17.43 -25.10 -5.52
CA ASN A 172 17.49 -26.25 -4.62
C ASN A 172 18.74 -27.06 -4.86
N VAL A 173 19.31 -27.58 -3.77
CA VAL A 173 20.52 -28.40 -3.83
C VAL A 173 20.12 -29.88 -3.81
N GLY A 174 19.51 -30.35 -4.88
CA GLY A 174 19.12 -31.75 -4.97
C GLY A 174 18.07 -31.94 -6.05
N LYS A 175 17.43 -33.10 -5.98
CA LYS A 175 16.40 -33.46 -6.94
C LYS A 175 15.17 -32.56 -6.76
N PRO A 176 14.30 -32.49 -7.77
CA PRO A 176 13.02 -31.80 -7.59
C PRO A 176 12.24 -32.42 -6.44
N VAL A 177 11.78 -31.56 -5.53
CA VAL A 177 11.19 -31.99 -4.27
C VAL A 177 9.70 -31.69 -4.28
N VAL A 178 8.90 -32.65 -3.83
CA VAL A 178 7.47 -32.48 -3.59
C VAL A 178 7.25 -32.42 -2.09
N ALA A 179 6.42 -31.48 -1.64
CA ALA A 179 6.22 -31.25 -0.22
C ALA A 179 4.96 -30.40 -0.05
N PRO A 180 4.40 -30.36 1.16
CA PRO A 180 3.31 -29.42 1.42
C PRO A 180 3.75 -27.98 1.18
N SER A 181 2.79 -27.14 0.78
CA SER A 181 3.12 -25.77 0.40
C SER A 181 3.69 -24.98 1.57
N HIS A 182 3.14 -25.19 2.78
CA HIS A 182 3.58 -24.43 3.94
C HIS A 182 4.97 -24.81 4.42
N LEU A 183 5.64 -25.76 3.76
CA LEU A 183 7.00 -26.12 4.12
C LEU A 183 8.06 -25.42 3.26
N PHE A 184 7.68 -24.95 2.08
CA PHE A 184 8.62 -24.20 1.24
C PHE A 184 8.95 -22.85 1.87
N LEU A 185 10.03 -22.26 1.40
CA LEU A 185 10.33 -20.88 1.74
C LEU A 185 9.26 -19.96 1.14
N LYS A 186 8.98 -18.86 1.84
CA LYS A 186 8.01 -17.90 1.34
C LYS A 186 8.52 -17.27 0.06
N GLY A 187 7.89 -17.61 -1.08
CA GLY A 187 8.32 -17.14 -2.37
C GLY A 187 7.16 -16.63 -3.21
N VAL A 188 7.50 -16.09 -4.37
CA VAL A 188 6.52 -15.54 -5.29
C VAL A 188 6.32 -16.40 -6.53
N SER A 189 7.28 -17.25 -6.88
CA SER A 189 7.14 -18.11 -8.05
C SER A 189 8.03 -19.33 -7.87
N TYR A 190 7.53 -20.49 -8.31
CA TYR A 190 8.21 -21.76 -8.14
C TYR A 190 8.30 -22.46 -9.48
N THR A 191 9.52 -22.78 -9.91
CA THR A 191 9.70 -23.60 -11.10
C THR A 191 9.59 -25.08 -10.73
N THR A 192 8.75 -25.80 -11.45
CA THR A 192 8.57 -27.22 -11.24
C THR A 192 9.07 -27.99 -12.45
N PHE A 193 9.55 -29.21 -12.20
CA PHE A 193 10.15 -30.04 -13.24
C PHE A 193 9.49 -31.41 -13.19
N LEU A 194 8.82 -31.78 -14.27
CA LEU A 194 8.09 -33.05 -14.36
C LEU A 194 8.84 -34.02 -15.26
N ASP A 195 9.06 -35.23 -14.76
CA ASP A 195 9.61 -36.32 -15.57
C ASP A 195 8.46 -36.96 -16.34
N ASN A 196 8.40 -36.71 -17.64
CA ASN A 196 7.33 -37.25 -18.47
C ASN A 196 7.53 -38.72 -18.81
N GLY A 197 8.60 -39.35 -18.36
CA GLY A 197 8.84 -40.74 -18.64
C GLY A 197 10.31 -41.09 -18.80
N VAL A 200 13.91 -39.75 -22.54
CA VAL A 200 14.27 -39.18 -21.25
C VAL A 200 14.22 -37.65 -21.32
N ALA A 201 13.00 -37.12 -21.31
CA ALA A 201 12.78 -35.68 -21.41
C ALA A 201 12.15 -35.16 -20.13
N GLY A 202 11.87 -33.86 -20.12
CA GLY A 202 11.26 -33.21 -18.97
C GLY A 202 10.63 -31.91 -19.38
N HIS A 203 9.68 -31.46 -18.56
CA HIS A 203 8.91 -30.25 -18.83
C HIS A 203 9.10 -29.26 -17.70
N TYR A 204 9.59 -28.06 -18.02
CA TYR A 204 9.73 -26.98 -17.05
C TYR A 204 8.50 -26.09 -17.07
N THR A 205 8.08 -25.66 -15.89
CA THR A 205 6.95 -24.75 -15.77
C THR A 205 7.06 -24.00 -14.45
N VAL A 206 6.42 -22.82 -14.41
CA VAL A 206 6.52 -21.91 -13.27
C VAL A 206 5.15 -21.80 -12.61
N PHE A 207 5.15 -21.82 -11.28
CA PHE A 207 3.93 -21.71 -10.48
C PHE A 207 3.88 -20.33 -9.86
N ASP A 208 2.90 -19.52 -10.27
CA ASP A 208 2.71 -18.18 -9.72
C ASP A 208 1.93 -18.31 -8.41
N HIS A 209 2.57 -17.96 -7.29
CA HIS A 209 1.91 -18.10 -5.99
C HIS A 209 0.79 -17.07 -5.82
N ASP A 210 0.92 -15.90 -6.45
CA ASP A 210 -0.11 -14.87 -6.31
C ASP A 210 -1.42 -15.30 -6.96
N THR A 211 -1.39 -15.55 -8.28
CA THR A 211 -2.60 -15.97 -8.98
C THR A 211 -2.97 -17.41 -8.69
N GLY A 212 -2.09 -18.20 -8.07
CA GLY A 212 -2.39 -19.57 -7.79
C GLY A 212 -2.48 -20.46 -9.00
N MET A 213 -1.97 -20.01 -10.15
CA MET A 213 -1.98 -20.77 -11.39
C MET A 213 -0.55 -21.13 -11.77
N VAL A 214 -0.35 -21.54 -13.02
CA VAL A 214 0.94 -22.06 -13.47
C VAL A 214 1.24 -21.50 -14.86
N HIS A 215 2.45 -20.96 -15.02
CA HIS A 215 2.96 -20.56 -16.33
C HIS A 215 3.44 -21.79 -17.07
N ASP A 216 2.76 -22.16 -18.15
CA ASP A 216 3.14 -23.31 -18.98
C ASP A 216 3.27 -22.81 -20.42
N GLY A 217 4.49 -22.47 -20.81
CA GLY A 217 4.68 -21.94 -22.15
C GLY A 217 4.05 -20.56 -22.21
N ASP A 218 3.10 -20.38 -23.12
CA ASP A 218 2.39 -19.11 -23.29
C ASP A 218 0.97 -19.14 -22.74
N VAL A 219 0.58 -20.23 -22.06
CA VAL A 219 -0.76 -20.32 -21.49
C VAL A 219 -0.67 -20.27 -19.97
N PHE A 220 -1.81 -20.44 -19.29
CA PHE A 220 -1.92 -20.24 -17.84
C PHE A 220 -2.78 -21.39 -17.29
N VAL A 221 -2.15 -22.53 -17.07
CA VAL A 221 -2.86 -23.74 -16.65
C VAL A 221 -2.99 -23.77 -15.13
N PRO A 222 -3.96 -24.50 -14.57
CA PRO A 222 -4.03 -24.62 -13.12
C PRO A 222 -2.93 -25.50 -12.56
N GLY A 223 -2.69 -25.34 -11.26
CA GLY A 223 -1.66 -26.12 -10.60
C GLY A 223 -1.81 -26.05 -9.09
N ASP A 224 -1.16 -27.00 -8.42
CA ASP A 224 -1.17 -27.08 -6.97
C ASP A 224 0.28 -27.15 -6.49
N LEU A 225 0.66 -26.21 -5.62
CA LEU A 225 2.02 -26.20 -5.07
C LEU A 225 2.30 -27.42 -4.21
N ASN A 226 1.28 -28.03 -3.63
CA ASN A 226 1.47 -29.19 -2.76
C ASN A 226 1.99 -30.41 -3.52
N VAL A 227 1.73 -30.49 -4.82
CA VAL A 227 2.13 -31.64 -5.64
C VAL A 227 3.12 -31.24 -6.72
N SER A 228 3.69 -30.05 -6.65
CA SER A 228 4.61 -29.58 -7.68
C SER A 228 6.05 -29.90 -7.28
N PRO A 229 6.85 -30.52 -8.15
CA PRO A 229 8.25 -30.78 -7.84
C PRO A 229 9.13 -29.54 -8.04
N VAL A 230 9.32 -28.76 -6.98
CA VAL A 230 10.00 -27.48 -7.09
C VAL A 230 11.51 -27.69 -7.22
N THR A 231 12.14 -26.91 -8.10
CA THR A 231 13.59 -26.91 -8.26
C THR A 231 14.25 -25.61 -7.87
N ASN A 232 13.55 -24.48 -7.99
CA ASN A 232 14.04 -23.20 -7.50
C ASN A 232 12.86 -22.28 -7.28
N VAL A 233 13.04 -21.31 -6.38
CA VAL A 233 11.97 -20.40 -5.97
C VAL A 233 12.52 -18.99 -5.89
N VAL A 234 11.73 -18.03 -6.35
CA VAL A 234 12.05 -16.61 -6.20
C VAL A 234 11.56 -16.20 -4.81
N VAL A 235 12.45 -16.29 -3.83
CA VAL A 235 12.11 -15.97 -2.45
C VAL A 235 12.09 -14.45 -2.28
N SER A 236 11.11 -13.96 -1.52
CA SER A 236 10.99 -12.53 -1.26
C SER A 236 10.42 -12.35 0.14
N GLU A 237 10.45 -11.10 0.60
CA GLU A 237 9.94 -10.74 1.92
C GLU A 237 9.01 -9.54 1.83
N MET B 1 44.78 -34.49 0.75
CA MET B 1 43.62 -34.23 1.61
C MET B 1 42.39 -34.96 1.10
N GLN B 2 41.38 -35.10 1.97
CA GLN B 2 40.16 -35.81 1.65
C GLN B 2 38.97 -34.87 1.78
N ILE B 3 38.03 -34.96 0.83
CA ILE B 3 36.79 -34.21 0.85
C ILE B 3 35.64 -35.18 0.67
N PHE B 4 34.44 -34.73 1.07
CA PHE B 4 33.23 -35.53 1.00
C PHE B 4 32.30 -34.97 -0.07
N VAL B 5 31.61 -35.85 -0.78
CA VAL B 5 30.68 -35.48 -1.83
C VAL B 5 29.37 -36.21 -1.58
N LYS B 6 28.31 -35.46 -1.26
CA LYS B 6 26.99 -36.03 -1.10
C LYS B 6 26.39 -36.32 -2.48
N THR B 7 25.98 -37.57 -2.68
CA THR B 7 25.55 -38.03 -3.99
C THR B 7 24.03 -37.94 -4.11
N LEU B 8 23.49 -38.57 -5.16
CA LEU B 8 22.08 -38.40 -5.49
C LEU B 8 21.16 -39.16 -4.55
N THR B 9 21.60 -40.32 -4.05
CA THR B 9 20.73 -41.15 -3.21
C THR B 9 20.72 -40.69 -1.76
N GLY B 10 21.67 -39.86 -1.34
CA GLY B 10 21.80 -39.45 0.05
C GLY B 10 23.03 -39.98 0.73
N LYS B 11 23.71 -40.96 0.14
CA LYS B 11 24.97 -41.45 0.69
C LYS B 11 26.10 -40.48 0.37
N THR B 12 27.14 -40.53 1.21
CA THR B 12 28.27 -39.61 1.12
C THR B 12 29.53 -40.40 0.82
N ILE B 13 30.16 -40.13 -0.33
CA ILE B 13 31.42 -40.74 -0.69
C ILE B 13 32.54 -39.75 -0.42
N THR B 14 33.77 -40.27 -0.32
CA THR B 14 34.94 -39.47 -0.02
C THR B 14 35.90 -39.52 -1.21
N LEU B 15 36.50 -38.37 -1.52
CA LEU B 15 37.43 -38.25 -2.63
C LEU B 15 38.80 -37.81 -2.13
N GLU B 16 39.84 -38.28 -2.82
CA GLU B 16 41.23 -37.98 -2.47
C GLU B 16 41.76 -36.98 -3.49
N VAL B 17 41.79 -35.71 -3.12
CA VAL B 17 42.09 -34.62 -4.04
C VAL B 17 43.19 -33.74 -3.45
N GLU B 18 43.64 -32.78 -4.25
CA GLU B 18 44.63 -31.78 -3.87
C GLU B 18 44.06 -30.38 -4.04
N PRO B 19 44.52 -29.40 -3.26
CA PRO B 19 44.07 -28.02 -3.45
C PRO B 19 44.45 -27.45 -4.81
N SER B 20 45.42 -28.02 -5.50
CA SER B 20 45.79 -27.59 -6.84
C SER B 20 44.96 -28.26 -7.93
N ASP B 21 44.10 -29.20 -7.56
CA ASP B 21 43.24 -29.85 -8.54
C ASP B 21 42.14 -28.89 -9.02
N THR B 22 41.73 -29.07 -10.27
CA THR B 22 40.62 -28.31 -10.82
C THR B 22 39.31 -29.05 -10.56
N ILE B 23 38.20 -28.35 -10.82
CA ILE B 23 36.89 -28.96 -10.61
C ILE B 23 36.64 -30.08 -11.61
N GLU B 24 37.18 -29.96 -12.82
CA GLU B 24 37.06 -31.03 -13.80
C GLU B 24 37.71 -32.32 -13.31
N ASN B 25 38.79 -32.20 -12.54
CA ASN B 25 39.40 -33.39 -11.95
C ASN B 25 38.49 -34.01 -10.90
N VAL B 26 37.78 -33.18 -10.13
CA VAL B 26 36.85 -33.70 -9.14
C VAL B 26 35.67 -34.37 -9.82
N LYS B 27 35.20 -33.81 -10.94
CA LYS B 27 34.13 -34.44 -11.69
C LYS B 27 34.58 -35.76 -12.32
N ALA B 28 35.86 -35.86 -12.69
CA ALA B 28 36.37 -37.11 -13.22
C ALA B 28 36.45 -38.19 -12.14
N LYS B 29 36.74 -37.79 -10.90
CA LYS B 29 36.75 -38.75 -9.80
C LYS B 29 35.34 -39.21 -9.44
N ILE B 30 34.35 -38.34 -9.61
CA ILE B 30 32.96 -38.74 -9.36
C ILE B 30 32.48 -39.68 -10.45
N GLN B 31 32.91 -39.44 -11.69
CA GLN B 31 32.59 -40.38 -12.77
C GLN B 31 33.28 -41.72 -12.56
N ASP B 32 34.52 -41.69 -12.06
CA ASP B 32 35.28 -42.91 -11.83
C ASP B 32 34.76 -43.72 -10.65
N LYS B 33 33.87 -43.14 -9.83
CA LYS B 33 33.32 -43.84 -8.69
C LYS B 33 31.82 -44.06 -8.76
N GLU B 34 31.06 -43.13 -9.36
CA GLU B 34 29.62 -43.26 -9.47
C GLU B 34 29.13 -43.50 -10.89
N GLY B 35 30.00 -43.38 -11.89
CA GLY B 35 29.59 -43.64 -13.25
C GLY B 35 28.76 -42.56 -13.89
N ILE B 36 28.78 -41.35 -13.35
CA ILE B 36 28.01 -40.23 -13.88
C ILE B 36 28.95 -39.36 -14.71
N PRO B 37 28.66 -39.13 -15.98
CA PRO B 37 29.55 -38.29 -16.79
C PRO B 37 29.59 -36.88 -16.23
N PRO B 38 30.74 -36.20 -16.35
CA PRO B 38 30.82 -34.82 -15.86
C PRO B 38 29.88 -33.87 -16.57
N ASP B 39 29.38 -34.23 -17.76
CA ASP B 39 28.40 -33.40 -18.44
C ASP B 39 27.05 -33.38 -17.73
N GLN B 40 26.81 -34.33 -16.83
CA GLN B 40 25.59 -34.38 -16.04
C GLN B 40 25.82 -34.01 -14.58
N GLN B 41 26.98 -33.45 -14.26
CA GLN B 41 27.36 -33.16 -12.88
C GLN B 41 27.30 -31.67 -12.60
N ARG B 42 26.80 -31.33 -11.41
CA ARG B 42 26.81 -29.96 -10.90
C ARG B 42 27.25 -30.02 -9.45
N LEU B 43 28.35 -29.33 -9.13
CA LEU B 43 28.93 -29.34 -7.80
C LEU B 43 28.67 -28.00 -7.12
N ILE B 44 28.13 -28.07 -5.90
CA ILE B 44 27.79 -26.89 -5.11
C ILE B 44 28.58 -26.92 -3.82
N PHE B 45 29.25 -25.81 -3.49
CA PHE B 45 29.94 -25.66 -2.22
C PHE B 45 29.61 -24.30 -1.64
N ALA B 46 29.21 -24.28 -0.37
CA ALA B 46 28.84 -23.05 0.34
C ALA B 46 27.75 -22.29 -0.41
N GLY B 47 26.86 -23.03 -1.07
CA GLY B 47 25.76 -22.44 -1.79
C GLY B 47 26.11 -21.84 -3.13
N LYS B 48 27.32 -22.06 -3.63
CA LYS B 48 27.76 -21.50 -4.89
C LYS B 48 28.04 -22.62 -5.89
N GLN B 49 27.72 -22.36 -7.15
CA GLN B 49 28.00 -23.31 -8.22
C GLN B 49 29.46 -23.23 -8.63
N LEU B 50 30.14 -24.39 -8.63
CA LEU B 50 31.57 -24.42 -8.91
C LEU B 50 31.82 -24.38 -10.42
N GLU B 51 32.70 -23.48 -10.83
CA GLU B 51 33.09 -23.39 -12.23
C GLU B 51 34.10 -24.48 -12.57
N ASP B 52 34.03 -24.97 -13.82
CA ASP B 52 34.88 -26.07 -14.23
C ASP B 52 36.36 -25.67 -14.30
N GLY B 53 36.64 -24.44 -14.72
CA GLY B 53 38.00 -23.99 -14.96
C GLY B 53 38.81 -23.59 -13.75
N ARG B 54 38.21 -23.55 -12.56
CA ARG B 54 38.91 -23.09 -11.36
C ARG B 54 39.38 -24.28 -10.53
N THR B 55 40.18 -23.97 -9.51
CA THR B 55 40.73 -24.97 -8.60
C THR B 55 40.03 -24.92 -7.25
N LEU B 56 40.20 -25.99 -6.47
CA LEU B 56 39.60 -26.04 -5.15
C LEU B 56 40.12 -24.92 -4.25
N SER B 57 41.38 -24.50 -4.44
CA SER B 57 41.92 -23.41 -3.65
C SER B 57 41.25 -22.09 -3.99
N ASP B 58 40.72 -21.95 -5.20
CA ASP B 58 40.01 -20.72 -5.57
C ASP B 58 38.70 -20.58 -4.81
N TYR B 59 38.06 -21.70 -4.47
CA TYR B 59 36.83 -21.69 -3.69
C TYR B 59 37.08 -21.86 -2.20
N ASN B 60 38.34 -21.82 -1.76
CA ASN B 60 38.72 -21.95 -0.36
C ASN B 60 38.19 -23.25 0.24
N ILE B 61 38.27 -24.33 -0.54
CA ILE B 61 37.82 -25.64 -0.09
C ILE B 61 38.93 -26.25 0.77
N GLN B 62 38.71 -26.29 2.08
CA GLN B 62 39.73 -26.73 3.03
C GLN B 62 39.77 -28.25 3.10
N LYS B 63 40.53 -28.76 4.07
CA LYS B 63 40.54 -30.19 4.34
C LYS B 63 39.23 -30.63 4.99
N GLU B 64 38.71 -31.77 4.55
CA GLU B 64 37.46 -32.33 5.04
C GLU B 64 36.28 -31.36 4.80
N SER B 65 36.16 -30.93 3.55
CA SER B 65 35.03 -30.12 3.11
C SER B 65 33.99 -31.00 2.43
N THR B 66 32.79 -30.47 2.29
CA THR B 66 31.65 -31.21 1.75
C THR B 66 31.11 -30.50 0.52
N LEU B 67 31.02 -31.25 -0.58
CA LEU B 67 30.40 -30.79 -1.81
C LEU B 67 29.10 -31.54 -2.05
N HIS B 68 28.19 -30.93 -2.78
CA HIS B 68 26.90 -31.52 -3.09
C HIS B 68 26.81 -31.79 -4.59
N LEU B 69 26.44 -33.01 -4.95
CA LEU B 69 26.23 -33.40 -6.34
C LEU B 69 24.75 -33.39 -6.66
N VAL B 70 24.40 -32.77 -7.78
CA VAL B 70 23.02 -32.73 -8.26
C VAL B 70 23.04 -32.99 -9.76
N LEU B 71 22.19 -33.91 -10.21
CA LEU B 71 22.15 -34.27 -11.62
C LEU B 71 21.55 -33.14 -12.45
N ARG B 72 22.16 -32.88 -13.60
CA ARG B 72 21.62 -31.90 -14.53
C ARG B 72 20.32 -32.42 -15.13
N LEU B 73 19.26 -31.62 -15.05
CA LEU B 73 17.97 -31.98 -15.62
C LEU B 73 17.93 -31.59 -17.09
N ARG B 74 17.16 -32.37 -17.86
CA ARG B 74 16.97 -32.12 -19.29
C ARG B 74 15.52 -31.70 -19.50
N GLY B 75 15.30 -30.39 -19.56
CA GLY B 75 13.97 -29.86 -19.79
C GLY B 75 13.80 -29.30 -21.19
N HIS C 3 -19.89 -13.22 38.52
CA HIS C 3 -20.37 -12.63 37.27
C HIS C 3 -19.42 -11.54 36.77
N MET C 4 -19.19 -10.53 37.61
CA MET C 4 -18.33 -9.42 37.23
C MET C 4 -16.92 -9.90 36.91
N ASP C 5 -16.43 -10.92 37.62
CA ASP C 5 -15.09 -11.43 37.36
C ASP C 5 -14.99 -12.07 35.98
N SER C 6 -16.09 -12.59 35.45
CA SER C 6 -16.10 -13.13 34.10
C SER C 6 -16.62 -12.15 33.06
N HIS C 7 -17.46 -11.19 33.48
CA HIS C 7 -17.93 -10.18 32.54
C HIS C 7 -16.82 -9.20 32.18
N TYR C 8 -16.05 -8.76 33.18
CA TYR C 8 -14.97 -7.81 32.95
C TYR C 8 -13.59 -8.47 32.89
N GLY C 9 -13.49 -9.74 33.26
CA GLY C 9 -12.26 -10.50 33.01
C GLY C 9 -11.08 -10.18 33.91
N PHE C 10 -11.33 -9.86 35.18
CA PHE C 10 -10.24 -9.73 36.15
C PHE C 10 -10.82 -9.89 37.55
N ASP C 11 -10.01 -10.46 38.43
CA ASP C 11 -10.45 -10.75 39.79
C ASP C 11 -10.71 -9.47 40.57
N LYS C 12 -11.60 -9.58 41.56
CA LYS C 12 -12.06 -8.43 42.34
C LYS C 12 -12.68 -7.36 41.45
N ALA C 13 -13.45 -7.81 40.45
CA ALA C 13 -14.08 -6.87 39.53
C ALA C 13 -15.22 -6.11 40.21
N GLY C 14 -15.96 -6.79 41.09
CA GLY C 14 -17.03 -6.12 41.81
C GLY C 14 -16.53 -5.04 42.75
N GLU C 15 -15.34 -5.23 43.31
CA GLU C 15 -14.78 -4.23 44.22
C GLU C 15 -14.39 -2.96 43.47
N PHE C 16 -13.75 -3.11 42.31
CA PHE C 16 -13.23 -1.95 41.58
C PHE C 16 -14.35 -1.10 41.01
N HIS C 17 -15.38 -1.73 40.43
CA HIS C 17 -16.45 -0.98 39.76
C HIS C 17 -17.31 -0.19 40.73
N MET C 18 -17.23 -0.48 42.04
CA MET C 18 -17.96 0.29 43.04
C MET C 18 -17.17 1.49 43.53
N LEU C 19 -15.93 1.67 43.08
CA LEU C 19 -15.10 2.77 43.52
C LEU C 19 -15.40 4.03 42.71
N ASP C 20 -14.87 5.15 43.19
CA ASP C 20 -15.07 6.45 42.56
C ASP C 20 -13.87 6.74 41.66
N HIS C 21 -14.08 6.62 40.34
CA HIS C 21 -13.02 6.86 39.37
C HIS C 21 -12.85 8.33 39.02
N THR C 22 -13.71 9.21 39.53
CA THR C 22 -13.69 10.62 39.12
C THR C 22 -12.39 11.32 39.48
N GLY C 23 -11.65 10.80 40.46
CA GLY C 23 -10.36 11.39 40.78
C GLY C 23 -9.29 11.18 39.73
N PHE C 24 -9.52 10.29 38.77
CA PHE C 24 -8.53 9.95 37.75
C PHE C 24 -8.91 10.45 36.38
N ALA C 25 -9.85 11.40 36.30
CA ALA C 25 -10.26 11.99 35.02
C ALA C 25 -9.26 13.10 34.64
N PHE C 26 -8.08 12.65 34.23
CA PHE C 26 -7.04 13.58 33.81
C PHE C 26 -7.44 14.27 32.51
N PRO C 27 -6.97 15.50 32.30
CA PRO C 27 -7.22 16.16 31.01
C PRO C 27 -6.51 15.43 29.88
N SER C 28 -7.27 15.06 28.85
CA SER C 28 -6.77 14.27 27.75
C SER C 28 -6.91 15.03 26.44
N GLU C 29 -6.03 14.69 25.50
CA GLU C 29 -6.06 15.25 24.15
C GLU C 29 -5.71 14.16 23.16
N VAL C 30 -5.93 14.44 21.87
CA VAL C 30 -5.58 13.53 20.79
C VAL C 30 -4.46 14.18 19.98
N VAL C 31 -3.34 13.47 19.85
CA VAL C 31 -2.17 13.96 19.13
C VAL C 31 -1.76 12.88 18.13
N ASN C 32 -1.82 13.21 16.84
CA ASN C 32 -1.52 12.27 15.76
C ASN C 32 -2.38 11.01 15.88
N GLY C 33 -3.65 11.21 16.21
CA GLY C 33 -4.59 10.12 16.38
C GLY C 33 -4.49 9.37 17.69
N ARG C 34 -3.39 9.52 18.42
CA ARG C 34 -3.19 8.80 19.68
C ARG C 34 -3.78 9.61 20.83
N ARG C 35 -4.37 8.89 21.79
CA ARG C 35 -4.93 9.52 22.98
C ARG C 35 -3.83 9.71 24.02
N VAL C 36 -3.59 10.97 24.40
CA VAL C 36 -2.54 11.30 25.35
C VAL C 36 -3.15 12.05 26.52
N LEU C 37 -2.39 12.10 27.61
CA LEU C 37 -2.81 12.76 28.85
C LEU C 37 -1.87 13.93 29.15
N LYS C 38 -2.45 15.06 29.55
CA LYS C 38 -1.64 16.21 29.94
C LYS C 38 -0.83 15.88 31.19
N THR C 39 0.44 16.26 31.18
CA THR C 39 1.36 15.91 32.26
C THR C 39 0.96 16.62 33.55
N THR C 40 0.52 15.83 34.53
CA THR C 40 0.15 16.33 35.85
C THR C 40 0.00 15.15 36.80
N ASP C 41 0.31 15.38 38.07
CA ASP C 41 0.20 14.36 39.12
C ASP C 41 1.09 13.15 38.85
N ASN C 42 2.22 13.37 38.17
CA ASN C 42 3.17 12.31 37.85
C ASN C 42 2.48 11.15 37.13
N ASN C 43 1.59 11.47 36.20
CA ASN C 43 0.84 10.47 35.47
C ASN C 43 1.49 10.05 34.17
N CYS C 44 2.66 10.60 33.83
CA CYS C 44 3.28 10.29 32.55
C CYS C 44 3.74 8.84 32.43
N TRP C 45 3.78 8.09 33.53
CA TRP C 45 3.99 6.66 33.41
C TRP C 45 2.73 5.97 32.91
N VAL C 46 1.56 6.56 33.15
CA VAL C 46 0.32 6.06 32.56
C VAL C 46 0.23 6.50 31.11
N ASN C 47 0.68 7.71 30.80
CA ASN C 47 0.59 8.23 29.44
C ASN C 47 1.40 7.39 28.47
N VAL C 48 2.61 7.00 28.86
CA VAL C 48 3.44 6.19 27.97
C VAL C 48 3.00 4.73 27.98
N THR C 49 2.37 4.28 29.07
CA THR C 49 1.87 2.91 29.11
C THR C 49 0.69 2.73 28.16
N CYS C 50 -0.26 3.68 28.19
CA CYS C 50 -1.41 3.59 27.30
C CYS C 50 -1.05 3.93 25.87
N LEU C 51 -0.02 4.76 25.66
CA LEU C 51 0.43 5.05 24.30
C LEU C 51 0.96 3.80 23.62
N GLN C 52 1.81 3.04 24.32
CA GLN C 52 2.37 1.83 23.74
C GLN C 52 1.29 0.80 23.42
N LEU C 53 0.22 0.77 24.21
CA LEU C 53 -0.91 -0.09 23.87
C LEU C 53 -1.56 0.36 22.57
N GLN C 54 -1.56 1.67 22.30
CA GLN C 54 -2.13 2.18 21.06
C GLN C 54 -1.21 1.92 19.87
N PHE C 55 0.10 2.07 20.06
CA PHE C 55 1.05 1.79 18.99
C PHE C 55 1.05 0.31 18.61
N ALA C 56 0.71 -0.57 19.55
CA ALA C 56 0.65 -2.00 19.28
C ALA C 56 -0.71 -2.45 18.79
N ARG C 57 -1.71 -1.56 18.78
CA ARG C 57 -3.08 -1.90 18.37
C ARG C 57 -3.62 -3.06 19.19
N PHE C 58 -3.34 -3.05 20.49
CA PHE C 58 -3.73 -4.14 21.36
C PHE C 58 -5.20 -4.03 21.76
N ARG C 59 -5.82 -5.18 21.98
CA ARG C 59 -7.16 -5.27 22.52
C ARG C 59 -7.14 -6.25 23.69
N PHE C 60 -8.05 -6.04 24.63
CA PHE C 60 -8.10 -6.88 25.83
C PHE C 60 -8.97 -8.12 25.59
N LYS C 61 -8.75 -9.14 26.42
CA LYS C 61 -9.40 -10.43 26.21
C LYS C 61 -10.90 -10.33 26.44
N SER C 62 -11.30 -9.99 27.66
CA SER C 62 -12.72 -9.90 27.98
C SER C 62 -13.33 -8.66 27.34
N ALA C 63 -14.61 -8.78 26.94
CA ALA C 63 -15.30 -7.66 26.33
C ALA C 63 -15.51 -6.53 27.32
N GLY C 64 -15.56 -6.83 28.62
CA GLY C 64 -15.73 -5.79 29.61
C GLY C 64 -14.50 -4.89 29.73
N LEU C 65 -13.31 -5.49 29.77
CA LEU C 65 -12.10 -4.69 29.84
C LEU C 65 -11.87 -3.89 28.56
N GLN C 66 -12.27 -4.44 27.41
CA GLN C 66 -12.09 -3.70 26.15
C GLN C 66 -12.96 -2.46 26.12
N ALA C 67 -14.14 -2.49 26.75
CA ALA C 67 -15.00 -1.32 26.80
C ALA C 67 -14.31 -0.19 27.56
N MET C 68 -13.62 -0.52 28.65
CA MET C 68 -12.88 0.50 29.39
C MET C 68 -11.74 1.06 28.56
N TRP C 69 -11.02 0.20 27.84
CA TRP C 69 -9.88 0.65 27.05
C TRP C 69 -10.34 1.51 25.87
N GLU C 70 -11.42 1.11 25.19
CA GLU C 70 -11.93 1.92 24.10
C GLU C 70 -12.46 3.25 24.61
N SER C 71 -13.06 3.26 25.80
CA SER C 71 -13.51 4.52 26.39
C SER C 71 -12.34 5.43 26.71
N TYR C 72 -11.17 4.85 27.00
CA TYR C 72 -9.97 5.67 27.20
C TYR C 72 -9.58 6.38 25.91
N CYS C 73 -9.56 5.66 24.79
CA CYS C 73 -9.15 6.24 23.53
C CYS C 73 -10.15 7.26 22.99
N THR C 74 -11.39 7.21 23.46
CA THR C 74 -12.43 8.12 22.98
C THR C 74 -12.59 9.35 23.88
N GLY C 75 -11.86 9.45 24.99
CA GLY C 75 -11.87 10.60 25.86
C GLY C 75 -12.21 10.28 27.30
N ASP C 76 -13.03 9.25 27.53
CA ASP C 76 -13.43 8.86 28.88
C ASP C 76 -12.30 8.05 29.51
N VAL C 77 -11.33 8.77 30.06
CA VAL C 77 -10.13 8.14 30.61
C VAL C 77 -10.22 7.86 32.11
N ALA C 78 -11.29 8.31 32.77
CA ALA C 78 -11.32 8.25 34.22
C ALA C 78 -11.29 6.82 34.74
N MET C 79 -12.04 5.92 34.10
CA MET C 79 -12.18 4.56 34.63
C MET C 79 -10.92 3.73 34.40
N PHE C 80 -10.39 3.77 33.18
CA PHE C 80 -9.24 2.91 32.85
C PHE C 80 -7.99 3.36 33.59
N VAL C 81 -7.81 4.67 33.78
CA VAL C 81 -6.65 5.16 34.51
C VAL C 81 -6.68 4.69 35.96
N HIS C 82 -7.86 4.71 36.58
CA HIS C 82 -7.98 4.20 37.94
C HIS C 82 -7.65 2.71 37.98
N TRP C 83 -8.08 1.95 36.97
CA TRP C 83 -7.81 0.53 36.95
C TRP C 83 -6.32 0.23 36.88
N LEU C 84 -5.54 1.13 36.26
CA LEU C 84 -4.08 0.96 36.24
C LEU C 84 -3.50 1.19 37.63
N TYR C 85 -3.95 2.25 38.32
CA TYR C 85 -3.51 2.48 39.69
C TYR C 85 -3.99 1.36 40.61
N TRP C 86 -5.19 0.83 40.36
CA TRP C 86 -5.76 -0.21 41.21
C TRP C 86 -5.13 -1.58 40.94
N LEU C 87 -4.68 -1.82 39.70
CA LEU C 87 -4.05 -3.10 39.37
C LEU C 87 -2.60 -3.13 39.84
N THR C 88 -1.83 -2.09 39.53
CA THR C 88 -0.42 -2.06 39.86
C THR C 88 -0.15 -1.73 41.33
N GLY C 89 -1.18 -1.40 42.11
CA GLY C 89 -0.98 -1.05 43.49
C GLY C 89 -0.29 0.27 43.71
N VAL C 90 -0.55 1.25 42.85
CA VAL C 90 0.05 2.58 42.96
C VAL C 90 -1.03 3.56 43.42
N ASP C 91 -0.65 4.45 44.33
CA ASP C 91 -1.55 5.50 44.80
C ASP C 91 -1.51 6.69 43.85
N LYS C 92 -2.63 7.40 43.77
CA LYS C 92 -2.72 8.53 42.86
C LYS C 92 -1.72 9.62 43.23
N GLY C 93 -1.02 10.15 42.22
CA GLY C 93 -0.05 11.19 42.43
C GLY C 93 1.38 10.72 42.60
N GLN C 94 1.60 9.41 42.74
CA GLN C 94 2.94 8.87 42.94
C GLN C 94 3.54 8.41 41.62
N PRO C 95 4.86 8.53 41.48
CA PRO C 95 5.53 7.98 40.30
C PRO C 95 5.56 6.47 40.35
N SER C 96 5.72 5.86 39.18
CA SER C 96 5.70 4.40 39.07
C SER C 96 6.56 3.98 37.89
N ASP C 97 6.55 2.67 37.61
CA ASP C 97 7.32 2.07 36.54
C ASP C 97 6.36 1.67 35.42
N SER C 98 6.58 2.22 34.23
CA SER C 98 5.74 1.88 33.09
C SER C 98 6.01 0.48 32.56
N GLU C 99 7.26 0.03 32.66
CA GLU C 99 7.59 -1.33 32.23
C GLU C 99 7.00 -2.37 33.17
N ASN C 100 6.84 -2.02 34.45
CA ASN C 100 6.17 -2.92 35.39
C ASN C 100 4.69 -3.05 35.05
N ALA C 101 4.03 -1.94 34.73
CA ALA C 101 2.60 -1.97 34.43
C ALA C 101 2.31 -2.79 33.17
N LEU C 102 3.16 -2.66 32.15
CA LEU C 102 2.95 -3.40 30.92
C LEU C 102 3.05 -4.91 31.16
N ASN C 103 3.95 -5.33 32.04
CA ASN C 103 4.06 -6.75 32.37
C ASN C 103 2.83 -7.23 33.12
N MET C 104 2.32 -6.42 34.06
CA MET C 104 1.09 -6.79 34.76
C MET C 104 -0.11 -6.78 33.83
N LEU C 105 -0.07 -5.96 32.77
CA LEU C 105 -1.16 -5.91 31.80
C LEU C 105 -1.09 -7.02 30.77
N SER C 106 0.02 -7.77 30.71
CA SER C 106 0.23 -8.69 29.60
C SER C 106 -0.81 -9.80 29.57
N LYS C 107 -1.16 -10.36 30.73
CA LYS C 107 -2.05 -11.52 30.76
C LYS C 107 -3.50 -11.16 30.43
N TYR C 108 -3.85 -9.87 30.40
CA TYR C 108 -5.21 -9.46 30.05
C TYR C 108 -5.35 -9.06 28.60
N ILE C 109 -4.24 -8.97 27.85
CA ILE C 109 -4.25 -8.50 26.47
C ILE C 109 -4.20 -9.69 25.53
N VAL C 110 -4.95 -9.62 24.44
CA VAL C 110 -4.92 -10.65 23.41
C VAL C 110 -3.58 -10.58 22.68
N PRO C 111 -2.80 -11.66 22.65
CA PRO C 111 -1.57 -11.66 21.87
C PRO C 111 -1.85 -11.38 20.39
N ALA C 112 -1.09 -10.43 19.83
CA ALA C 112 -1.25 -10.05 18.43
C ALA C 112 0.08 -10.08 17.69
N GLY C 113 1.04 -10.87 18.16
CA GLY C 113 2.33 -10.93 17.51
C GLY C 113 3.06 -12.21 17.87
N SER C 114 4.33 -12.24 17.46
CA SER C 114 5.18 -13.42 17.69
C SER C 114 6.64 -12.96 17.64
N VAL C 115 7.48 -13.64 18.41
CA VAL C 115 8.89 -13.30 18.54
C VAL C 115 9.71 -14.57 18.66
N THR C 116 10.81 -14.64 17.91
CA THR C 116 11.74 -15.76 17.97
C THR C 116 12.98 -15.33 18.74
N ILE C 117 13.25 -16.00 19.86
CA ILE C 117 14.39 -15.70 20.71
C ILE C 117 15.45 -16.76 20.47
N GLU C 118 16.59 -16.35 19.90
CA GLU C 118 17.71 -17.24 19.70
C GLU C 118 18.63 -17.20 20.92
N ARG C 119 19.06 -18.38 21.36
CA ARG C 119 19.91 -18.52 22.55
C ARG C 119 21.21 -19.20 22.11
N VAL C 120 22.27 -18.40 21.97
CA VAL C 120 23.56 -18.88 21.53
C VAL C 120 24.64 -18.15 22.32
N THR C 121 25.89 -18.54 22.11
CA THR C 121 27.03 -17.97 22.83
C THR C 121 28.00 -17.31 21.86
N HIS C 122 29.05 -16.73 22.42
CA HIS C 122 30.11 -16.13 21.63
C HIS C 122 30.92 -17.17 20.85
N ASP C 123 30.71 -18.45 21.12
CA ASP C 123 31.43 -19.52 20.45
C ASP C 123 30.56 -20.37 19.53
N GLY C 124 29.24 -20.31 19.68
CA GLY C 124 28.37 -21.21 18.96
C GLY C 124 28.35 -22.62 19.49
N CYS C 125 28.80 -22.83 20.73
CA CYS C 125 28.88 -24.17 21.29
C CYS C 125 27.51 -24.73 21.66
N CYS C 126 26.52 -23.87 21.86
CA CYS C 126 25.17 -24.32 22.19
C CYS C 126 24.18 -23.32 21.61
N CYS C 127 23.17 -23.81 20.90
CA CYS C 127 22.20 -22.95 20.24
C CYS C 127 20.80 -23.52 20.42
N SER C 128 19.83 -22.62 20.49
CA SER C 128 18.43 -23.00 20.63
C SER C 128 17.55 -21.83 20.20
N LYS C 129 16.45 -22.14 19.53
CA LYS C 129 15.48 -21.15 19.10
C LYS C 129 14.10 -21.53 19.62
N ARG C 130 13.31 -20.52 19.99
CA ARG C 130 11.95 -20.73 20.44
C ARG C 130 11.09 -19.57 19.95
N VAL C 131 9.80 -19.86 19.75
CA VAL C 131 8.85 -18.88 19.23
C VAL C 131 7.93 -18.49 20.37
N VAL C 132 8.15 -17.30 20.91
CA VAL C 132 7.34 -16.77 22.02
C VAL C 132 6.18 -15.97 21.44
N THR C 133 5.01 -16.12 22.06
CA THR C 133 3.80 -15.42 21.64
C THR C 133 3.13 -14.87 22.90
N ALA C 134 3.47 -13.64 23.26
CA ALA C 134 2.89 -12.96 24.41
C ALA C 134 2.82 -11.47 24.08
N PRO C 135 1.82 -10.76 24.60
CA PRO C 135 1.74 -9.32 24.32
C PRO C 135 2.96 -8.55 24.80
N VAL C 136 3.50 -8.91 25.95
CA VAL C 136 4.70 -8.27 26.50
C VAL C 136 5.73 -9.34 26.78
N VAL C 137 6.89 -9.25 26.13
CA VAL C 137 8.00 -10.17 26.31
C VAL C 137 9.21 -9.37 26.76
N ASN C 138 9.88 -9.86 27.80
CA ASN C 138 11.07 -9.19 28.32
C ASN C 138 12.31 -9.75 27.63
N ALA C 139 12.99 -8.90 26.88
CA ALA C 139 14.23 -9.27 26.19
C ALA C 139 15.03 -8.00 25.96
N SER C 140 16.17 -8.14 25.30
CA SER C 140 17.02 -6.99 25.01
C SER C 140 16.43 -6.20 23.85
N VAL C 141 16.18 -4.91 24.08
CA VAL C 141 15.67 -4.05 23.01
C VAL C 141 16.72 -3.77 21.94
N LEU C 142 17.96 -4.16 22.17
CA LEU C 142 19.03 -4.05 21.19
C LEU C 142 19.20 -5.38 20.45
N LYS C 143 19.68 -5.30 19.21
CA LYS C 143 20.00 -6.51 18.47
C LYS C 143 21.16 -7.27 19.09
N LEU C 144 21.93 -6.63 19.96
CA LEU C 144 23.10 -7.28 20.56
C LEU C 144 22.69 -8.41 21.48
N GLY C 145 21.79 -8.15 22.42
CA GLY C 145 21.29 -9.16 23.32
C GLY C 145 21.79 -8.94 24.74
N VAL C 146 21.48 -9.92 25.60
CA VAL C 146 21.87 -9.91 27.00
C VAL C 146 22.32 -11.32 27.40
N GLU C 147 23.22 -11.37 28.37
CA GLU C 147 23.67 -12.65 28.90
C GLU C 147 22.57 -13.30 29.74
N ASP C 148 22.53 -14.63 29.72
CA ASP C 148 21.44 -15.36 30.34
C ASP C 148 21.94 -16.68 30.93
N GLY C 149 23.11 -16.67 31.57
CA GLY C 149 23.62 -17.84 32.24
C GLY C 149 24.70 -18.55 31.46
N LEU C 150 25.14 -19.68 32.00
CA LEU C 150 26.26 -20.44 31.48
C LEU C 150 25.80 -21.66 30.70
N CYS C 151 26.72 -22.18 29.87
CA CYS C 151 26.57 -23.36 29.04
C CYS C 151 27.13 -24.61 29.71
N PRO C 152 26.79 -25.80 29.18
CA PRO C 152 27.46 -27.02 29.62
C PRO C 152 28.96 -27.02 29.35
N HIS C 153 29.46 -25.99 28.65
CA HIS C 153 30.89 -25.82 28.43
C HIS C 153 31.45 -24.62 29.20
N GLY C 154 30.63 -23.93 29.97
CA GLY C 154 31.12 -22.81 30.76
C GLY C 154 31.21 -21.50 30.01
N LEU C 155 30.27 -21.22 29.12
CA LEU C 155 30.24 -19.98 28.36
C LEU C 155 28.88 -19.32 28.49
N ASN C 156 28.87 -17.99 28.41
CA ASN C 156 27.66 -17.22 28.63
C ASN C 156 26.73 -17.30 27.43
N TYR C 157 25.47 -17.67 27.69
CA TYR C 157 24.43 -17.56 26.67
C TYR C 157 24.17 -16.09 26.35
N ILE C 158 23.62 -15.85 25.16
CA ILE C 158 23.13 -14.54 24.78
C ILE C 158 21.73 -14.71 24.21
N ASP C 159 20.86 -13.73 24.47
CA ASP C 159 19.45 -13.80 24.06
C ASP C 159 19.11 -12.55 23.27
N LYS C 160 18.82 -12.72 21.99
CA LYS C 160 18.44 -11.63 21.11
C LYS C 160 17.19 -12.01 20.32
N VAL C 161 16.47 -10.99 19.86
CA VAL C 161 15.28 -11.19 19.05
C VAL C 161 15.69 -11.17 17.58
N VAL C 162 15.52 -12.30 16.91
CA VAL C 162 16.00 -12.44 15.54
C VAL C 162 14.87 -12.40 14.51
N VAL C 163 13.69 -12.91 14.84
CA VAL C 163 12.56 -12.94 13.92
C VAL C 163 11.35 -12.37 14.63
N VAL C 164 10.63 -11.46 13.96
CA VAL C 164 9.45 -10.80 14.51
C VAL C 164 8.29 -11.00 13.55
N LYS C 165 7.17 -11.49 14.06
CA LYS C 165 5.93 -11.59 13.32
C LYS C 165 4.84 -10.89 14.11
N GLY C 166 3.94 -10.19 13.40
CA GLY C 166 2.92 -9.44 14.08
C GLY C 166 3.52 -8.24 14.82
N THR C 167 2.86 -7.86 15.92
CA THR C 167 3.29 -6.73 16.73
C THR C 167 3.28 -7.14 18.20
N THR C 168 4.28 -6.67 18.94
CA THR C 168 4.40 -6.99 20.36
C THR C 168 5.33 -5.97 21.01
N ILE C 169 5.25 -5.90 22.33
CA ILE C 169 6.06 -4.97 23.12
C ILE C 169 7.22 -5.75 23.74
N VAL C 170 8.43 -5.25 23.55
CA VAL C 170 9.64 -5.87 24.11
C VAL C 170 10.19 -4.93 25.16
N VAL C 171 10.08 -5.33 26.42
CA VAL C 171 10.60 -4.55 27.55
C VAL C 171 12.05 -4.94 27.79
N ASN C 172 12.93 -3.95 27.89
CA ASN C 172 14.34 -4.22 28.08
C ASN C 172 14.61 -4.82 29.46
N VAL C 173 15.62 -5.68 29.52
CA VAL C 173 16.06 -6.27 30.77
C VAL C 173 17.31 -5.54 31.27
N GLY C 174 17.12 -4.41 31.92
CA GLY C 174 18.22 -3.64 32.45
C GLY C 174 17.88 -2.17 32.46
N LYS C 175 18.92 -1.36 32.66
CA LYS C 175 18.76 0.08 32.69
C LYS C 175 18.26 0.61 31.35
N PRO C 176 17.67 1.81 31.35
CA PRO C 176 17.42 2.49 30.07
C PRO C 176 18.70 2.60 29.25
N VAL C 177 18.63 2.20 27.99
CA VAL C 177 19.81 2.01 27.16
C VAL C 177 19.85 3.11 26.10
N VAL C 178 21.03 3.71 25.93
CA VAL C 178 21.31 4.65 24.85
C VAL C 178 22.20 3.94 23.84
N ALA C 179 21.84 4.01 22.56
CA ALA C 179 22.55 3.30 21.52
C ALA C 179 22.25 3.97 20.18
N PRO C 180 23.07 3.71 19.16
CA PRO C 180 22.73 4.20 17.82
C PRO C 180 21.38 3.66 17.36
N SER C 181 20.70 4.45 16.53
CA SER C 181 19.33 4.12 16.13
C SER C 181 19.26 2.79 15.38
N HIS C 182 20.27 2.47 14.59
CA HIS C 182 20.25 1.24 13.80
C HIS C 182 20.58 -0.01 14.62
N LEU C 183 20.85 0.14 15.92
CA LEU C 183 21.09 -1.02 16.79
C LEU C 183 19.85 -1.50 17.51
N PHE C 184 18.88 -0.63 17.73
CA PHE C 184 17.62 -1.07 18.33
C PHE C 184 16.86 -1.99 17.36
N LEU C 185 15.91 -2.74 17.91
CA LEU C 185 15.05 -3.56 17.09
C LEU C 185 14.12 -2.69 16.25
N LYS C 186 13.78 -3.19 15.07
CA LYS C 186 12.89 -2.45 14.16
C LYS C 186 11.51 -2.33 14.80
N GLY C 187 11.20 -1.16 15.35
CA GLY C 187 9.94 -0.93 16.02
C GLY C 187 9.30 0.38 15.58
N VAL C 188 8.04 0.54 15.98
CA VAL C 188 7.27 1.72 15.60
C VAL C 188 7.26 2.80 16.68
N SER C 189 7.56 2.45 17.93
CA SER C 189 7.59 3.42 19.02
C SER C 189 8.52 2.93 20.10
N TYR C 190 9.18 3.88 20.77
CA TYR C 190 10.19 3.59 21.78
C TYR C 190 9.90 4.41 23.02
N THR C 191 9.62 3.73 24.13
CA THR C 191 9.42 4.42 25.40
C THR C 191 10.77 4.85 25.96
N THR C 192 10.87 6.12 26.34
CA THR C 192 12.12 6.70 26.84
C THR C 192 11.91 7.19 28.26
N PHE C 193 12.91 6.94 29.12
CA PHE C 193 12.89 7.34 30.51
C PHE C 193 14.11 8.18 30.81
N LEU C 194 13.91 9.44 31.14
CA LEU C 194 14.99 10.37 31.47
C LEU C 194 15.12 10.51 32.98
N ASP C 195 16.34 10.48 33.47
CA ASP C 195 16.62 10.62 34.89
C ASP C 195 17.15 12.03 35.16
N ASN C 196 16.48 12.74 36.08
CA ASN C 196 16.91 14.07 36.50
C ASN C 196 17.34 14.07 37.96
N GLY C 197 17.96 12.98 38.42
CA GLY C 197 18.41 12.87 39.79
C GLY C 197 17.52 11.99 40.65
N VAL C 200 15.15 11.27 42.86
CA VAL C 200 13.92 12.01 42.63
C VAL C 200 13.27 11.50 41.35
N ALA C 201 12.03 11.94 41.09
CA ALA C 201 11.23 11.39 40.01
C ALA C 201 11.82 11.74 38.65
N GLY C 202 11.67 10.80 37.71
CA GLY C 202 12.11 10.97 36.34
C GLY C 202 10.96 11.32 35.41
N HIS C 203 11.21 11.17 34.12
CA HIS C 203 10.24 11.54 33.09
C HIS C 203 10.17 10.46 32.03
N TYR C 204 8.95 10.18 31.57
CA TYR C 204 8.68 9.19 30.54
C TYR C 204 8.20 9.88 29.27
N THR C 205 8.71 9.43 28.11
CA THR C 205 8.25 9.90 26.82
C THR C 205 8.24 8.74 25.85
N VAL C 206 7.54 8.94 24.72
CA VAL C 206 7.43 7.93 23.67
C VAL C 206 7.87 8.56 22.36
N PHE C 207 8.78 7.88 21.65
CA PHE C 207 9.31 8.36 20.38
C PHE C 207 8.60 7.65 19.24
N ASP C 208 7.87 8.40 18.42
CA ASP C 208 7.18 7.83 17.26
C ASP C 208 8.16 7.69 16.10
N HIS C 209 8.23 6.49 15.53
CA HIS C 209 9.19 6.23 14.47
C HIS C 209 8.74 6.81 13.13
N ASP C 210 7.42 6.81 12.86
CA ASP C 210 6.93 7.35 11.60
C ASP C 210 7.17 8.85 11.49
N THR C 211 6.62 9.61 12.44
CA THR C 211 6.76 11.07 12.40
C THR C 211 8.15 11.54 12.82
N GLY C 212 8.93 10.68 13.47
CA GLY C 212 10.18 11.13 14.04
C GLY C 212 10.02 12.09 15.20
N MET C 213 8.81 12.22 15.74
CA MET C 213 8.51 13.12 16.84
C MET C 213 8.39 12.33 18.15
N VAL C 214 8.34 13.07 19.25
CA VAL C 214 8.31 12.49 20.59
C VAL C 214 7.00 12.88 21.25
N HIS C 215 6.29 11.88 21.80
CA HIS C 215 5.14 12.14 22.64
C HIS C 215 5.61 12.53 24.03
N ASP C 216 5.26 13.74 24.46
CA ASP C 216 5.60 14.24 25.80
C ASP C 216 4.32 14.86 26.37
N GLY C 217 3.53 14.05 27.06
CA GLY C 217 2.25 14.53 27.54
C GLY C 217 1.31 14.77 26.37
N ASP C 218 0.75 15.98 26.31
CA ASP C 218 -0.17 16.35 25.24
C ASP C 218 0.51 17.12 24.12
N VAL C 219 1.83 17.26 24.16
CA VAL C 219 2.56 17.99 23.14
C VAL C 219 3.26 16.99 22.23
N PHE C 220 3.86 17.50 21.14
CA PHE C 220 4.50 16.68 20.12
C PHE C 220 5.76 17.42 19.67
N VAL C 221 6.89 17.09 20.27
CA VAL C 221 8.15 17.76 19.99
C VAL C 221 9.09 16.81 19.27
N PRO C 222 10.02 17.30 18.45
CA PRO C 222 10.97 16.41 17.79
C PRO C 222 11.95 15.82 18.79
N GLY C 223 12.53 14.69 18.40
CA GLY C 223 13.48 14.00 19.26
C GLY C 223 14.37 13.08 18.47
N ASP C 224 15.52 12.75 19.06
CA ASP C 224 16.51 11.88 18.45
C ASP C 224 16.54 10.56 19.19
N LEU C 225 16.46 9.46 18.45
CA LEU C 225 16.54 8.14 19.04
C LEU C 225 17.97 7.76 19.42
N ASN C 226 18.97 8.36 18.75
CA ASN C 226 20.37 8.06 19.06
C ASN C 226 20.77 8.51 20.46
N VAL C 227 20.07 9.49 21.03
CA VAL C 227 20.39 10.03 22.35
C VAL C 227 19.26 9.80 23.34
N SER C 228 18.30 8.95 23.01
CA SER C 228 17.15 8.72 23.89
C SER C 228 17.33 7.41 24.65
N PRO C 229 17.19 7.41 25.98
CA PRO C 229 17.30 6.15 26.74
C PRO C 229 16.05 5.30 26.62
N VAL C 230 16.11 4.24 25.83
CA VAL C 230 14.92 3.42 25.54
C VAL C 230 14.74 2.39 26.65
N THR C 231 13.50 2.18 27.06
CA THR C 231 13.15 1.15 28.03
C THR C 231 12.33 0.02 27.42
N ASN C 232 11.50 0.30 26.42
CA ASN C 232 10.78 -0.73 25.69
C ASN C 232 10.44 -0.21 24.31
N VAL C 233 10.19 -1.14 23.38
CA VAL C 233 9.91 -0.82 21.99
C VAL C 233 8.76 -1.68 21.49
N VAL C 234 7.81 -1.07 20.81
CA VAL C 234 6.73 -1.80 20.14
C VAL C 234 7.30 -2.31 18.82
N VAL C 235 7.70 -3.57 18.78
CA VAL C 235 8.36 -4.13 17.62
C VAL C 235 7.33 -4.61 16.61
N SER C 236 7.64 -4.46 15.33
CA SER C 236 6.81 -4.96 14.25
C SER C 236 7.71 -5.49 13.14
N GLU C 237 7.10 -6.11 12.14
CA GLU C 237 7.85 -6.70 11.03
C GLU C 237 8.51 -5.64 10.16
N MET D 1 19.27 -26.30 46.30
CA MET D 1 19.77 -25.95 44.98
C MET D 1 20.13 -24.47 44.91
N GLN D 2 20.97 -24.11 43.93
CA GLN D 2 21.42 -22.74 43.75
C GLN D 2 20.81 -22.15 42.49
N ILE D 3 20.52 -20.85 42.56
CA ILE D 3 20.08 -20.07 41.40
C ILE D 3 20.99 -18.84 41.31
N PHE D 4 20.87 -18.13 40.19
CA PHE D 4 21.71 -16.97 39.93
C PHE D 4 20.82 -15.76 39.63
N VAL D 5 21.29 -14.59 40.07
CA VAL D 5 20.59 -13.33 39.86
C VAL D 5 21.60 -12.33 39.32
N LYS D 6 21.45 -11.94 38.07
CA LYS D 6 22.31 -10.91 37.48
C LYS D 6 21.89 -9.55 38.02
N THR D 7 22.79 -8.89 38.73
CA THR D 7 22.47 -7.65 39.43
C THR D 7 22.60 -6.46 38.48
N LEU D 8 22.48 -5.26 39.03
CA LEU D 8 22.48 -4.05 38.20
C LEU D 8 23.88 -3.75 37.66
N THR D 9 24.90 -3.97 38.48
CA THR D 9 26.26 -3.63 38.08
C THR D 9 26.81 -4.52 36.98
N GLY D 10 26.18 -5.68 36.74
CA GLY D 10 26.63 -6.63 35.75
C GLY D 10 27.19 -7.91 36.34
N LYS D 11 27.53 -7.91 37.63
CA LYS D 11 28.04 -9.11 38.27
C LYS D 11 26.91 -10.12 38.52
N THR D 12 27.31 -11.36 38.74
CA THR D 12 26.36 -12.45 38.97
C THR D 12 26.56 -13.00 40.37
N ILE D 13 25.50 -13.01 41.16
CA ILE D 13 25.54 -13.55 42.51
C ILE D 13 24.73 -14.85 42.55
N THR D 14 25.00 -15.66 43.56
CA THR D 14 24.36 -16.96 43.72
C THR D 14 23.49 -16.96 44.96
N LEU D 15 22.28 -17.49 44.83
CA LEU D 15 21.32 -17.57 45.92
C LEU D 15 21.01 -19.02 46.23
N GLU D 16 20.69 -19.29 47.50
CA GLU D 16 20.31 -20.64 47.95
C GLU D 16 18.81 -20.61 48.22
N VAL D 17 18.04 -21.27 47.34
CA VAL D 17 16.59 -21.22 47.37
C VAL D 17 16.05 -22.66 47.33
N GLU D 18 14.73 -22.77 47.42
CA GLU D 18 14.01 -24.03 47.29
C GLU D 18 12.92 -23.88 46.24
N PRO D 19 12.57 -24.95 45.54
CA PRO D 19 11.49 -24.86 44.55
C PRO D 19 10.15 -24.45 45.15
N SER D 20 9.96 -24.63 46.45
CA SER D 20 8.72 -24.25 47.12
C SER D 20 8.70 -22.81 47.59
N ASP D 21 9.85 -22.13 47.59
CA ASP D 21 9.91 -20.76 48.05
C ASP D 21 9.13 -19.83 47.12
N THR D 22 8.55 -18.80 47.70
CA THR D 22 7.80 -17.81 46.93
C THR D 22 8.75 -16.78 46.33
N ILE D 23 8.22 -16.01 45.38
CA ILE D 23 9.02 -14.95 44.75
C ILE D 23 9.37 -13.87 45.75
N GLU D 24 8.44 -13.55 46.66
CA GLU D 24 8.74 -12.57 47.70
C GLU D 24 9.88 -13.04 48.59
N ASN D 25 10.04 -14.35 48.77
CA ASN D 25 11.19 -14.86 49.51
C ASN D 25 12.47 -14.72 48.69
N VAL D 26 12.39 -14.95 47.38
CA VAL D 26 13.55 -14.75 46.52
C VAL D 26 13.95 -13.28 46.50
N LYS D 27 12.96 -12.39 46.44
CA LYS D 27 13.25 -10.96 46.54
C LYS D 27 13.84 -10.59 47.89
N ALA D 28 13.42 -11.30 48.96
CA ALA D 28 13.98 -11.04 50.28
C ALA D 28 15.41 -11.53 50.37
N LYS D 29 15.73 -12.65 49.72
CA LYS D 29 17.10 -13.14 49.70
C LYS D 29 18.01 -12.20 48.91
N ILE D 30 17.45 -11.44 47.97
CA ILE D 30 18.25 -10.47 47.24
C ILE D 30 18.52 -9.24 48.10
N GLN D 31 17.55 -8.82 48.90
CA GLN D 31 17.78 -7.70 49.81
C GLN D 31 18.82 -8.05 50.86
N ASP D 32 18.82 -9.30 51.34
CA ASP D 32 19.77 -9.73 52.35
C ASP D 32 21.19 -9.81 51.83
N LYS D 33 21.41 -9.71 50.53
CA LYS D 33 22.73 -9.73 49.94
C LYS D 33 23.07 -8.51 49.11
N GLU D 34 22.09 -7.91 48.43
CA GLU D 34 22.33 -6.73 47.60
C GLU D 34 21.87 -5.43 48.24
N GLY D 35 20.84 -5.46 49.08
CA GLY D 35 20.41 -4.28 49.79
C GLY D 35 19.31 -3.49 49.11
N ILE D 36 18.59 -4.08 48.17
CA ILE D 36 17.48 -3.42 47.49
C ILE D 36 16.18 -3.92 48.10
N PRO D 37 15.29 -3.04 48.54
CA PRO D 37 14.03 -3.50 49.11
C PRO D 37 13.22 -4.25 48.08
N PRO D 38 12.41 -5.23 48.52
CA PRO D 38 11.61 -6.00 47.54
C PRO D 38 10.61 -5.16 46.78
N ASP D 39 10.20 -4.01 47.31
CA ASP D 39 9.25 -3.16 46.61
C ASP D 39 9.86 -2.50 45.37
N GLN D 40 11.19 -2.45 45.27
CA GLN D 40 11.88 -1.84 44.15
C GLN D 40 12.48 -2.86 43.19
N GLN D 41 12.01 -4.10 43.22
CA GLN D 41 12.61 -5.18 42.46
C GLN D 41 11.68 -5.65 41.34
N ARG D 42 12.29 -6.13 40.25
CA ARG D 42 11.58 -6.79 39.17
C ARG D 42 12.44 -7.97 38.72
N LEU D 43 11.93 -9.19 38.93
CA LEU D 43 12.66 -10.39 38.58
C LEU D 43 12.15 -10.94 37.26
N ILE D 44 13.08 -11.18 36.33
CA ILE D 44 12.76 -11.71 35.02
C ILE D 44 13.40 -13.08 34.86
N PHE D 45 12.65 -14.02 34.30
CA PHE D 45 13.18 -15.35 33.98
C PHE D 45 12.53 -15.82 32.69
N ALA D 46 13.34 -15.97 31.64
CA ALA D 46 12.90 -16.49 30.35
C ALA D 46 11.79 -15.61 29.74
N GLY D 47 11.97 -14.29 29.83
CA GLY D 47 11.06 -13.34 29.25
C GLY D 47 9.87 -12.96 30.11
N LYS D 48 9.52 -13.78 31.09
CA LYS D 48 8.39 -13.50 31.97
C LYS D 48 8.87 -12.73 33.20
N GLN D 49 8.11 -11.71 33.60
CA GLN D 49 8.35 -11.06 34.88
C GLN D 49 7.63 -11.84 35.97
N LEU D 50 8.38 -12.25 36.99
CA LEU D 50 7.87 -13.18 37.98
C LEU D 50 6.91 -12.47 38.94
N GLU D 51 5.75 -13.09 39.16
CA GLU D 51 4.74 -12.53 40.05
C GLU D 51 5.11 -12.79 41.50
N ASP D 52 4.83 -11.80 42.36
CA ASP D 52 5.27 -11.87 43.76
C ASP D 52 4.59 -12.99 44.54
N GLY D 53 3.43 -13.47 44.12
CA GLY D 53 2.68 -14.41 44.92
C GLY D 53 2.82 -15.87 44.51
N ARG D 54 3.86 -16.20 43.74
CA ARG D 54 4.03 -17.54 43.21
C ARG D 54 5.36 -18.12 43.64
N THR D 55 5.49 -19.44 43.46
CA THR D 55 6.69 -20.17 43.81
C THR D 55 7.63 -20.27 42.61
N LEU D 56 8.84 -20.76 42.87
CA LEU D 56 9.78 -21.02 41.79
C LEU D 56 9.37 -22.25 40.98
N SER D 57 8.66 -23.20 41.60
CA SER D 57 8.18 -24.36 40.87
C SER D 57 7.06 -24.01 39.89
N ASP D 58 6.35 -22.91 40.13
CA ASP D 58 5.31 -22.49 39.19
C ASP D 58 5.91 -22.09 37.85
N TYR D 59 7.05 -21.41 37.87
CA TYR D 59 7.73 -20.99 36.66
C TYR D 59 8.76 -22.02 36.18
N ASN D 60 8.78 -23.21 36.79
CA ASN D 60 9.69 -24.29 36.42
C ASN D 60 11.15 -23.81 36.42
N ILE D 61 11.54 -23.21 37.54
CA ILE D 61 12.93 -22.80 37.75
C ILE D 61 13.65 -23.97 38.42
N GLN D 62 14.54 -24.61 37.67
CA GLN D 62 15.28 -25.75 38.16
C GLN D 62 16.55 -25.27 38.88
N LYS D 63 17.49 -26.18 39.13
CA LYS D 63 18.78 -25.80 39.67
C LYS D 63 19.59 -25.04 38.63
N GLU D 64 20.34 -24.03 39.12
CA GLU D 64 21.26 -23.25 38.29
C GLU D 64 20.53 -22.45 37.21
N SER D 65 19.31 -22.03 37.47
CA SER D 65 18.65 -21.10 36.57
C SER D 65 19.11 -19.68 36.83
N THR D 66 19.00 -18.83 35.81
CA THR D 66 19.46 -17.46 35.87
C THR D 66 18.27 -16.51 35.88
N LEU D 67 18.23 -15.62 36.86
CA LEU D 67 17.24 -14.57 36.96
C LEU D 67 17.90 -13.21 36.72
N HIS D 68 17.13 -12.27 36.20
CA HIS D 68 17.59 -10.91 35.96
C HIS D 68 16.92 -9.96 36.93
N LEU D 69 17.71 -9.06 37.52
CA LEU D 69 17.20 -8.06 38.44
C LEU D 69 17.12 -6.72 37.73
N VAL D 70 15.91 -6.19 37.61
CA VAL D 70 15.67 -4.88 37.02
C VAL D 70 15.17 -3.94 38.11
N LEU D 71 15.72 -2.73 38.12
CA LEU D 71 15.33 -1.76 39.13
C LEU D 71 14.04 -1.04 38.72
N ARG D 72 13.30 -0.60 39.74
CA ARG D 72 12.06 0.13 39.50
C ARG D 72 12.34 1.56 39.06
N LEU D 73 11.56 2.01 38.07
CA LEU D 73 11.61 3.39 37.64
C LEU D 73 10.74 4.28 38.49
N ARG D 74 10.78 5.57 38.17
CA ARG D 74 9.98 6.57 38.87
C ARG D 74 9.37 7.49 37.82
N GLY D 75 8.14 7.19 37.44
CA GLY D 75 7.44 7.97 36.43
C GLY D 75 6.86 9.27 36.94
N HIS E 3 25.46 31.96 -18.95
CA HIS E 3 25.46 30.54 -18.57
C HIS E 3 24.77 30.32 -17.23
N MET E 4 24.69 31.39 -16.44
CA MET E 4 24.05 31.28 -15.13
C MET E 4 22.54 31.25 -15.23
N ASP E 5 21.95 31.93 -16.22
CA ASP E 5 20.50 31.93 -16.37
C ASP E 5 19.98 30.58 -16.83
N SER E 6 20.79 29.81 -17.55
CA SER E 6 20.37 28.49 -18.01
C SER E 6 20.61 27.41 -16.96
N HIS E 7 21.71 27.52 -16.21
CA HIS E 7 22.02 26.52 -15.19
C HIS E 7 20.98 26.56 -14.07
N TYR E 8 20.63 27.75 -13.60
CA TYR E 8 19.70 27.90 -12.49
C TYR E 8 18.28 28.22 -12.94
N GLY E 9 18.06 28.55 -14.21
CA GLY E 9 16.72 28.61 -14.75
C GLY E 9 15.90 29.83 -14.40
N PHE E 10 16.52 30.95 -14.05
CA PHE E 10 15.78 32.18 -13.82
C PHE E 10 16.64 33.36 -14.21
N ASP E 11 15.97 34.45 -14.59
CA ASP E 11 16.66 35.63 -15.11
C ASP E 11 17.45 36.32 -14.01
N LYS E 12 18.50 37.04 -14.43
CA LYS E 12 19.39 37.76 -13.51
C LYS E 12 20.02 36.81 -12.49
N ALA E 13 20.36 35.61 -12.94
CA ALA E 13 20.86 34.59 -12.03
C ALA E 13 22.27 34.91 -11.54
N GLY E 14 23.11 35.49 -12.41
CA GLY E 14 24.47 35.80 -12.01
C GLY E 14 24.55 36.82 -10.89
N GLU E 15 23.59 37.75 -10.84
CA GLU E 15 23.59 38.77 -9.79
C GLU E 15 23.26 38.17 -8.43
N PHE E 16 22.37 37.18 -8.40
CA PHE E 16 21.89 36.65 -7.13
C PHE E 16 22.96 35.84 -6.41
N HIS E 17 23.75 35.07 -7.16
CA HIS E 17 24.68 34.13 -6.54
C HIS E 17 25.95 34.80 -6.01
N MET E 18 26.24 36.03 -6.44
CA MET E 18 27.35 36.78 -5.88
C MET E 18 27.00 37.49 -4.58
N LEU E 19 25.82 37.25 -4.04
CA LEU E 19 25.36 37.90 -2.82
C LEU E 19 25.65 37.03 -1.60
N ASP E 20 25.44 37.61 -0.43
CA ASP E 20 25.69 36.93 0.84
C ASP E 20 24.38 36.32 1.33
N HIS E 21 24.34 34.99 1.39
CA HIS E 21 23.14 34.27 1.80
C HIS E 21 23.11 33.96 3.30
N THR E 22 24.21 34.20 4.02
CA THR E 22 24.28 33.83 5.43
C THR E 22 23.26 34.56 6.29
N GLY E 23 22.75 35.71 5.82
CA GLY E 23 21.77 36.45 6.60
C GLY E 23 20.42 35.77 6.69
N PHE E 24 20.14 34.81 5.81
CA PHE E 24 18.85 34.13 5.77
C PHE E 24 18.93 32.69 6.28
N ALA E 25 19.96 32.37 7.08
CA ALA E 25 20.11 31.03 7.65
C ALA E 25 19.29 30.97 8.93
N PHE E 26 17.98 30.80 8.76
CA PHE E 26 17.09 30.73 9.91
C PHE E 26 17.23 29.39 10.61
N PRO E 27 16.97 29.35 11.92
CA PRO E 27 16.98 28.06 12.64
C PRO E 27 15.92 27.13 12.09
N SER E 28 16.35 25.96 11.64
CA SER E 28 15.47 24.99 11.00
C SER E 28 15.45 23.68 11.77
N GLU E 29 14.35 22.96 11.64
CA GLU E 29 14.18 21.65 12.26
C GLU E 29 13.43 20.73 11.29
N VAL E 30 13.37 19.46 11.65
CA VAL E 30 12.63 18.46 10.88
C VAL E 30 11.44 18.02 11.73
N VAL E 31 10.23 18.31 11.25
CA VAL E 31 8.99 17.99 11.96
C VAL E 31 8.14 17.15 11.02
N ASN E 32 7.92 15.89 11.38
CA ASN E 32 7.12 14.95 10.59
C ASN E 32 7.65 14.83 9.17
N GLY E 33 8.98 14.85 9.04
CA GLY E 33 9.62 14.76 7.74
C GLY E 33 9.61 16.04 6.94
N ARG E 34 9.00 17.11 7.44
CA ARG E 34 8.94 18.39 6.75
C ARG E 34 9.99 19.33 7.33
N ARG E 35 10.75 19.97 6.45
CA ARG E 35 11.71 20.98 6.88
C ARG E 35 10.95 22.27 7.21
N VAL E 36 11.03 22.69 8.48
CA VAL E 36 10.31 23.86 8.95
C VAL E 36 11.33 24.87 9.48
N LEU E 37 10.86 26.11 9.62
CA LEU E 37 11.70 27.21 10.08
C LEU E 37 11.18 27.72 11.42
N LYS E 38 12.09 28.31 12.19
CA LYS E 38 11.74 28.91 13.47
C LYS E 38 11.11 30.29 13.24
N THR E 39 10.02 30.56 13.96
CA THR E 39 9.27 31.80 13.78
C THR E 39 10.12 32.98 14.24
N THR E 40 10.66 33.73 13.29
CA THR E 40 11.43 34.93 13.58
C THR E 40 11.52 35.78 12.32
N ASP E 41 11.56 37.09 12.52
CA ASP E 41 11.61 38.06 11.41
C ASP E 41 10.42 37.92 10.47
N ASN E 42 9.26 37.53 11.01
CA ASN E 42 8.02 37.43 10.25
C ASN E 42 8.12 36.46 9.09
N ASN E 43 8.95 35.42 9.23
CA ASN E 43 9.27 34.51 8.13
C ASN E 43 8.24 33.41 7.93
N CYS E 44 7.13 33.43 8.69
CA CYS E 44 6.10 32.41 8.54
C CYS E 44 5.56 32.33 7.12
N TRP E 45 5.60 33.43 6.37
CA TRP E 45 5.19 33.36 4.96
C TRP E 45 6.19 32.57 4.14
N VAL E 46 7.47 32.58 4.52
CA VAL E 46 8.44 31.73 3.87
C VAL E 46 8.30 30.29 4.34
N ASN E 47 7.98 30.09 5.62
CA ASN E 47 7.89 28.76 6.18
C ASN E 47 6.72 27.98 5.57
N VAL E 48 5.56 28.63 5.44
CA VAL E 48 4.40 27.94 4.89
C VAL E 48 4.50 27.80 3.38
N THR E 49 5.24 28.70 2.72
CA THR E 49 5.43 28.57 1.28
C THR E 49 6.27 27.33 0.96
N CYS E 50 7.44 27.20 1.60
CA CYS E 50 8.26 26.02 1.40
C CYS E 50 7.61 24.76 1.94
N LEU E 51 6.69 24.89 2.90
CA LEU E 51 5.99 23.71 3.42
C LEU E 51 5.04 23.14 2.36
N GLN E 52 4.32 24.01 1.66
CA GLN E 52 3.38 23.53 0.64
C GLN E 52 4.12 22.92 -0.55
N LEU E 53 5.32 23.40 -0.85
CA LEU E 53 6.13 22.77 -1.89
C LEU E 53 6.56 21.37 -1.45
N GLN E 54 6.79 21.17 -0.16
CA GLN E 54 7.13 19.84 0.34
C GLN E 54 5.90 18.94 0.37
N PHE E 55 4.77 19.46 0.86
CA PHE E 55 3.53 18.69 0.85
C PHE E 55 3.13 18.28 -0.55
N ALA E 56 3.41 19.12 -1.54
CA ALA E 56 3.07 18.82 -2.93
C ALA E 56 4.11 17.95 -3.63
N ARG E 57 5.26 17.69 -2.98
CA ARG E 57 6.33 16.88 -3.56
C ARG E 57 6.76 17.47 -4.91
N PHE E 58 6.98 18.78 -4.92
CA PHE E 58 7.29 19.50 -6.15
C PHE E 58 8.79 19.47 -6.43
N ARG E 59 9.13 19.58 -7.72
CA ARG E 59 10.50 19.74 -8.16
C ARG E 59 10.55 20.87 -9.18
N PHE E 60 11.65 21.62 -9.16
CA PHE E 60 11.80 22.73 -10.07
C PHE E 60 12.31 22.26 -11.43
N LYS E 61 12.06 23.08 -12.46
CA LYS E 61 12.42 22.70 -13.82
C LYS E 61 13.94 22.65 -14.00
N SER E 62 14.64 23.65 -13.48
CA SER E 62 16.08 23.76 -13.66
C SER E 62 16.82 22.98 -12.57
N ALA E 63 17.88 22.29 -12.97
CA ALA E 63 18.70 21.55 -12.01
C ALA E 63 19.39 22.48 -11.03
N GLY E 64 19.64 23.72 -11.44
CA GLY E 64 20.25 24.68 -10.52
C GLY E 64 19.29 25.11 -9.42
N LEU E 65 18.03 25.37 -9.77
CA LEU E 65 17.04 25.69 -8.74
C LEU E 65 16.73 24.47 -7.89
N GLN E 66 16.74 23.28 -8.48
CA GLN E 66 16.44 22.07 -7.72
C GLN E 66 17.53 21.78 -6.69
N ALA E 67 18.79 22.10 -7.02
CA ALA E 67 19.86 21.92 -6.05
C ALA E 67 19.67 22.85 -4.85
N MET E 68 19.24 24.09 -5.10
CA MET E 68 18.96 25.01 -4.00
C MET E 68 17.77 24.55 -3.17
N TRP E 69 16.77 23.93 -3.81
CA TRP E 69 15.60 23.47 -3.09
C TRP E 69 15.90 22.20 -2.27
N GLU E 70 16.65 21.26 -2.86
CA GLU E 70 17.05 20.07 -2.11
C GLU E 70 17.93 20.43 -0.93
N SER E 71 18.76 21.47 -1.06
CA SER E 71 19.57 21.93 0.06
C SER E 71 18.70 22.45 1.20
N TYR E 72 17.58 23.09 0.86
CA TYR E 72 16.68 23.61 1.88
C TYR E 72 16.10 22.49 2.73
N CYS E 73 15.59 21.44 2.08
CA CYS E 73 14.96 20.35 2.81
C CYS E 73 15.95 19.59 3.67
N THR E 74 17.21 19.51 3.25
CA THR E 74 18.23 18.78 4.00
C THR E 74 18.87 19.61 5.10
N GLY E 75 18.43 20.85 5.31
CA GLY E 75 18.93 21.70 6.38
C GLY E 75 19.63 22.95 5.89
N ASP E 76 20.27 22.88 4.72
CA ASP E 76 20.99 24.02 4.16
C ASP E 76 19.98 24.99 3.58
N VAL E 77 19.32 25.75 4.47
CA VAL E 77 18.22 26.62 4.08
C VAL E 77 18.64 28.04 3.77
N ALA E 78 19.92 28.39 3.96
CA ALA E 78 20.34 29.78 3.82
C ALA E 78 20.15 30.28 2.39
N MET E 79 20.38 29.42 1.40
CA MET E 79 20.38 29.86 0.01
C MET E 79 18.96 30.05 -0.52
N PHE E 80 18.12 29.03 -0.38
CA PHE E 80 16.79 29.08 -1.00
C PHE E 80 15.89 30.12 -0.32
N VAL E 81 16.06 30.33 0.99
CA VAL E 81 15.25 31.33 1.68
C VAL E 81 15.54 32.73 1.14
N HIS E 82 16.82 33.03 0.89
CA HIS E 82 17.18 34.33 0.32
C HIS E 82 16.58 34.50 -1.08
N TRP E 83 16.51 33.41 -1.85
CA TRP E 83 16.01 33.51 -3.21
C TRP E 83 14.53 33.90 -3.24
N LEU E 84 13.77 33.57 -2.19
CA LEU E 84 12.37 33.95 -2.14
C LEU E 84 12.22 35.44 -1.89
N TYR E 85 12.98 35.98 -0.92
CA TYR E 85 12.98 37.42 -0.70
C TYR E 85 13.51 38.16 -1.92
N TRP E 86 14.45 37.57 -2.65
CA TRP E 86 15.01 38.20 -3.83
C TRP E 86 14.05 38.13 -5.02
N LEU E 87 13.39 36.98 -5.21
CA LEU E 87 12.48 36.84 -6.33
C LEU E 87 11.22 37.69 -6.16
N THR E 88 10.65 37.67 -4.96
CA THR E 88 9.41 38.42 -4.70
C THR E 88 9.65 39.88 -4.38
N GLY E 89 10.91 40.29 -4.21
CA GLY E 89 11.21 41.69 -3.91
C GLY E 89 10.78 42.13 -2.53
N VAL E 90 11.00 41.30 -1.52
CA VAL E 90 10.66 41.62 -0.14
C VAL E 90 11.94 41.78 0.65
N ASP E 91 11.97 42.79 1.52
CA ASP E 91 13.13 43.03 2.37
C ASP E 91 13.11 42.10 3.57
N LYS E 92 14.30 41.82 4.10
CA LYS E 92 14.42 40.92 5.23
C LYS E 92 13.71 41.49 6.45
N GLY E 93 13.04 40.61 7.20
CA GLY E 93 12.28 41.02 8.36
C GLY E 93 10.90 41.57 8.07
N GLN E 94 10.53 41.70 6.80
CA GLN E 94 9.21 42.22 6.44
C GLN E 94 8.25 41.09 6.11
N PRO E 95 7.01 41.19 6.58
CA PRO E 95 6.00 40.20 6.21
C PRO E 95 5.66 40.30 4.72
N SER E 96 5.07 39.24 4.20
CA SER E 96 4.69 39.19 2.80
C SER E 96 3.53 38.21 2.63
N ASP E 97 3.19 37.92 1.38
CA ASP E 97 2.07 37.06 1.04
C ASP E 97 2.59 35.70 0.58
N SER E 98 2.08 34.63 1.19
CA SER E 98 2.48 33.29 0.78
C SER E 98 1.84 32.90 -0.56
N GLU E 99 0.60 33.33 -0.78
CA GLU E 99 -0.08 33.00 -2.02
C GLU E 99 0.51 33.77 -3.20
N ASN E 100 1.05 34.96 -2.94
CA ASN E 100 1.76 35.69 -4.00
C ASN E 100 3.05 34.98 -4.38
N ALA E 101 3.80 34.50 -3.38
CA ALA E 101 5.05 33.82 -3.67
C ALA E 101 4.81 32.51 -4.42
N LEU E 102 3.79 31.75 -4.03
CA LEU E 102 3.49 30.50 -4.71
C LEU E 102 3.16 30.72 -6.18
N ASN E 103 2.45 31.82 -6.49
CA ASN E 103 2.13 32.11 -7.88
C ASN E 103 3.38 32.47 -8.67
N MET E 104 4.29 33.25 -8.07
CA MET E 104 5.54 33.57 -8.75
C MET E 104 6.47 32.37 -8.85
N LEU E 105 6.31 31.39 -7.96
CA LEU E 105 7.08 30.15 -8.03
C LEU E 105 6.54 29.16 -9.06
N SER E 106 5.31 29.36 -9.55
CA SER E 106 4.66 28.36 -10.40
C SER E 106 5.38 28.19 -11.73
N LYS E 107 5.94 29.26 -12.30
CA LYS E 107 6.59 29.19 -13.60
C LYS E 107 7.94 28.48 -13.57
N TYR E 108 8.46 28.16 -12.38
CA TYR E 108 9.72 27.45 -12.25
C TYR E 108 9.55 26.00 -11.81
N ILE E 109 8.34 25.57 -11.49
CA ILE E 109 8.07 24.24 -10.96
C ILE E 109 7.52 23.35 -12.06
N VAL E 110 7.98 22.11 -12.10
CA VAL E 110 7.44 21.13 -13.05
C VAL E 110 6.01 20.79 -12.67
N PRO E 111 5.06 20.85 -13.59
CA PRO E 111 3.68 20.47 -13.24
C PRO E 111 3.59 19.01 -12.84
N ALA E 112 3.00 18.76 -11.67
CA ALA E 112 2.89 17.41 -11.13
C ALA E 112 1.44 17.00 -10.90
N GLY E 113 0.49 17.70 -11.50
CA GLY E 113 -0.91 17.37 -11.29
C GLY E 113 -1.80 17.98 -12.35
N SER E 114 -3.10 17.80 -12.14
CA SER E 114 -4.12 18.24 -13.08
C SER E 114 -5.39 18.54 -12.33
N VAL E 115 -6.17 19.49 -12.85
CA VAL E 115 -7.41 19.94 -12.22
C VAL E 115 -8.45 20.21 -13.31
N THR E 116 -9.65 19.68 -13.11
CA THR E 116 -10.78 19.94 -14.00
C THR E 116 -11.67 20.99 -13.35
N ILE E 117 -11.92 22.08 -14.07
CA ILE E 117 -12.72 23.19 -13.57
C ILE E 117 -14.01 23.26 -14.39
N GLU E 118 -15.15 23.17 -13.71
CA GLU E 118 -16.44 23.30 -14.34
C GLU E 118 -16.95 24.73 -14.20
N ARG E 119 -17.49 25.28 -15.29
CA ARG E 119 -17.95 26.67 -15.36
C ARG E 119 -19.44 26.66 -15.65
N VAL E 120 -20.25 26.44 -14.62
CA VAL E 120 -21.69 26.33 -14.76
C VAL E 120 -22.35 27.48 -13.99
N THR E 121 -23.56 27.82 -14.42
CA THR E 121 -24.37 28.82 -13.74
C THR E 121 -25.21 28.13 -12.67
N HIS E 122 -26.10 28.86 -12.01
CA HIS E 122 -26.88 28.29 -10.93
C HIS E 122 -28.13 27.56 -11.43
N ASP E 123 -28.33 27.44 -12.75
CA ASP E 123 -29.33 26.53 -13.29
C ASP E 123 -28.84 25.80 -14.53
N GLY E 124 -27.56 25.88 -14.85
CA GLY E 124 -27.01 25.10 -15.94
C GLY E 124 -27.44 25.51 -17.33
N CYS E 125 -27.79 26.79 -17.52
CA CYS E 125 -28.04 27.30 -18.86
C CYS E 125 -26.76 27.55 -19.64
N CYS E 126 -25.61 27.37 -19.00
CA CYS E 126 -24.30 27.54 -19.63
C CYS E 126 -23.31 26.73 -18.80
N CYS E 127 -22.52 25.90 -19.44
CA CYS E 127 -21.56 25.08 -18.69
C CYS E 127 -20.41 24.67 -19.60
N SER E 128 -19.20 24.69 -19.04
CA SER E 128 -18.01 24.26 -19.75
C SER E 128 -17.07 23.55 -18.77
N LYS E 129 -16.36 22.56 -19.29
CA LYS E 129 -15.35 21.83 -18.56
C LYS E 129 -13.97 22.11 -19.17
N ARG E 130 -12.96 22.19 -18.32
CA ARG E 130 -11.61 22.38 -18.83
C ARG E 130 -10.60 21.86 -17.81
N VAL E 131 -9.53 21.27 -18.33
CA VAL E 131 -8.48 20.67 -17.51
C VAL E 131 -7.31 21.64 -17.42
N VAL E 132 -6.88 21.94 -16.20
CA VAL E 132 -5.79 22.86 -15.94
C VAL E 132 -4.63 22.09 -15.32
N THR E 133 -3.47 22.12 -15.98
CA THR E 133 -2.25 21.52 -15.45
C THR E 133 -1.27 22.64 -15.15
N ALA E 134 -1.09 22.94 -13.86
CA ALA E 134 -0.19 23.99 -13.44
C ALA E 134 0.20 23.72 -12.00
N PRO E 135 1.43 24.09 -11.58
CA PRO E 135 1.78 23.94 -10.16
C PRO E 135 0.87 24.70 -9.23
N VAL E 136 0.46 25.91 -9.62
CA VAL E 136 -0.46 26.73 -8.85
C VAL E 136 -1.64 27.09 -9.74
N VAL E 137 -2.85 26.80 -9.27
CA VAL E 137 -4.08 27.16 -9.97
C VAL E 137 -4.92 28.01 -9.03
N ASN E 138 -5.30 29.21 -9.48
CA ASN E 138 -6.04 30.15 -8.65
C ASN E 138 -7.53 29.88 -8.82
N ALA E 139 -8.11 29.12 -7.89
CA ALA E 139 -9.53 28.83 -7.87
C ALA E 139 -9.99 28.77 -6.43
N SER E 140 -11.31 28.67 -6.24
CA SER E 140 -11.86 28.58 -4.90
C SER E 140 -11.46 27.27 -4.25
N VAL E 141 -11.17 27.31 -2.95
CA VAL E 141 -10.71 26.14 -2.22
C VAL E 141 -11.88 25.35 -1.67
N LEU E 142 -13.11 25.76 -2.02
CA LEU E 142 -14.31 25.03 -1.64
C LEU E 142 -14.91 24.34 -2.85
N LYS E 143 -15.72 23.32 -2.58
CA LYS E 143 -16.53 22.71 -3.62
C LYS E 143 -17.62 23.64 -4.11
N LEU E 144 -17.88 24.74 -3.39
CA LEU E 144 -18.80 25.76 -3.85
C LEU E 144 -18.31 26.42 -5.13
N GLY E 145 -17.13 27.02 -5.08
CA GLY E 145 -16.59 27.78 -6.19
C GLY E 145 -16.83 29.27 -6.01
N VAL E 146 -16.34 30.03 -6.98
CA VAL E 146 -16.55 31.48 -7.02
C VAL E 146 -17.24 31.83 -8.31
N GLU E 147 -18.09 32.84 -8.25
CA GLU E 147 -18.82 33.33 -9.42
C GLU E 147 -17.97 34.42 -10.09
N ASP E 148 -17.41 34.09 -11.27
CA ASP E 148 -16.61 35.04 -12.03
C ASP E 148 -17.05 35.00 -13.49
N GLY E 149 -18.18 35.63 -13.78
CA GLY E 149 -18.66 35.67 -15.15
C GLY E 149 -20.15 35.90 -15.19
N LEU E 150 -20.67 35.88 -16.42
CA LEU E 150 -22.10 36.11 -16.63
C LEU E 150 -22.55 35.36 -17.87
N CYS E 151 -23.55 34.52 -17.71
CA CYS E 151 -24.05 33.73 -18.81
C CYS E 151 -24.69 34.63 -19.86
N PRO E 152 -24.68 34.22 -21.14
CA PRO E 152 -25.52 34.90 -22.13
C PRO E 152 -26.96 35.11 -21.67
N HIS E 153 -27.50 34.17 -20.88
CA HIS E 153 -28.83 34.30 -20.28
C HIS E 153 -28.85 35.24 -19.08
N GLY E 154 -27.73 35.88 -18.77
CA GLY E 154 -27.70 36.89 -17.73
C GLY E 154 -27.55 36.37 -16.31
N LEU E 155 -26.90 35.22 -16.14
CA LEU E 155 -26.68 34.63 -14.82
C LEU E 155 -25.19 34.43 -14.59
N ASN E 156 -24.80 34.50 -13.32
CA ASN E 156 -23.39 34.40 -12.96
C ASN E 156 -22.91 32.96 -13.06
N TYR E 157 -21.77 32.76 -13.72
CA TYR E 157 -21.14 31.46 -13.76
C TYR E 157 -20.67 31.05 -12.36
N ILE E 158 -20.20 29.82 -12.25
CA ILE E 158 -19.52 29.35 -11.04
C ILE E 158 -18.30 28.55 -11.49
N ASP E 159 -17.19 28.72 -10.78
CA ASP E 159 -15.92 28.08 -11.13
C ASP E 159 -15.47 27.23 -9.96
N LYS E 160 -15.68 25.92 -10.07
CA LYS E 160 -15.38 24.98 -9.00
C LYS E 160 -14.49 23.87 -9.51
N VAL E 161 -13.56 23.43 -8.67
CA VAL E 161 -12.72 22.28 -8.97
C VAL E 161 -13.54 21.02 -8.71
N VAL E 162 -13.78 20.24 -9.77
CA VAL E 162 -14.64 19.07 -9.69
C VAL E 162 -13.86 17.77 -9.72
N VAL E 163 -12.78 17.71 -10.50
CA VAL E 163 -11.97 16.50 -10.64
C VAL E 163 -10.50 16.89 -10.45
N VAL E 164 -9.76 16.06 -9.73
CA VAL E 164 -8.35 16.29 -9.46
C VAL E 164 -7.58 15.01 -9.76
N LYS E 165 -6.49 15.13 -10.49
CA LYS E 165 -5.55 14.05 -10.72
C LYS E 165 -4.14 14.56 -10.46
N GLY E 166 -3.37 13.79 -9.70
CA GLY E 166 -2.01 14.18 -9.38
C GLY E 166 -1.92 15.10 -8.18
N THR E 167 -1.12 16.16 -8.29
CA THR E 167 -0.89 17.06 -7.17
C THR E 167 -0.69 18.47 -7.70
N THR E 168 -1.41 19.42 -7.12
CA THR E 168 -1.29 20.83 -7.48
C THR E 168 -1.80 21.68 -6.34
N ILE E 169 -1.30 22.91 -6.27
CA ILE E 169 -1.67 23.85 -5.21
C ILE E 169 -2.80 24.74 -5.73
N VAL E 170 -3.91 24.76 -4.99
CA VAL E 170 -5.06 25.58 -5.34
C VAL E 170 -5.10 26.77 -4.39
N VAL E 171 -4.86 27.96 -4.93
CA VAL E 171 -4.86 29.20 -4.15
C VAL E 171 -6.23 29.85 -4.25
N ASN E 172 -6.83 30.13 -3.10
CA ASN E 172 -8.17 30.71 -3.06
C ASN E 172 -8.18 32.08 -3.71
N VAL E 173 -9.29 32.40 -4.37
CA VAL E 173 -9.48 33.71 -4.99
C VAL E 173 -10.37 34.57 -4.11
N GLY E 174 -9.80 35.12 -3.05
CA GLY E 174 -10.53 35.97 -2.14
C GLY E 174 -9.92 35.91 -0.76
N LYS E 175 -10.69 36.40 0.21
CA LYS E 175 -10.26 36.41 1.60
C LYS E 175 -10.10 34.98 2.11
N PRO E 176 -9.30 34.79 3.16
CA PRO E 176 -9.25 33.46 3.82
C PRO E 176 -10.63 33.04 4.29
N VAL E 177 -11.07 31.89 3.79
CA VAL E 177 -12.44 31.43 3.97
C VAL E 177 -12.50 30.43 5.12
N VAL E 178 -13.47 30.61 6.01
CA VAL E 178 -13.75 29.67 7.09
C VAL E 178 -14.98 28.85 6.71
N ALA E 179 -14.88 27.54 6.84
CA ALA E 179 -15.95 26.64 6.44
C ALA E 179 -15.74 25.30 7.11
N PRO E 180 -16.77 24.44 7.13
CA PRO E 180 -16.57 23.07 7.63
C PRO E 180 -15.50 22.32 6.84
N SER E 181 -14.93 21.31 7.48
CA SER E 181 -13.82 20.59 6.88
C SER E 181 -14.23 19.84 5.62
N HIS E 182 -15.40 19.20 5.65
CA HIS E 182 -15.84 18.38 4.52
C HIS E 182 -16.33 19.20 3.34
N LEU E 183 -16.33 20.54 3.43
CA LEU E 183 -16.69 21.37 2.30
C LEU E 183 -15.49 21.87 1.51
N PHE E 184 -14.29 21.85 2.10
CA PHE E 184 -13.08 22.15 1.35
C PHE E 184 -12.77 21.02 0.37
N LEU E 185 -11.93 21.34 -0.61
CA LEU E 185 -11.48 20.32 -1.55
C LEU E 185 -10.61 19.30 -0.83
N LYS E 186 -10.77 18.04 -1.19
CA LYS E 186 -10.00 16.95 -0.58
C LYS E 186 -8.51 17.14 -0.82
N GLY E 187 -7.78 17.57 0.20
CA GLY E 187 -6.36 17.83 0.09
C GLY E 187 -5.58 17.21 1.24
N VAL E 188 -4.27 17.40 1.19
CA VAL E 188 -3.37 16.85 2.20
C VAL E 188 -2.87 17.90 3.18
N SER E 189 -2.92 19.18 2.82
CA SER E 189 -2.47 20.25 3.71
C SER E 189 -3.20 21.53 3.36
N TYR E 190 -3.47 22.34 4.38
CA TYR E 190 -4.26 23.55 4.24
C TYR E 190 -3.51 24.71 4.91
N THR E 191 -3.05 25.67 4.11
CA THR E 191 -2.42 26.87 4.66
C THR E 191 -3.49 27.78 5.26
N THR E 192 -3.26 28.23 6.48
CA THR E 192 -4.22 29.06 7.20
C THR E 192 -3.60 30.41 7.55
N PHE E 193 -4.38 31.46 7.40
CA PHE E 193 -3.97 32.82 7.73
C PHE E 193 -4.86 33.34 8.86
N LEU E 194 -4.24 33.66 9.99
CA LEU E 194 -4.95 34.15 11.17
C LEU E 194 -4.48 35.55 11.50
N ASP E 195 -5.42 36.46 11.73
CA ASP E 195 -5.10 37.82 12.12
C ASP E 195 -4.74 37.88 13.60
N ALA E 201 0.94 42.12 12.11
CA ALA E 201 0.66 41.38 10.88
C ALA E 201 0.12 39.99 11.18
N GLY E 202 -0.57 39.40 10.20
CA GLY E 202 -1.13 38.08 10.38
C GLY E 202 -0.05 37.01 10.48
N HIS E 203 -0.48 35.82 10.92
CA HIS E 203 0.41 34.69 11.13
C HIS E 203 -0.01 33.53 10.23
N TYR E 204 0.96 32.90 9.59
CA TYR E 204 0.73 31.81 8.66
C TYR E 204 0.99 30.47 9.32
N THR E 205 0.11 29.50 9.05
CA THR E 205 0.28 28.12 9.51
C THR E 205 -0.23 27.18 8.44
N VAL E 206 0.16 25.91 8.57
CA VAL E 206 -0.27 24.86 7.66
C VAL E 206 -0.88 23.72 8.48
N PHE E 207 -2.07 23.28 8.09
CA PHE E 207 -2.80 22.22 8.80
C PHE E 207 -2.53 20.89 8.09
N ASP E 208 -1.86 19.99 8.78
CA ASP E 208 -1.61 18.65 8.25
C ASP E 208 -2.85 17.78 8.43
N HIS E 209 -3.29 17.15 7.34
CA HIS E 209 -4.56 16.42 7.37
C HIS E 209 -4.42 15.02 7.96
N ASP E 210 -3.28 14.37 7.76
CA ASP E 210 -3.06 13.03 8.32
C ASP E 210 -3.01 13.09 9.84
N THR E 211 -2.03 13.80 10.39
CA THR E 211 -1.85 13.85 11.83
C THR E 211 -2.91 14.71 12.52
N GLY E 212 -3.61 15.55 11.78
CA GLY E 212 -4.56 16.46 12.39
C GLY E 212 -3.94 17.57 13.21
N MET E 213 -2.63 17.77 13.08
CA MET E 213 -1.91 18.81 13.81
C MET E 213 -1.70 20.03 12.91
N VAL E 214 -0.97 21.01 13.42
CA VAL E 214 -0.76 22.27 12.72
C VAL E 214 0.73 22.62 12.81
N HIS E 215 1.33 22.93 11.66
CA HIS E 215 2.69 23.45 11.60
C HIS E 215 2.66 24.93 11.95
N ASP E 216 3.14 25.26 13.15
CA ASP E 216 3.22 26.65 13.60
C ASP E 216 4.69 26.97 13.85
N GLY E 217 5.43 27.21 12.77
CA GLY E 217 6.86 27.39 12.88
C GLY E 217 7.58 26.06 12.91
N ASP E 218 8.33 25.80 13.98
CA ASP E 218 9.05 24.55 14.15
C ASP E 218 8.39 23.64 15.17
N VAL E 219 7.12 23.85 15.48
CA VAL E 219 6.41 23.02 16.44
C VAL E 219 5.23 22.32 15.76
N PHE E 220 4.51 21.51 16.52
CA PHE E 220 3.42 20.67 15.99
C PHE E 220 2.28 20.73 17.00
N VAL E 221 1.41 21.72 16.84
CA VAL E 221 0.33 21.97 17.79
C VAL E 221 -0.98 21.43 17.24
N PRO E 222 -1.92 21.01 18.09
CA PRO E 222 -3.23 20.57 17.60
C PRO E 222 -4.02 21.71 16.99
N GLY E 223 -4.93 21.35 16.09
CA GLY E 223 -5.74 22.35 15.41
C GLY E 223 -7.02 21.75 14.89
N ASP E 224 -7.92 22.64 14.46
CA ASP E 224 -9.23 22.27 13.94
C ASP E 224 -9.44 22.93 12.59
N LEU E 225 -9.82 22.14 11.60
CA LEU E 225 -10.01 22.66 10.25
C LEU E 225 -11.33 23.43 10.11
N ASN E 226 -12.33 23.11 10.94
CA ASN E 226 -13.62 23.76 10.84
C ASN E 226 -13.56 25.24 11.20
N VAL E 227 -12.51 25.68 11.89
CA VAL E 227 -12.40 27.06 12.35
C VAL E 227 -11.15 27.75 11.80
N SER E 228 -10.54 27.17 10.76
CA SER E 228 -9.29 27.71 10.24
C SER E 228 -9.52 28.48 8.96
N PRO E 229 -9.10 29.74 8.88
CA PRO E 229 -9.23 30.50 7.62
C PRO E 229 -8.24 30.02 6.57
N VAL E 230 -8.71 29.29 5.57
CA VAL E 230 -7.85 28.65 4.58
C VAL E 230 -7.60 29.63 3.44
N THR E 231 -6.34 29.74 3.02
CA THR E 231 -5.95 30.55 1.88
C THR E 231 -5.52 29.73 0.67
N ASN E 232 -4.93 28.56 0.87
CA ASN E 232 -4.59 27.67 -0.23
C ASN E 232 -4.47 26.25 0.32
N VAL E 233 -4.68 25.28 -0.58
CA VAL E 233 -4.69 23.87 -0.20
C VAL E 233 -3.90 23.08 -1.24
N VAL E 234 -3.07 22.15 -0.75
CA VAL E 234 -2.39 21.20 -1.62
C VAL E 234 -3.36 20.05 -1.87
N VAL E 235 -4.00 20.06 -3.04
CA VAL E 235 -5.01 19.07 -3.39
C VAL E 235 -4.34 17.85 -4.01
N SER E 236 -4.87 16.67 -3.69
CA SER E 236 -4.36 15.43 -4.26
C SER E 236 -5.49 14.41 -4.33
N GLU E 237 -5.32 13.43 -5.21
CA GLU E 237 -6.32 12.38 -5.38
C GLU E 237 -6.04 11.20 -4.45
N MET F 1 -12.53 48.99 -25.29
CA MET F 1 -13.39 47.93 -24.78
C MET F 1 -13.60 48.07 -23.27
N GLN F 2 -14.48 47.24 -22.73
CA GLN F 2 -14.80 47.26 -21.31
C GLN F 2 -14.55 45.89 -20.70
N ILE F 3 -14.02 45.88 -19.48
CA ILE F 3 -13.77 44.66 -18.72
C ILE F 3 -14.42 44.80 -17.35
N PHE F 4 -14.46 43.69 -16.63
CA PHE F 4 -15.03 43.64 -15.29
C PHE F 4 -13.99 43.18 -14.29
N VAL F 5 -14.02 43.77 -13.09
CA VAL F 5 -13.12 43.40 -12.01
C VAL F 5 -13.95 43.22 -10.75
N LYS F 6 -14.15 41.96 -10.35
CA LYS F 6 -14.83 41.66 -9.10
C LYS F 6 -13.92 42.06 -7.95
N THR F 7 -14.39 42.94 -7.07
CA THR F 7 -13.53 43.49 -6.04
C THR F 7 -13.71 42.72 -4.72
N LEU F 8 -13.29 43.32 -3.62
CA LEU F 8 -13.14 42.61 -2.35
C LEU F 8 -14.45 42.47 -1.59
N THR F 9 -15.36 43.43 -1.73
CA THR F 9 -16.60 43.43 -0.96
C THR F 9 -17.73 42.71 -1.69
N GLY F 10 -17.50 42.23 -2.91
CA GLY F 10 -18.54 41.65 -3.72
C GLY F 10 -19.08 42.56 -4.81
N LYS F 11 -18.78 43.86 -4.73
CA LYS F 11 -19.17 44.80 -5.77
C LYS F 11 -18.43 44.47 -7.05
N THR F 12 -19.07 44.72 -8.19
CA THR F 12 -18.44 44.51 -9.49
C THR F 12 -18.30 45.84 -10.21
N ILE F 13 -17.08 46.21 -10.53
CA ILE F 13 -16.80 47.47 -11.20
C ILE F 13 -16.39 47.18 -12.63
N THR F 14 -16.62 48.17 -13.50
CA THR F 14 -16.29 48.06 -14.92
C THR F 14 -15.21 49.08 -15.25
N LEU F 15 -14.29 48.69 -16.12
CA LEU F 15 -13.15 49.52 -16.50
C LEU F 15 -13.11 49.73 -18.01
N GLU F 16 -12.57 50.86 -18.42
CA GLU F 16 -12.38 51.19 -19.83
C GLU F 16 -10.90 51.10 -20.12
N VAL F 17 -10.49 50.02 -20.80
CA VAL F 17 -9.09 49.76 -21.05
C VAL F 17 -8.84 49.59 -22.54
N GLU F 18 -7.62 49.16 -22.89
CA GLU F 18 -7.20 48.93 -24.26
C GLU F 18 -6.53 47.56 -24.34
N PRO F 19 -6.76 46.81 -25.42
CA PRO F 19 -6.10 45.49 -25.56
C PRO F 19 -4.58 45.56 -25.49
N SER F 20 -3.98 46.72 -25.74
CA SER F 20 -2.54 46.89 -25.63
C SER F 20 -2.10 47.48 -24.30
N ASP F 21 -3.04 47.73 -23.38
CA ASP F 21 -2.68 48.25 -22.07
C ASP F 21 -1.97 47.18 -21.24
N THR F 22 -1.02 47.63 -20.42
CA THR F 22 -0.30 46.73 -19.54
C THR F 22 -1.14 46.41 -18.31
N ILE F 23 -0.58 45.57 -17.44
CA ILE F 23 -1.32 45.16 -16.24
C ILE F 23 -1.27 46.25 -15.18
N GLU F 24 -0.12 46.89 -15.02
CA GLU F 24 -0.01 47.99 -14.05
C GLU F 24 -0.91 49.16 -14.45
N ASN F 25 -1.15 49.35 -15.74
CA ASN F 25 -2.15 50.33 -16.17
C ASN F 25 -3.54 49.95 -15.67
N VAL F 26 -3.85 48.65 -15.66
CA VAL F 26 -5.13 48.20 -15.11
C VAL F 26 -5.14 48.34 -13.59
N LYS F 27 -4.01 48.01 -12.94
CA LYS F 27 -3.92 48.18 -11.50
C LYS F 27 -3.96 49.65 -11.10
N ALA F 28 -3.48 50.54 -11.97
CA ALA F 28 -3.58 51.97 -11.69
C ALA F 28 -5.02 52.44 -11.78
N LYS F 29 -5.76 51.95 -12.77
CA LYS F 29 -7.17 52.31 -12.90
C LYS F 29 -8.00 51.77 -11.74
N ILE F 30 -7.64 50.61 -11.22
CA ILE F 30 -8.32 50.08 -10.04
C ILE F 30 -8.02 50.95 -8.82
N GLN F 31 -6.80 51.45 -8.71
CA GLN F 31 -6.46 52.39 -7.65
C GLN F 31 -7.28 53.66 -7.77
N ASP F 32 -7.49 54.14 -8.99
CA ASP F 32 -8.27 55.35 -9.22
C ASP F 32 -9.77 55.13 -9.02
N LYS F 33 -10.21 53.88 -8.90
CA LYS F 33 -11.62 53.56 -8.70
C LYS F 33 -11.93 53.04 -7.29
N GLU F 34 -11.01 52.27 -6.69
CA GLU F 34 -11.26 51.65 -5.40
C GLU F 34 -10.38 52.18 -4.28
N GLY F 35 -9.35 52.97 -4.59
CA GLY F 35 -8.52 53.51 -3.55
C GLY F 35 -7.53 52.53 -2.94
N ILE F 36 -7.24 51.44 -3.63
CA ILE F 36 -6.25 50.47 -3.18
C ILE F 36 -4.98 50.68 -3.99
N PRO F 37 -3.82 50.89 -3.34
CA PRO F 37 -2.60 51.12 -4.10
C PRO F 37 -2.24 49.90 -4.92
N PRO F 38 -1.54 50.09 -6.04
CA PRO F 38 -1.22 48.94 -6.90
C PRO F 38 -0.22 47.97 -6.28
N ASP F 39 0.49 48.37 -5.22
CA ASP F 39 1.43 47.46 -4.57
C ASP F 39 0.72 46.41 -3.74
N GLN F 40 -0.52 46.66 -3.32
CA GLN F 40 -1.25 45.76 -2.43
C GLN F 40 -2.29 44.91 -3.16
N GLN F 41 -2.30 44.93 -4.48
CA GLN F 41 -3.31 44.21 -5.24
C GLN F 41 -2.66 43.27 -6.24
N ARG F 42 -3.33 42.13 -6.48
CA ARG F 42 -2.91 41.15 -7.47
C ARG F 42 -4.15 40.65 -8.20
N LEU F 43 -4.07 40.57 -9.52
CA LEU F 43 -5.22 40.25 -10.36
C LEU F 43 -5.13 38.83 -10.86
N ILE F 44 -6.25 38.12 -10.86
CA ILE F 44 -6.33 36.74 -11.30
C ILE F 44 -7.33 36.65 -12.46
N PHE F 45 -6.91 36.01 -13.55
CA PHE F 45 -7.78 35.77 -14.68
C PHE F 45 -7.56 34.34 -15.18
N ALA F 46 -8.67 33.59 -15.30
CA ALA F 46 -8.63 32.21 -15.79
C ALA F 46 -7.69 31.35 -14.95
N GLY F 47 -7.65 31.62 -13.65
CA GLY F 47 -6.82 30.86 -12.73
C GLY F 47 -5.38 31.27 -12.67
N LYS F 48 -4.95 32.23 -13.48
CA LYS F 48 -3.57 32.70 -13.49
C LYS F 48 -3.48 34.07 -12.84
N GLN F 49 -2.43 34.28 -12.05
CA GLN F 49 -2.14 35.59 -11.50
C GLN F 49 -1.42 36.42 -12.55
N LEU F 50 -1.98 37.56 -12.91
CA LEU F 50 -1.48 38.34 -14.05
C LEU F 50 -0.16 39.02 -13.70
N GLU F 51 0.85 38.81 -14.54
CA GLU F 51 2.14 39.43 -14.34
C GLU F 51 2.07 40.92 -14.72
N ASP F 52 2.84 41.73 -14.01
CA ASP F 52 2.74 43.18 -14.17
C ASP F 52 3.25 43.64 -15.53
N GLY F 53 4.36 43.09 -16.00
CA GLY F 53 5.01 43.55 -17.22
C GLY F 53 4.38 43.10 -18.52
N ARG F 54 3.20 42.49 -18.48
CA ARG F 54 2.54 41.98 -19.68
C ARG F 54 1.28 42.77 -19.96
N THR F 55 0.73 42.57 -21.16
CA THR F 55 -0.45 43.26 -21.63
C THR F 55 -1.66 42.33 -21.61
N LEU F 56 -2.85 42.92 -21.73
CA LEU F 56 -4.08 42.13 -21.73
C LEU F 56 -4.17 41.21 -22.93
N SER F 57 -3.67 41.66 -24.09
CA SER F 57 -3.70 40.80 -25.27
C SER F 57 -2.81 39.58 -25.10
N ASP F 58 -1.76 39.66 -24.28
CA ASP F 58 -0.92 38.51 -24.01
C ASP F 58 -1.66 37.43 -23.23
N TYR F 59 -2.71 37.79 -22.50
CA TYR F 59 -3.52 36.84 -21.75
C TYR F 59 -4.81 36.48 -22.47
N ASN F 60 -4.96 36.91 -23.74
CA ASN F 60 -6.18 36.67 -24.52
C ASN F 60 -7.42 37.22 -23.81
N ILE F 61 -7.25 38.31 -23.06
CA ILE F 61 -8.37 38.92 -22.35
C ILE F 61 -9.27 39.60 -23.38
N GLN F 62 -10.44 39.02 -23.60
CA GLN F 62 -11.34 39.45 -24.66
C GLN F 62 -12.22 40.60 -24.18
N LYS F 63 -13.20 40.97 -25.00
CA LYS F 63 -14.18 41.97 -24.63
C LYS F 63 -15.11 41.43 -23.54
N GLU F 64 -15.39 42.27 -22.54
CA GLU F 64 -16.28 41.92 -21.44
C GLU F 64 -15.74 40.75 -20.62
N SER F 65 -14.45 40.77 -20.34
CA SER F 65 -13.82 39.75 -19.50
C SER F 65 -13.89 40.17 -18.03
N THR F 66 -13.84 39.18 -17.15
CA THR F 66 -13.95 39.38 -15.71
C THR F 66 -12.66 38.97 -15.03
N LEU F 67 -12.14 39.85 -14.17
CA LEU F 67 -10.92 39.60 -13.43
C LEU F 67 -11.21 39.49 -11.93
N HIS F 68 -10.28 38.86 -11.22
CA HIS F 68 -10.33 38.82 -9.76
C HIS F 68 -9.50 39.96 -9.18
N LEU F 69 -9.93 40.47 -8.03
CA LEU F 69 -9.11 41.33 -7.18
C LEU F 69 -8.99 40.69 -5.81
N VAL F 70 -7.76 40.38 -5.41
CA VAL F 70 -7.49 39.85 -4.08
C VAL F 70 -6.41 40.72 -3.44
N LEU F 71 -6.45 40.80 -2.12
CA LEU F 71 -5.52 41.67 -1.40
C LEU F 71 -4.19 40.97 -1.16
N ARG F 72 -3.16 41.79 -0.96
CA ARG F 72 -1.86 41.30 -0.53
C ARG F 72 -1.90 41.09 0.99
N LEU F 73 -1.61 39.87 1.44
CA LEU F 73 -1.64 39.56 2.86
C LEU F 73 -0.29 39.83 3.50
N ARG F 74 -0.34 40.24 4.77
CA ARG F 74 0.86 40.48 5.56
C ARG F 74 1.11 39.25 6.43
N GLY F 75 2.12 38.46 6.05
CA GLY F 75 2.45 37.26 6.80
C GLY F 75 3.49 37.49 7.87
N HIS G 3 -40.79 -15.96 8.97
CA HIS G 3 -39.41 -15.77 9.40
C HIS G 3 -38.43 -16.09 8.29
N MET G 4 -38.81 -17.04 7.42
CA MET G 4 -37.93 -17.45 6.34
C MET G 4 -37.63 -16.29 5.40
N ASP G 5 -38.63 -15.46 5.10
CA ASP G 5 -38.41 -14.34 4.19
C ASP G 5 -37.58 -13.24 4.84
N SER G 6 -37.60 -13.14 6.17
CA SER G 6 -36.78 -12.15 6.85
C SER G 6 -35.35 -12.65 7.08
N HIS G 7 -35.19 -13.95 7.33
CA HIS G 7 -33.86 -14.50 7.58
C HIS G 7 -33.01 -14.52 6.32
N TYR G 8 -33.61 -14.86 5.17
CA TYR G 8 -32.89 -14.90 3.91
C TYR G 8 -33.13 -13.67 3.04
N GLY G 9 -34.08 -12.82 3.39
CA GLY G 9 -34.18 -11.51 2.77
C GLY G 9 -34.75 -11.47 1.37
N PHE G 10 -35.61 -12.42 1.01
CA PHE G 10 -36.31 -12.36 -0.25
C PHE G 10 -37.64 -13.09 -0.14
N ASP G 11 -38.60 -12.68 -0.97
CA ASP G 11 -39.94 -13.24 -0.92
C ASP G 11 -39.94 -14.71 -1.33
N LYS G 12 -40.91 -15.45 -0.80
CA LYS G 12 -41.06 -16.89 -1.07
C LYS G 12 -39.79 -17.66 -0.71
N ALA G 13 -39.08 -17.19 0.33
CA ALA G 13 -37.82 -17.83 0.70
C ALA G 13 -38.05 -19.24 1.23
N GLY G 14 -39.15 -19.46 1.96
CA GLY G 14 -39.45 -20.80 2.44
C GLY G 14 -39.74 -21.78 1.33
N GLU G 15 -40.34 -21.30 0.23
CA GLU G 15 -40.62 -22.18 -0.90
C GLU G 15 -39.34 -22.62 -1.60
N PHE G 16 -38.37 -21.69 -1.74
CA PHE G 16 -37.16 -22.01 -2.47
C PHE G 16 -36.31 -23.05 -1.76
N HIS G 17 -36.18 -22.94 -0.43
CA HIS G 17 -35.30 -23.84 0.30
C HIS G 17 -35.83 -25.27 0.37
N MET G 18 -37.12 -25.46 0.16
CA MET G 18 -37.69 -26.81 0.11
C MET G 18 -37.45 -27.50 -1.23
N LEU G 19 -36.83 -26.81 -2.19
CA LEU G 19 -36.57 -27.39 -3.49
C LEU G 19 -35.30 -28.25 -3.45
N ASP G 20 -35.05 -28.95 -4.55
CA ASP G 20 -33.88 -29.79 -4.69
C ASP G 20 -32.81 -29.03 -5.47
N HIS G 21 -31.67 -28.76 -4.82
CA HIS G 21 -30.61 -27.97 -5.42
C HIS G 21 -29.53 -28.83 -6.08
N THR G 22 -29.66 -30.16 -6.04
CA THR G 22 -28.58 -31.02 -6.53
C THR G 22 -28.36 -30.88 -8.02
N GLY G 23 -29.39 -30.53 -8.78
CA GLY G 23 -29.25 -30.39 -10.22
C GLY G 23 -28.42 -29.20 -10.66
N PHE G 24 -28.09 -28.29 -9.75
CA PHE G 24 -27.35 -27.07 -10.08
C PHE G 24 -25.95 -27.07 -9.50
N ALA G 25 -25.45 -28.22 -9.04
CA ALA G 25 -24.09 -28.31 -8.50
C ALA G 25 -23.10 -28.40 -9.66
N PHE G 26 -22.91 -27.26 -10.32
CA PHE G 26 -22.02 -27.20 -11.46
C PHE G 26 -20.57 -27.38 -11.03
N PRO G 27 -19.75 -28.07 -11.81
CA PRO G 27 -18.32 -28.19 -11.47
C PRO G 27 -17.64 -26.84 -11.43
N SER G 28 -16.95 -26.56 -10.32
CA SER G 28 -16.33 -25.26 -10.10
C SER G 28 -14.87 -25.43 -9.74
N GLU G 29 -14.06 -24.48 -10.18
CA GLU G 29 -12.64 -24.39 -9.86
C GLU G 29 -12.33 -22.99 -9.36
N VAL G 30 -11.10 -22.79 -8.92
CA VAL G 30 -10.61 -21.48 -8.47
C VAL G 30 -9.54 -21.02 -9.43
N VAL G 31 -9.77 -19.87 -10.06
CA VAL G 31 -8.84 -19.28 -11.01
C VAL G 31 -8.55 -17.85 -10.58
N ASN G 32 -7.29 -17.55 -10.31
CA ASN G 32 -6.85 -16.23 -9.85
C ASN G 32 -7.60 -15.81 -8.58
N GLY G 33 -7.97 -16.78 -7.75
CA GLY G 33 -8.72 -16.52 -6.54
C GLY G 33 -10.21 -16.36 -6.72
N ARG G 34 -10.69 -16.30 -7.95
CA ARG G 34 -12.12 -16.17 -8.22
C ARG G 34 -12.76 -17.54 -8.36
N ARG G 35 -14.00 -17.66 -7.88
CA ARG G 35 -14.77 -18.88 -8.04
C ARG G 35 -15.44 -18.89 -9.40
N VAL G 36 -15.05 -19.83 -10.26
CA VAL G 36 -15.56 -19.91 -11.62
C VAL G 36 -16.19 -21.28 -11.86
N LEU G 37 -17.08 -21.33 -12.84
CA LEU G 37 -17.82 -22.53 -13.18
C LEU G 37 -17.40 -23.05 -14.55
N LYS G 38 -17.47 -24.37 -14.71
CA LYS G 38 -17.15 -24.99 -16.00
C LYS G 38 -18.30 -24.80 -16.98
N THR G 39 -17.95 -24.62 -18.25
CA THR G 39 -18.95 -24.39 -19.29
C THR G 39 -19.77 -25.64 -19.52
N THR G 40 -21.06 -25.59 -19.17
CA THR G 40 -21.98 -26.69 -19.37
C THR G 40 -23.40 -26.18 -19.16
N ASP G 41 -24.34 -26.72 -19.95
CA ASP G 41 -25.76 -26.38 -19.85
C ASP G 41 -26.01 -24.88 -20.00
N ASN G 42 -25.19 -24.21 -20.82
CA ASN G 42 -25.35 -22.78 -21.11
C ASN G 42 -25.33 -21.94 -19.84
N ASN G 43 -24.44 -22.28 -18.91
CA ASN G 43 -24.34 -21.56 -17.65
C ASN G 43 -23.35 -20.39 -17.69
N CYS G 44 -22.95 -19.96 -18.89
CA CYS G 44 -21.99 -18.87 -19.00
C CYS G 44 -22.55 -17.57 -18.44
N TRP G 45 -23.86 -17.35 -18.56
CA TRP G 45 -24.45 -16.14 -17.99
C TRP G 45 -24.42 -16.18 -16.47
N VAL G 46 -24.39 -17.39 -15.88
CA VAL G 46 -24.23 -17.50 -14.43
C VAL G 46 -22.78 -17.31 -14.03
N ASN G 47 -21.85 -17.80 -14.86
CA ASN G 47 -20.43 -17.70 -14.52
C ASN G 47 -19.95 -16.25 -14.51
N VAL G 48 -20.41 -15.46 -15.48
CA VAL G 48 -19.98 -14.05 -15.55
C VAL G 48 -20.79 -13.16 -14.62
N THR G 49 -22.00 -13.58 -14.23
CA THR G 49 -22.77 -12.81 -13.26
C THR G 49 -22.15 -12.91 -11.87
N CYS G 50 -21.79 -14.13 -11.45
CA CYS G 50 -21.15 -14.31 -10.16
C CYS G 50 -19.72 -13.76 -10.16
N LEU G 51 -19.06 -13.76 -11.33
CA LEU G 51 -17.71 -13.19 -11.40
C LEU G 51 -17.72 -11.70 -11.14
N GLN G 52 -18.69 -10.98 -11.73
CA GLN G 52 -18.76 -9.54 -11.51
C GLN G 52 -19.15 -9.21 -10.07
N LEU G 53 -19.87 -10.12 -9.41
CA LEU G 53 -20.12 -9.95 -7.98
C LEU G 53 -18.83 -10.10 -7.18
N GLN G 54 -17.91 -10.95 -7.63
CA GLN G 54 -16.65 -11.12 -6.93
C GLN G 54 -15.68 -9.98 -7.23
N PHE G 55 -15.61 -9.54 -8.49
CA PHE G 55 -14.74 -8.43 -8.84
C PHE G 55 -15.16 -7.15 -8.13
N ALA G 56 -16.43 -7.05 -7.74
CA ALA G 56 -16.94 -5.86 -7.07
C ALA G 56 -16.86 -5.94 -5.55
N ARG G 57 -16.54 -7.12 -5.00
CA ARG G 57 -16.46 -7.32 -3.56
C ARG G 57 -17.78 -6.95 -2.87
N PHE G 58 -18.88 -7.41 -3.46
CA PHE G 58 -20.21 -7.07 -3.00
C PHE G 58 -20.67 -7.99 -1.88
N ARG G 59 -21.52 -7.45 -1.01
CA ARG G 59 -22.20 -8.20 0.03
C ARG G 59 -23.71 -8.13 -0.20
N PHE G 60 -24.42 -9.10 0.34
CA PHE G 60 -25.87 -9.11 0.30
C PHE G 60 -26.45 -8.56 1.59
N LYS G 61 -27.59 -7.87 1.47
CA LYS G 61 -28.15 -7.14 2.60
C LYS G 61 -28.51 -8.08 3.75
N SER G 62 -29.33 -9.09 3.47
CA SER G 62 -29.70 -10.04 4.51
C SER G 62 -28.55 -10.98 4.82
N ALA G 63 -28.45 -11.38 6.10
CA ALA G 63 -27.41 -12.31 6.50
C ALA G 63 -27.63 -13.68 5.90
N GLY G 64 -28.89 -14.05 5.61
CA GLY G 64 -29.15 -15.36 5.04
C GLY G 64 -28.69 -15.48 3.60
N LEU G 65 -28.93 -14.44 2.80
CA LEU G 65 -28.46 -14.46 1.42
C LEU G 65 -26.94 -14.43 1.35
N GLN G 66 -26.28 -13.73 2.26
CA GLN G 66 -24.82 -13.68 2.26
C GLN G 66 -24.23 -15.04 2.58
N ALA G 67 -24.87 -15.81 3.46
CA ALA G 67 -24.41 -17.17 3.73
C ALA G 67 -24.54 -18.04 2.49
N MET G 68 -25.55 -17.80 1.66
CA MET G 68 -25.66 -18.51 0.39
C MET G 68 -24.57 -18.05 -0.58
N TRP G 69 -24.34 -16.74 -0.67
CA TRP G 69 -23.33 -16.22 -1.59
C TRP G 69 -21.93 -16.63 -1.18
N GLU G 70 -21.65 -16.64 0.12
CA GLU G 70 -20.34 -17.09 0.58
C GLU G 70 -20.14 -18.58 0.36
N SER G 71 -21.21 -19.36 0.37
CA SER G 71 -21.09 -20.78 0.07
C SER G 71 -20.69 -21.01 -1.38
N TYR G 72 -21.17 -20.15 -2.29
CA TYR G 72 -20.78 -20.25 -3.70
C TYR G 72 -19.27 -20.10 -3.87
N CYS G 73 -18.69 -19.12 -3.18
CA CYS G 73 -17.27 -18.85 -3.36
C CYS G 73 -16.40 -19.96 -2.78
N THR G 74 -16.86 -20.64 -1.73
CA THR G 74 -16.08 -21.70 -1.10
C THR G 74 -16.24 -23.04 -1.81
N GLY G 75 -17.06 -23.13 -2.85
CA GLY G 75 -17.23 -24.34 -3.62
C GLY G 75 -18.61 -24.95 -3.57
N ASP G 76 -19.44 -24.57 -2.60
CA ASP G 76 -20.80 -25.08 -2.50
C ASP G 76 -21.72 -24.18 -3.33
N VAL G 77 -21.64 -24.36 -4.65
CA VAL G 77 -22.31 -23.48 -5.59
C VAL G 77 -23.74 -23.90 -5.92
N ALA G 78 -24.18 -25.06 -5.43
CA ALA G 78 -25.46 -25.61 -5.86
C ALA G 78 -26.63 -24.73 -5.42
N MET G 79 -26.52 -24.11 -4.24
CA MET G 79 -27.66 -23.40 -3.69
C MET G 79 -27.82 -22.01 -4.31
N PHE G 80 -26.73 -21.26 -4.47
CA PHE G 80 -26.85 -19.91 -5.00
C PHE G 80 -27.14 -19.93 -6.51
N VAL G 81 -26.53 -20.87 -7.24
CA VAL G 81 -26.80 -20.96 -8.68
C VAL G 81 -28.26 -21.29 -8.92
N HIS G 82 -28.84 -22.17 -8.10
CA HIS G 82 -30.27 -22.44 -8.22
C HIS G 82 -31.09 -21.20 -7.92
N TRP G 83 -30.66 -20.38 -6.96
CA TRP G 83 -31.38 -19.15 -6.65
C TRP G 83 -31.29 -18.15 -7.79
N LEU G 84 -30.22 -18.19 -8.59
CA LEU G 84 -30.13 -17.31 -9.74
C LEU G 84 -31.13 -17.71 -10.82
N TYR G 85 -31.19 -19.01 -11.14
CA TYR G 85 -32.21 -19.49 -12.06
C TYR G 85 -33.61 -19.24 -11.50
N TRP G 86 -33.75 -19.35 -10.18
CA TRP G 86 -35.07 -19.16 -9.55
C TRP G 86 -35.48 -17.71 -9.57
N LEU G 87 -34.54 -16.79 -9.37
CA LEU G 87 -34.88 -15.37 -9.27
C LEU G 87 -35.25 -14.79 -10.62
N THR G 88 -34.45 -15.06 -11.65
CA THR G 88 -34.68 -14.50 -12.97
C THR G 88 -35.74 -15.24 -13.76
N GLY G 89 -36.27 -16.35 -13.25
CA GLY G 89 -37.28 -17.11 -13.96
C GLY G 89 -36.77 -17.79 -15.21
N VAL G 90 -35.61 -18.43 -15.13
CA VAL G 90 -34.99 -19.11 -16.26
C VAL G 90 -34.85 -20.59 -15.93
N ASP G 91 -35.15 -21.44 -16.91
CA ASP G 91 -34.99 -22.88 -16.75
C ASP G 91 -33.52 -23.26 -16.87
N LYS G 92 -33.15 -24.35 -16.20
CA LYS G 92 -31.77 -24.83 -16.29
C LYS G 92 -31.51 -25.40 -17.67
N GLY G 93 -30.30 -25.16 -18.18
CA GLY G 93 -29.92 -25.57 -19.52
C GLY G 93 -30.22 -24.54 -20.59
N GLN G 94 -30.97 -23.50 -20.28
CA GLN G 94 -31.34 -22.46 -21.24
C GLN G 94 -30.47 -21.22 -21.04
N PRO G 95 -30.03 -20.59 -22.13
CA PRO G 95 -29.27 -19.34 -21.99
C PRO G 95 -30.17 -18.20 -21.52
N SER G 96 -29.53 -17.16 -21.02
CA SER G 96 -30.25 -16.00 -20.50
C SER G 96 -29.32 -14.79 -20.55
N ASP G 97 -29.72 -13.71 -19.88
CA ASP G 97 -28.98 -12.45 -19.89
C ASP G 97 -28.29 -12.26 -18.55
N SER G 98 -26.99 -11.96 -18.60
CA SER G 98 -26.26 -11.67 -17.38
C SER G 98 -26.47 -10.23 -16.91
N GLU G 99 -26.64 -9.30 -17.85
CA GLU G 99 -26.92 -7.92 -17.48
C GLU G 99 -28.30 -7.77 -16.86
N ASN G 100 -29.25 -8.61 -17.29
CA ASN G 100 -30.56 -8.64 -16.64
C ASN G 100 -30.45 -9.19 -15.22
N ALA G 101 -29.62 -10.21 -15.02
CA ALA G 101 -29.49 -10.81 -13.70
C ALA G 101 -28.88 -9.83 -12.70
N LEU G 102 -27.86 -9.09 -13.13
CA LEU G 102 -27.23 -8.12 -12.23
C LEU G 102 -28.23 -7.05 -11.78
N ASN G 103 -29.11 -6.62 -12.67
CA ASN G 103 -30.12 -5.63 -12.31
C ASN G 103 -31.12 -6.20 -11.31
N MET G 104 -31.51 -7.46 -11.48
CA MET G 104 -32.44 -8.08 -10.55
C MET G 104 -31.78 -8.40 -9.22
N LEU G 105 -30.47 -8.61 -9.21
CA LEU G 105 -29.73 -8.79 -7.97
C LEU G 105 -29.43 -7.48 -7.26
N SER G 106 -29.67 -6.34 -7.91
CA SER G 106 -29.21 -5.06 -7.38
C SER G 106 -29.94 -4.69 -6.09
N LYS G 107 -31.23 -5.01 -5.99
CA LYS G 107 -31.98 -4.65 -4.79
C LYS G 107 -31.58 -5.48 -3.57
N TYR G 108 -30.86 -6.58 -3.76
CA TYR G 108 -30.46 -7.44 -2.66
C TYR G 108 -29.01 -7.23 -2.23
N ILE G 109 -28.31 -6.27 -2.84
CA ILE G 109 -26.88 -6.07 -2.62
C ILE G 109 -26.67 -4.75 -1.87
N VAL G 110 -25.79 -4.79 -0.88
CA VAL G 110 -25.40 -3.60 -0.13
C VAL G 110 -24.60 -2.68 -1.04
N PRO G 111 -25.00 -1.42 -1.22
CA PRO G 111 -24.20 -0.51 -2.05
C PRO G 111 -22.82 -0.27 -1.43
N ALA G 112 -21.78 -0.52 -2.22
CA ALA G 112 -20.41 -0.35 -1.79
C ALA G 112 -19.68 0.75 -2.55
N GLY G 113 -20.41 1.58 -3.30
CA GLY G 113 -19.78 2.63 -4.07
C GLY G 113 -20.79 3.67 -4.51
N SER G 114 -20.29 4.66 -5.24
CA SER G 114 -21.08 5.76 -5.74
C SER G 114 -20.62 6.13 -7.14
N VAL G 115 -21.48 6.83 -7.87
CA VAL G 115 -21.17 7.24 -9.23
C VAL G 115 -21.83 8.59 -9.49
N THR G 116 -21.15 9.42 -10.30
CA THR G 116 -21.64 10.74 -10.65
C THR G 116 -21.90 10.77 -12.15
N ILE G 117 -23.14 11.05 -12.51
CA ILE G 117 -23.59 11.06 -13.91
C ILE G 117 -23.88 12.50 -14.30
N GLU G 118 -23.08 13.05 -15.20
CA GLU G 118 -23.30 14.39 -15.73
C GLU G 118 -24.21 14.31 -16.94
N ARG G 119 -25.28 15.10 -16.93
CA ARG G 119 -26.28 15.13 -18.00
C ARG G 119 -26.10 16.43 -18.77
N VAL G 120 -25.26 16.39 -19.81
CA VAL G 120 -24.90 17.58 -20.56
C VAL G 120 -25.42 17.44 -21.99
N THR G 121 -25.39 18.56 -22.72
CA THR G 121 -25.82 18.62 -24.10
C THR G 121 -24.62 18.68 -25.03
N HIS G 122 -24.86 18.34 -26.31
CA HIS G 122 -23.80 18.39 -27.31
C HIS G 122 -23.23 19.80 -27.42
N ASP G 123 -24.09 20.82 -27.46
CA ASP G 123 -23.66 22.20 -27.50
C ASP G 123 -23.59 22.84 -26.13
N GLY G 124 -23.89 22.09 -25.07
CA GLY G 124 -23.78 22.60 -23.72
C GLY G 124 -24.90 23.52 -23.28
N CYS G 125 -26.10 23.35 -23.80
CA CYS G 125 -27.22 24.22 -23.43
C CYS G 125 -27.64 24.00 -21.98
N CYS G 126 -27.88 22.75 -21.59
CA CYS G 126 -28.46 22.43 -20.30
C CYS G 126 -27.64 21.31 -19.67
N CYS G 127 -27.29 21.48 -18.41
CA CYS G 127 -26.45 20.50 -17.71
C CYS G 127 -26.96 20.28 -16.30
N SER G 128 -26.58 19.14 -15.74
CA SER G 128 -26.92 18.76 -14.37
C SER G 128 -26.06 17.57 -13.97
N LYS G 129 -25.70 17.53 -12.69
CA LYS G 129 -24.98 16.40 -12.11
C LYS G 129 -25.84 15.78 -11.02
N ARG G 130 -25.80 14.45 -10.92
CA ARG G 130 -26.46 13.73 -9.85
C ARG G 130 -25.61 12.55 -9.44
N VAL G 131 -25.73 12.17 -8.18
CA VAL G 131 -24.90 11.12 -7.57
C VAL G 131 -25.79 9.91 -7.33
N VAL G 132 -25.50 8.83 -8.05
CA VAL G 132 -26.26 7.58 -7.94
C VAL G 132 -25.38 6.58 -7.19
N THR G 133 -25.82 6.18 -6.01
CA THR G 133 -25.08 5.23 -5.19
C THR G 133 -25.88 3.94 -5.08
N ALA G 134 -25.95 3.22 -6.20
CA ALA G 134 -26.58 1.92 -6.27
C ALA G 134 -25.55 0.87 -6.68
N PRO G 135 -25.70 -0.37 -6.23
CA PRO G 135 -24.74 -1.42 -6.63
C PRO G 135 -24.71 -1.66 -8.13
N VAL G 136 -25.82 -1.46 -8.83
CA VAL G 136 -25.90 -1.60 -10.28
C VAL G 136 -26.52 -0.34 -10.86
N VAL G 137 -25.74 0.39 -11.65
CA VAL G 137 -26.20 1.60 -12.33
C VAL G 137 -26.13 1.36 -13.83
N ASN G 138 -27.18 1.74 -14.54
CA ASN G 138 -27.26 1.54 -15.99
C ASN G 138 -26.81 2.81 -16.69
N ALA G 139 -25.66 2.74 -17.36
CA ALA G 139 -25.12 3.87 -18.11
C ALA G 139 -24.19 3.32 -19.18
N SER G 140 -23.71 4.23 -20.02
CA SER G 140 -22.78 3.83 -21.08
C SER G 140 -21.42 3.50 -20.48
N VAL G 141 -20.86 2.35 -20.87
CA VAL G 141 -19.53 1.96 -20.42
C VAL G 141 -18.43 2.74 -21.10
N LEU G 142 -18.77 3.64 -22.01
CA LEU G 142 -17.81 4.51 -22.68
C LEU G 142 -17.82 5.89 -22.03
N LYS G 143 -16.68 6.58 -22.11
CA LYS G 143 -16.60 7.94 -21.60
C LYS G 143 -17.42 8.92 -22.42
N LEU G 144 -17.90 8.51 -23.61
CA LEU G 144 -18.72 9.39 -24.43
C LEU G 144 -20.13 9.53 -23.89
N GLY G 145 -20.71 8.43 -23.42
CA GLY G 145 -22.08 8.44 -22.94
C GLY G 145 -23.07 8.03 -24.02
N VAL G 146 -24.34 8.26 -23.72
CA VAL G 146 -25.44 7.96 -24.63
C VAL G 146 -26.41 9.13 -24.61
N GLU G 147 -27.30 9.15 -25.61
CA GLU G 147 -28.32 10.17 -25.72
C GLU G 147 -29.55 9.77 -24.91
N ASP G 148 -30.19 10.76 -24.30
CA ASP G 148 -31.27 10.51 -23.35
C ASP G 148 -32.26 11.66 -23.34
N GLY G 149 -32.88 11.95 -24.47
CA GLY G 149 -33.88 12.99 -24.52
C GLY G 149 -33.35 14.30 -25.08
N LEU G 150 -34.18 15.33 -24.98
CA LEU G 150 -33.94 16.59 -25.65
C LEU G 150 -33.89 17.76 -24.67
N CYS G 151 -32.91 18.63 -24.85
CA CYS G 151 -32.83 19.94 -24.23
C CYS G 151 -34.12 20.71 -24.51
N PRO G 152 -34.55 21.62 -23.63
CA PRO G 152 -35.70 22.47 -23.97
C PRO G 152 -35.51 23.30 -25.23
N HIS G 153 -34.27 23.49 -25.69
CA HIS G 153 -33.98 24.13 -26.97
C HIS G 153 -33.95 23.13 -28.13
N GLY G 154 -34.31 21.88 -27.89
CA GLY G 154 -34.34 20.90 -28.97
C GLY G 154 -33.02 20.24 -29.27
N LEU G 155 -32.21 19.99 -28.25
CA LEU G 155 -30.88 19.40 -28.42
C LEU G 155 -30.76 18.16 -27.56
N ASN G 156 -29.95 17.21 -28.03
CA ASN G 156 -29.89 15.89 -27.40
C ASN G 156 -29.09 15.92 -26.12
N TYR G 157 -29.66 15.34 -25.06
CA TYR G 157 -28.93 15.18 -23.80
C TYR G 157 -27.89 14.07 -23.92
N ILE G 158 -26.85 14.16 -23.09
CA ILE G 158 -25.80 13.16 -23.03
C ILE G 158 -25.60 12.74 -21.58
N ASP G 159 -25.68 11.43 -21.32
CA ASP G 159 -25.51 10.87 -19.98
C ASP G 159 -24.19 10.12 -19.92
N LYS G 160 -23.23 10.67 -19.20
CA LYS G 160 -21.90 10.08 -19.07
C LYS G 160 -21.46 10.09 -17.61
N VAL G 161 -20.65 9.10 -17.26
CA VAL G 161 -20.06 9.01 -15.92
C VAL G 161 -18.79 9.84 -15.89
N VAL G 162 -18.64 10.67 -14.87
CA VAL G 162 -17.53 11.61 -14.79
C VAL G 162 -16.68 11.35 -13.54
N VAL G 163 -17.32 10.93 -12.45
CA VAL G 163 -16.65 10.71 -11.18
C VAL G 163 -17.11 9.38 -10.60
N VAL G 164 -16.17 8.61 -10.06
CA VAL G 164 -16.45 7.32 -9.44
C VAL G 164 -15.82 7.29 -8.06
N LYS G 165 -16.61 6.91 -7.06
CA LYS G 165 -16.12 6.71 -5.70
C LYS G 165 -16.65 5.38 -5.19
N GLY G 166 -15.75 4.56 -4.65
CA GLY G 166 -16.13 3.23 -4.22
C GLY G 166 -16.11 2.24 -5.37
N THR G 167 -17.02 1.27 -5.31
CA THR G 167 -17.12 0.23 -6.33
C THR G 167 -18.58 0.04 -6.69
N THR G 168 -18.88 0.05 -8.00
CA THR G 168 -20.23 -0.12 -8.49
C THR G 168 -20.18 -0.76 -9.87
N ILE G 169 -21.21 -1.54 -10.19
CA ILE G 169 -21.31 -2.22 -11.48
C ILE G 169 -22.09 -1.34 -12.45
N VAL G 170 -21.47 -1.03 -13.58
CA VAL G 170 -22.08 -0.20 -14.62
C VAL G 170 -22.48 -1.10 -15.77
N VAL G 171 -23.78 -1.24 -16.00
CA VAL G 171 -24.31 -2.06 -17.08
C VAL G 171 -24.59 -1.16 -18.28
N ASN G 172 -24.12 -1.58 -19.45
CA ASN G 172 -24.26 -0.76 -20.65
C ASN G 172 -25.72 -0.65 -21.06
N VAL G 173 -26.09 0.53 -21.56
CA VAL G 173 -27.43 0.79 -22.07
C VAL G 173 -27.32 0.73 -23.59
N GLY G 174 -27.50 -0.47 -24.13
CA GLY G 174 -27.43 -0.69 -25.56
C GLY G 174 -26.77 -2.02 -25.87
N LYS G 175 -26.43 -2.20 -27.13
CA LYS G 175 -25.80 -3.43 -27.59
C LYS G 175 -24.38 -3.54 -27.03
N PRO G 176 -23.81 -4.76 -27.04
CA PRO G 176 -22.40 -4.89 -26.68
C PRO G 176 -21.52 -4.04 -27.59
N VAL G 177 -20.82 -3.08 -26.99
CA VAL G 177 -20.10 -2.06 -27.72
C VAL G 177 -18.63 -2.45 -27.82
N VAL G 178 -18.06 -2.30 -29.02
CA VAL G 178 -16.64 -2.51 -29.27
C VAL G 178 -16.00 -1.15 -29.49
N ALA G 179 -14.87 -0.91 -28.82
CA ALA G 179 -14.16 0.35 -28.92
C ALA G 179 -12.75 0.16 -28.39
N PRO G 180 -11.80 1.01 -28.77
CA PRO G 180 -10.46 0.92 -28.19
C PRO G 180 -10.50 1.06 -26.68
N SER G 181 -9.51 0.45 -26.02
CA SER G 181 -9.56 0.29 -24.57
C SER G 181 -9.55 1.63 -23.84
N HIS G 182 -8.90 2.65 -24.41
CA HIS G 182 -8.84 3.95 -23.75
C HIS G 182 -10.17 4.67 -23.71
N LEU G 183 -11.20 4.13 -24.37
CA LEU G 183 -12.52 4.76 -24.39
C LEU G 183 -13.49 4.16 -23.37
N PHE G 184 -13.24 2.96 -22.88
CA PHE G 184 -14.07 2.38 -21.84
C PHE G 184 -13.80 3.06 -20.50
N LEU G 185 -14.76 2.93 -19.59
CA LEU G 185 -14.58 3.44 -18.24
C LEU G 185 -13.51 2.64 -17.52
N LYS G 186 -12.72 3.33 -16.69
CA LYS G 186 -11.64 2.70 -15.94
C LYS G 186 -12.23 1.75 -14.91
N GLY G 187 -12.17 0.45 -15.19
CA GLY G 187 -12.72 -0.56 -14.30
C GLY G 187 -11.72 -1.69 -14.07
N VAL G 188 -12.17 -2.66 -13.27
CA VAL G 188 -11.33 -3.81 -12.93
C VAL G 188 -11.69 -5.05 -13.73
N SER G 189 -12.88 -5.12 -14.32
CA SER G 189 -13.28 -6.27 -15.11
C SER G 189 -14.34 -5.83 -16.11
N TYR G 190 -14.36 -6.52 -17.25
CA TYR G 190 -15.28 -6.19 -18.35
C TYR G 190 -15.91 -7.48 -18.83
N THR G 191 -17.23 -7.61 -18.66
CA THR G 191 -17.96 -8.75 -19.19
C THR G 191 -18.15 -8.58 -20.69
N THR G 192 -17.82 -9.62 -21.45
CA THR G 192 -17.89 -9.58 -22.90
C THR G 192 -18.87 -10.62 -23.41
N PHE G 193 -19.51 -10.31 -24.53
CA PHE G 193 -20.51 -11.16 -25.15
C PHE G 193 -20.15 -11.37 -26.62
N LEU G 194 -19.96 -12.61 -27.01
CA LEU G 194 -19.61 -12.97 -28.38
C LEU G 194 -20.77 -13.71 -29.03
N ASP G 195 -21.22 -13.23 -30.19
CA ASP G 195 -22.35 -13.81 -30.87
C ASP G 195 -21.90 -14.91 -31.83
N ASN G 196 -22.81 -15.84 -32.09
CA ASN G 196 -22.53 -16.97 -32.98
C ASN G 196 -23.59 -17.09 -34.07
N VAL G 200 -29.81 -18.86 -32.08
CA VAL G 200 -28.50 -19.32 -31.64
C VAL G 200 -28.28 -18.95 -30.18
N ALA G 201 -27.02 -19.01 -29.74
CA ALA G 201 -26.67 -18.68 -28.36
C ALA G 201 -25.28 -18.07 -28.34
N GLY G 202 -25.15 -16.91 -27.70
CA GLY G 202 -23.87 -16.26 -27.54
C GLY G 202 -23.04 -16.88 -26.43
N HIS G 203 -21.89 -16.26 -26.18
CA HIS G 203 -20.96 -16.73 -25.15
C HIS G 203 -20.53 -15.57 -24.28
N TYR G 204 -20.51 -15.81 -22.97
CA TYR G 204 -20.17 -14.81 -21.96
C TYR G 204 -18.78 -15.08 -21.40
N THR G 205 -17.95 -14.04 -21.34
CA THR G 205 -16.64 -14.11 -20.72
C THR G 205 -16.39 -12.82 -19.94
N VAL G 206 -15.38 -12.86 -19.08
CA VAL G 206 -14.96 -11.71 -18.28
C VAL G 206 -13.49 -11.43 -18.55
N PHE G 207 -13.17 -10.15 -18.71
CA PHE G 207 -11.80 -9.71 -19.02
C PHE G 207 -11.18 -9.11 -17.76
N ASP G 208 -10.20 -9.81 -17.18
CA ASP G 208 -9.48 -9.28 -16.03
C ASP G 208 -8.50 -8.21 -16.49
N HIS G 209 -8.54 -7.05 -15.84
CA HIS G 209 -7.68 -5.94 -16.26
C HIS G 209 -6.29 -6.04 -15.66
N ASP G 210 -6.16 -6.61 -14.46
CA ASP G 210 -4.83 -6.78 -13.87
C ASP G 210 -4.00 -7.78 -14.67
N THR G 211 -4.53 -9.00 -14.85
CA THR G 211 -3.80 -10.04 -15.56
C THR G 211 -3.77 -9.80 -17.06
N GLY G 212 -4.68 -9.00 -17.59
CA GLY G 212 -4.78 -8.88 -19.04
C GLY G 212 -5.29 -10.13 -19.71
N MET G 213 -5.85 -11.06 -18.94
CA MET G 213 -6.36 -12.32 -19.44
C MET G 213 -7.89 -12.29 -19.40
N VAL G 214 -8.51 -13.44 -19.69
CA VAL G 214 -9.95 -13.55 -19.80
C VAL G 214 -10.42 -14.78 -19.03
N HIS G 215 -11.46 -14.60 -18.21
CA HIS G 215 -12.14 -15.72 -17.57
C HIS G 215 -13.12 -16.32 -18.57
N ASP G 216 -12.81 -17.50 -19.09
CA ASP G 216 -13.67 -18.23 -20.02
C ASP G 216 -14.00 -19.57 -19.38
N GLY G 217 -15.08 -19.60 -18.59
CA GLY G 217 -15.43 -20.80 -17.86
C GLY G 217 -14.50 -21.02 -16.70
N ASP G 218 -13.82 -22.17 -16.67
CA ASP G 218 -12.88 -22.49 -15.60
C ASP G 218 -11.43 -22.37 -16.04
N VAL G 219 -11.17 -21.79 -17.22
CA VAL G 219 -9.80 -21.62 -17.69
C VAL G 219 -9.49 -20.14 -17.80
N PHE G 220 -8.27 -19.82 -18.28
CA PHE G 220 -7.74 -18.45 -18.28
C PHE G 220 -7.11 -18.22 -19.65
N VAL G 221 -7.92 -17.75 -20.60
CA VAL G 221 -7.49 -17.59 -21.99
C VAL G 221 -7.07 -16.14 -22.24
N PRO G 222 -6.24 -15.88 -23.25
CA PRO G 222 -5.88 -14.49 -23.56
C PRO G 222 -7.04 -13.75 -24.22
N GLY G 223 -6.98 -12.42 -24.14
CA GLY G 223 -8.04 -11.60 -24.70
C GLY G 223 -7.56 -10.20 -25.00
N ASP G 224 -8.30 -9.54 -25.89
CA ASP G 224 -7.99 -8.19 -26.34
C ASP G 224 -9.21 -7.31 -26.12
N LEU G 225 -9.05 -6.25 -25.32
CA LEU G 225 -10.17 -5.35 -25.04
C LEU G 225 -10.54 -4.50 -26.24
N ASN G 226 -9.61 -4.29 -27.18
CA ASN G 226 -9.90 -3.47 -28.35
C ASN G 226 -10.92 -4.14 -29.28
N VAL G 227 -11.14 -5.45 -29.15
CA VAL G 227 -12.05 -6.17 -30.03
C VAL G 227 -13.07 -6.94 -29.21
N SER G 228 -13.11 -6.70 -27.90
CA SER G 228 -14.02 -7.40 -27.01
C SER G 228 -15.30 -6.61 -26.86
N PRO G 229 -16.47 -7.18 -27.19
CA PRO G 229 -17.73 -6.45 -27.01
C PRO G 229 -18.17 -6.41 -25.56
N VAL G 230 -17.98 -5.27 -24.90
CA VAL G 230 -18.24 -5.14 -23.47
C VAL G 230 -19.72 -4.86 -23.23
N THR G 231 -20.31 -5.57 -22.26
CA THR G 231 -21.69 -5.35 -21.88
C THR G 231 -21.85 -4.73 -20.50
N ASN G 232 -20.89 -4.92 -19.61
CA ASN G 232 -20.89 -4.24 -18.32
C ASN G 232 -19.46 -4.20 -17.80
N VAL G 233 -19.25 -3.42 -16.75
CA VAL G 233 -17.93 -3.22 -16.18
C VAL G 233 -18.05 -2.92 -14.70
N VAL G 234 -17.19 -3.54 -13.89
CA VAL G 234 -17.09 -3.23 -12.47
C VAL G 234 -16.11 -2.07 -12.34
N VAL G 235 -16.66 -0.87 -12.20
CA VAL G 235 -15.83 0.33 -12.08
C VAL G 235 -15.41 0.51 -10.62
N SER G 236 -14.21 1.04 -10.42
CA SER G 236 -13.70 1.29 -9.08
C SER G 236 -12.67 2.40 -9.15
N GLU G 237 -12.37 2.97 -7.98
CA GLU G 237 -11.37 4.03 -7.88
C GLU G 237 -10.13 3.55 -7.12
N MET H 1 -50.93 11.11 -21.56
CA MET H 1 -49.60 11.65 -21.83
C MET H 1 -48.81 10.72 -22.75
N GLN H 2 -47.75 11.25 -23.36
CA GLN H 2 -46.90 10.50 -24.26
C GLN H 2 -45.49 10.39 -23.69
N ILE H 3 -44.81 9.29 -24.00
CA ILE H 3 -43.44 9.06 -23.59
C ILE H 3 -42.65 8.57 -24.80
N PHE H 4 -41.32 8.61 -24.66
CA PHE H 4 -40.41 8.22 -25.72
C PHE H 4 -39.64 6.97 -25.31
N VAL H 5 -39.31 6.14 -26.30
CA VAL H 5 -38.54 4.91 -26.10
C VAL H 5 -37.50 4.81 -27.19
N LYS H 6 -36.22 4.78 -26.80
CA LYS H 6 -35.13 4.64 -27.75
C LYS H 6 -35.00 3.18 -28.17
N THR H 7 -35.10 2.94 -29.48
CA THR H 7 -35.05 1.59 -30.02
C THR H 7 -33.60 1.22 -30.37
N LEU H 8 -33.40 -0.05 -30.73
CA LEU H 8 -32.07 -0.54 -31.06
C LEU H 8 -31.48 0.19 -32.26
N THR H 9 -32.32 0.45 -33.27
CA THR H 9 -31.85 1.03 -34.52
C THR H 9 -31.29 2.43 -34.36
N GLY H 10 -31.44 3.05 -33.19
CA GLY H 10 -31.07 4.43 -32.99
C GLY H 10 -32.21 5.40 -33.10
N LYS H 11 -33.38 4.95 -33.56
CA LYS H 11 -34.57 5.78 -33.66
C LYS H 11 -35.32 5.81 -32.33
N THR H 12 -36.11 6.85 -32.15
CA THR H 12 -36.93 7.04 -30.96
C THR H 12 -38.40 7.07 -31.36
N ILE H 13 -39.21 6.27 -30.69
CA ILE H 13 -40.64 6.19 -30.97
C ILE H 13 -41.41 6.75 -29.79
N THR H 14 -42.66 7.12 -30.04
CA THR H 14 -43.53 7.71 -29.04
C THR H 14 -44.67 6.76 -28.71
N LEU H 15 -45.01 6.68 -27.43
CA LEU H 15 -46.08 5.81 -26.95
C LEU H 15 -47.15 6.64 -26.26
N GLU H 16 -48.37 6.12 -26.26
CA GLU H 16 -49.51 6.77 -25.60
C GLU H 16 -49.86 5.94 -24.37
N VAL H 17 -49.44 6.42 -23.20
CA VAL H 17 -49.56 5.69 -21.95
C VAL H 17 -50.28 6.56 -20.93
N GLU H 18 -50.52 5.97 -19.76
CA GLU H 18 -51.09 6.65 -18.60
C GLU H 18 -50.21 6.37 -17.39
N PRO H 19 -50.17 7.28 -16.41
CA PRO H 19 -49.34 7.04 -15.23
C PRO H 19 -49.74 5.79 -14.45
N SER H 20 -51.00 5.37 -14.53
CA SER H 20 -51.47 4.19 -13.82
C SER H 20 -51.08 2.89 -14.50
N ASP H 21 -50.63 2.94 -15.75
CA ASP H 21 -50.29 1.72 -16.48
C ASP H 21 -49.05 1.06 -15.87
N THR H 22 -49.04 -0.27 -15.92
CA THR H 22 -47.89 -1.03 -15.45
C THR H 22 -46.80 -1.08 -16.53
N ILE H 23 -45.63 -1.58 -16.13
CA ILE H 23 -44.53 -1.68 -17.08
C ILE H 23 -44.83 -2.74 -18.13
N GLU H 24 -45.51 -3.82 -17.74
CA GLU H 24 -45.92 -4.82 -18.71
C GLU H 24 -46.83 -4.21 -19.78
N ASN H 25 -47.71 -3.29 -19.39
CA ASN H 25 -48.54 -2.60 -20.36
C ASN H 25 -47.70 -1.74 -21.30
N VAL H 26 -46.61 -1.16 -20.79
CA VAL H 26 -45.71 -0.39 -21.65
C VAL H 26 -44.98 -1.32 -22.61
N LYS H 27 -44.59 -2.51 -22.13
CA LYS H 27 -43.96 -3.49 -23.01
C LYS H 27 -44.93 -3.97 -24.09
N ALA H 28 -46.21 -4.08 -23.74
CA ALA H 28 -47.20 -4.52 -24.71
C ALA H 28 -47.40 -3.49 -25.81
N LYS H 29 -47.35 -2.19 -25.46
CA LYS H 29 -47.45 -1.15 -26.46
C LYS H 29 -46.23 -1.11 -27.37
N ILE H 30 -45.06 -1.48 -26.84
CA ILE H 30 -43.87 -1.58 -27.68
C ILE H 30 -43.98 -2.78 -28.60
N GLN H 31 -44.57 -3.87 -28.11
CA GLN H 31 -44.77 -5.05 -28.95
C GLN H 31 -45.73 -4.74 -30.10
N ASP H 32 -46.82 -4.05 -29.81
CA ASP H 32 -47.78 -3.66 -30.84
C ASP H 32 -47.21 -2.63 -31.80
N LYS H 33 -46.11 -1.98 -31.47
CA LYS H 33 -45.51 -0.96 -32.30
C LYS H 33 -44.17 -1.35 -32.89
N GLU H 34 -43.45 -2.30 -32.28
CA GLU H 34 -42.16 -2.74 -32.77
C GLU H 34 -42.06 -4.23 -33.03
N GLY H 35 -43.03 -5.03 -32.59
CA GLY H 35 -42.99 -6.45 -32.86
C GLY H 35 -41.98 -7.23 -32.06
N ILE H 36 -41.62 -6.75 -30.88
CA ILE H 36 -40.70 -7.44 -29.98
C ILE H 36 -41.50 -8.00 -28.81
N PRO H 37 -41.39 -9.30 -28.52
CA PRO H 37 -42.18 -9.86 -27.42
C PRO H 37 -41.72 -9.28 -26.09
N PRO H 38 -42.60 -9.24 -25.09
CA PRO H 38 -42.19 -8.71 -23.78
C PRO H 38 -41.13 -9.54 -23.08
N ASP H 39 -40.93 -10.80 -23.49
CA ASP H 39 -39.90 -11.63 -22.87
C ASP H 39 -38.50 -11.12 -23.20
N GLN H 40 -38.34 -10.46 -24.34
CA GLN H 40 -37.03 -9.97 -24.79
C GLN H 40 -36.82 -8.50 -24.51
N GLN H 41 -37.72 -7.86 -23.76
CA GLN H 41 -37.64 -6.43 -23.49
C GLN H 41 -37.18 -6.18 -22.06
N ARG H 42 -36.38 -5.14 -21.89
CA ARG H 42 -36.04 -4.63 -20.56
C ARG H 42 -35.80 -3.13 -20.68
N LEU H 43 -36.69 -2.34 -20.09
CA LEU H 43 -36.63 -0.89 -20.16
C LEU H 43 -35.86 -0.34 -18.97
N ILE H 44 -35.13 0.75 -19.21
CA ILE H 44 -34.37 1.43 -18.17
C ILE H 44 -34.71 2.92 -18.22
N PHE H 45 -34.77 3.53 -17.04
CA PHE H 45 -35.04 4.97 -16.91
C PHE H 45 -34.21 5.51 -15.76
N ALA H 46 -33.43 6.55 -16.06
CA ALA H 46 -32.54 7.19 -15.07
C ALA H 46 -31.60 6.17 -14.44
N GLY H 47 -31.12 5.23 -15.25
CA GLY H 47 -30.20 4.21 -14.79
C GLY H 47 -30.83 3.04 -14.08
N LYS H 48 -32.15 3.03 -13.90
CA LYS H 48 -32.85 1.96 -13.19
C LYS H 48 -33.62 1.11 -14.19
N GLN H 49 -33.44 -0.20 -14.12
CA GLN H 49 -34.22 -1.12 -14.94
C GLN H 49 -35.60 -1.29 -14.34
N LEU H 50 -36.64 -1.02 -15.14
CA LEU H 50 -38.00 -1.07 -14.66
C LEU H 50 -38.44 -2.52 -14.42
N GLU H 51 -39.19 -2.73 -13.34
CA GLU H 51 -39.70 -4.05 -13.00
C GLU H 51 -41.10 -4.23 -13.59
N ASP H 52 -41.43 -5.50 -13.86
CA ASP H 52 -42.66 -5.81 -14.60
C ASP H 52 -43.91 -5.46 -13.81
N GLY H 53 -43.85 -5.54 -12.47
CA GLY H 53 -45.05 -5.39 -11.67
C GLY H 53 -45.24 -4.02 -11.04
N ARG H 54 -44.61 -2.99 -11.59
CA ARG H 54 -44.73 -1.65 -11.07
C ARG H 54 -45.28 -0.71 -12.15
N THR H 55 -45.73 0.46 -11.72
CA THR H 55 -46.32 1.45 -12.60
C THR H 55 -45.31 2.54 -12.94
N LEU H 56 -45.66 3.34 -13.96
CA LEU H 56 -44.80 4.45 -14.35
C LEU H 56 -44.70 5.49 -13.24
N SER H 57 -45.81 5.71 -12.52
CA SER H 57 -45.78 6.68 -11.42
C SER H 57 -44.88 6.22 -10.28
N ASP H 58 -44.70 4.91 -10.12
CA ASP H 58 -43.80 4.41 -9.09
C ASP H 58 -42.36 4.78 -9.39
N TYR H 59 -42.01 4.94 -10.66
CA TYR H 59 -40.68 5.38 -11.07
C TYR H 59 -40.61 6.87 -11.33
N ASN H 60 -41.68 7.61 -11.01
CA ASN H 60 -41.74 9.05 -11.23
C ASN H 60 -41.46 9.42 -12.69
N ILE H 61 -41.96 8.58 -13.60
CA ILE H 61 -41.82 8.85 -15.02
C ILE H 61 -42.79 9.97 -15.39
N GLN H 62 -42.26 11.16 -15.63
CA GLN H 62 -43.08 12.35 -15.84
C GLN H 62 -43.62 12.36 -17.27
N LYS H 63 -44.21 13.48 -17.67
CA LYS H 63 -44.71 13.65 -19.02
C LYS H 63 -43.55 13.81 -20.00
N GLU H 64 -43.60 13.08 -21.11
CA GLU H 64 -42.59 13.15 -22.16
C GLU H 64 -41.22 12.73 -21.64
N SER H 65 -41.18 11.58 -20.97
CA SER H 65 -39.93 11.00 -20.50
C SER H 65 -39.39 10.01 -21.53
N THR H 66 -38.08 9.82 -21.50
CA THR H 66 -37.38 8.98 -22.48
C THR H 66 -36.94 7.69 -21.80
N LEU H 67 -37.40 6.56 -22.32
CA LEU H 67 -36.96 5.25 -21.89
C LEU H 67 -36.03 4.65 -22.94
N HIS H 68 -35.28 3.64 -22.53
CA HIS H 68 -34.36 2.93 -23.42
C HIS H 68 -34.77 1.47 -23.51
N LEU H 69 -34.74 0.94 -24.72
CA LEU H 69 -35.08 -0.46 -24.99
C LEU H 69 -33.81 -1.22 -25.35
N VAL H 70 -33.52 -2.27 -24.58
CA VAL H 70 -32.42 -3.18 -24.87
C VAL H 70 -32.96 -4.60 -24.82
N LEU H 71 -32.32 -5.49 -25.57
CA LEU H 71 -32.80 -6.86 -25.71
C LEU H 71 -32.11 -7.81 -24.75
N ARG H 72 -32.88 -8.82 -24.32
CA ARG H 72 -32.34 -9.92 -23.54
C ARG H 72 -31.37 -10.72 -24.39
N LEU H 73 -30.08 -10.65 -24.06
CA LEU H 73 -29.10 -11.49 -24.74
C LEU H 73 -29.28 -12.94 -24.31
N ARG H 74 -28.92 -13.85 -25.22
CA ARG H 74 -29.07 -15.28 -24.93
C ARG H 74 -27.71 -15.94 -24.75
N GLY H 75 -26.98 -15.52 -23.72
CA GLY H 75 -25.68 -16.10 -23.42
C GLY H 75 -25.79 -17.36 -22.57
N HIS I 3 -36.21 21.01 -16.90
CA HIS I 3 -34.76 21.13 -16.73
C HIS I 3 -34.40 21.51 -15.30
N MET I 4 -35.19 22.41 -14.72
CA MET I 4 -34.94 22.83 -13.34
C MET I 4 -35.11 21.68 -12.36
N ASP I 5 -36.04 20.76 -12.65
CA ASP I 5 -36.20 19.58 -11.81
C ASP I 5 -34.97 18.70 -11.82
N SER I 6 -34.23 18.69 -12.94
CA SER I 6 -33.04 17.85 -13.04
C SER I 6 -31.83 18.51 -12.40
N HIS I 7 -31.68 19.83 -12.57
CA HIS I 7 -30.51 20.52 -12.01
C HIS I 7 -30.59 20.57 -10.50
N TYR I 8 -31.77 20.84 -9.94
CA TYR I 8 -31.93 20.91 -8.49
C TYR I 8 -32.27 19.57 -7.86
N GLY I 9 -32.73 18.61 -8.64
CA GLY I 9 -32.89 17.25 -8.15
C GLY I 9 -34.18 16.96 -7.40
N PHE I 10 -35.20 17.79 -7.55
CA PHE I 10 -36.49 17.51 -6.95
C PHE I 10 -37.59 18.09 -7.82
N ASP I 11 -38.78 17.50 -7.72
CA ASP I 11 -39.92 17.94 -8.51
C ASP I 11 -40.31 19.36 -8.14
N LYS I 12 -40.87 20.08 -9.11
CA LYS I 12 -41.36 21.45 -8.92
C LYS I 12 -40.23 22.38 -8.47
N ALA I 13 -39.05 22.18 -9.05
CA ALA I 13 -37.91 23.04 -8.71
C ALA I 13 -38.05 24.41 -9.35
N GLY I 14 -38.78 24.50 -10.46
CA GLY I 14 -39.04 25.80 -11.06
C GLY I 14 -39.89 26.70 -10.19
N GLU I 15 -40.83 26.11 -9.44
CA GLU I 15 -41.66 26.89 -8.52
C GLU I 15 -40.81 27.54 -7.44
N PHE I 16 -40.04 26.72 -6.72
CA PHE I 16 -39.31 27.21 -5.56
C PHE I 16 -38.27 28.26 -5.95
N HIS I 17 -37.55 28.03 -7.06
CA HIS I 17 -36.52 28.98 -7.47
C HIS I 17 -37.12 30.33 -7.81
N MET I 18 -38.38 30.38 -8.21
CA MET I 18 -39.05 31.63 -8.51
C MET I 18 -39.62 32.33 -7.28
N LEU I 19 -39.57 31.69 -6.12
CA LEU I 19 -40.15 32.27 -4.91
C LEU I 19 -39.21 33.32 -4.31
N ASP I 20 -39.65 33.92 -3.22
CA ASP I 20 -38.90 34.94 -2.49
C ASP I 20 -38.36 34.31 -1.21
N HIS I 21 -37.04 34.17 -1.13
CA HIS I 21 -36.39 33.54 0.01
C HIS I 21 -35.91 34.54 1.06
N THR I 22 -36.03 35.84 0.80
CA THR I 22 -35.47 36.85 1.69
C THR I 22 -36.09 36.81 3.08
N GLY I 23 -37.29 36.25 3.23
CA GLY I 23 -37.93 36.17 4.54
C GLY I 23 -37.35 35.10 5.45
N PHE I 24 -36.46 34.25 4.93
CA PHE I 24 -35.88 33.16 5.71
C PHE I 24 -34.40 33.39 6.00
N ALA I 25 -33.93 34.63 5.84
CA ALA I 25 -32.52 34.97 6.10
C ALA I 25 -32.33 35.17 7.61
N PHE I 26 -32.40 34.06 8.34
CA PHE I 26 -32.24 34.11 9.79
C PHE I 26 -30.79 34.43 10.14
N PRO I 27 -30.56 35.11 11.27
CA PRO I 27 -29.18 35.40 11.69
C PRO I 27 -28.45 34.10 12.05
N SER I 28 -27.31 33.90 11.40
CA SER I 28 -26.50 32.70 11.58
C SER I 28 -25.13 33.05 12.14
N GLU I 29 -24.58 32.14 12.92
CA GLU I 29 -23.24 32.25 13.48
C GLU I 29 -22.52 30.93 13.29
N VAL I 30 -21.24 30.90 13.69
CA VAL I 30 -20.42 29.70 13.64
C VAL I 30 -19.99 29.39 15.07
N VAL I 31 -20.52 28.29 15.62
CA VAL I 31 -20.20 27.86 16.97
C VAL I 31 -19.58 26.47 16.88
N ASN I 32 -18.37 26.34 17.42
CA ASN I 32 -17.63 25.07 17.42
C ASN I 32 -17.41 24.55 15.99
N GLY I 33 -17.40 25.44 15.02
CA GLY I 33 -17.23 25.06 13.63
C GLY I 33 -18.49 24.64 12.93
N ARG I 34 -19.66 24.84 13.53
CA ARG I 34 -20.94 24.49 12.94
C ARG I 34 -21.75 25.75 12.65
N ARG I 35 -22.51 25.71 11.57
CA ARG I 35 -23.39 26.81 11.21
C ARG I 35 -24.70 26.67 11.98
N VAL I 36 -24.94 27.59 12.91
CA VAL I 36 -26.12 27.54 13.78
C VAL I 36 -27.01 28.74 13.49
N LEU I 37 -28.27 28.62 13.90
CA LEU I 37 -29.26 29.66 13.72
C LEU I 37 -29.73 30.17 15.08
N LYS I 38 -29.87 31.48 15.20
CA LYS I 38 -30.35 32.07 16.45
C LYS I 38 -31.81 31.71 16.67
N THR I 39 -32.16 31.44 17.92
CA THR I 39 -33.50 31.00 18.27
C THR I 39 -34.49 32.14 18.05
N THR I 40 -35.31 32.03 17.01
CA THR I 40 -36.33 33.02 16.71
C THR I 40 -37.33 32.43 15.73
N ASP I 41 -38.59 32.87 15.84
CA ASP I 41 -39.67 32.44 14.95
C ASP I 41 -39.87 30.92 14.97
N ASN I 42 -39.53 30.28 16.09
CA ASN I 42 -39.68 28.83 16.26
C ASN I 42 -38.93 28.07 15.17
N ASN I 43 -37.64 28.37 15.03
CA ASN I 43 -36.80 27.74 14.02
C ASN I 43 -35.82 26.73 14.63
N CYS I 44 -36.07 26.29 15.86
CA CYS I 44 -35.15 25.35 16.50
C CYS I 44 -35.16 24.00 15.80
N TRP I 45 -36.28 23.63 15.17
CA TRP I 45 -36.30 22.40 14.39
C TRP I 45 -35.49 22.53 13.11
N VAL I 46 -35.39 23.74 12.57
CA VAL I 46 -34.52 23.97 11.42
C VAL I 46 -33.06 23.94 11.86
N ASN I 47 -32.76 24.45 13.06
CA ASN I 47 -31.39 24.51 13.54
C ASN I 47 -30.82 23.10 13.75
N VAL I 48 -31.55 22.26 14.50
CA VAL I 48 -31.05 20.93 14.80
C VAL I 48 -31.12 20.00 13.59
N THR I 49 -31.98 20.29 12.62
CA THR I 49 -32.01 19.50 11.40
C THR I 49 -30.74 19.69 10.59
N CYS I 50 -30.37 20.95 10.34
CA CYS I 50 -29.14 21.24 9.61
C CYS I 50 -27.90 20.95 10.44
N LEU I 51 -28.03 20.92 11.77
CA LEU I 51 -26.90 20.55 12.61
C LEU I 51 -26.54 19.09 12.43
N GLN I 52 -27.55 18.21 12.40
CA GLN I 52 -27.28 16.78 12.20
C GLN I 52 -26.71 16.50 10.81
N LEU I 53 -27.14 17.27 9.81
CA LEU I 53 -26.55 17.12 8.47
C LEU I 53 -25.07 17.48 8.47
N GLN I 54 -24.65 18.42 9.32
CA GLN I 54 -23.24 18.75 9.43
C GLN I 54 -22.48 17.68 10.22
N PHE I 55 -23.05 17.21 11.32
CA PHE I 55 -22.40 16.14 12.08
C PHE I 55 -22.28 14.86 11.26
N ALA I 56 -23.18 14.66 10.30
CA ALA I 56 -23.13 13.48 9.45
C ALA I 56 -22.21 13.65 8.25
N ARG I 57 -21.79 14.87 7.94
CA ARG I 57 -20.97 15.17 6.76
C ARG I 57 -21.67 14.68 5.49
N PHE I 58 -22.96 15.00 5.39
CA PHE I 58 -23.78 14.49 4.30
C PHE I 58 -23.61 15.32 3.03
N ARG I 59 -23.96 14.70 1.91
CA ARG I 59 -23.98 15.36 0.61
C ARG I 59 -25.34 15.14 -0.03
N PHE I 60 -25.68 16.01 -0.98
CA PHE I 60 -26.91 15.89 -1.74
C PHE I 60 -26.60 15.41 -3.15
N LYS I 61 -27.53 14.61 -3.70
CA LYS I 61 -27.27 13.93 -4.97
C LYS I 61 -27.08 14.93 -6.10
N SER I 62 -28.03 15.83 -6.30
CA SER I 62 -27.95 16.78 -7.39
C SER I 62 -27.06 17.96 -7.03
N ALA I 63 -26.45 18.56 -8.06
CA ALA I 63 -25.56 19.70 -7.84
C ALA I 63 -26.33 20.93 -7.39
N GLY I 64 -27.57 21.10 -7.84
CA GLY I 64 -28.35 22.26 -7.45
C GLY I 64 -28.70 22.25 -5.97
N LEU I 65 -29.13 21.09 -5.46
CA LEU I 65 -29.42 20.98 -4.04
C LEU I 65 -28.15 21.13 -3.20
N GLN I 66 -27.04 20.53 -3.65
CA GLN I 66 -25.80 20.64 -2.92
C GLN I 66 -25.29 22.07 -2.89
N ALA I 67 -25.50 22.82 -3.98
CA ALA I 67 -25.12 24.22 -3.98
C ALA I 67 -25.90 25.01 -2.95
N MET I 68 -27.15 24.64 -2.69
CA MET I 68 -27.93 25.29 -1.65
C MET I 68 -27.38 24.96 -0.27
N TRP I 69 -27.08 23.68 -0.02
CA TRP I 69 -26.57 23.27 1.28
C TRP I 69 -25.20 23.87 1.55
N GLU I 70 -24.31 23.84 0.57
CA GLU I 70 -22.99 24.45 0.74
C GLU I 70 -23.10 25.95 1.02
N SER I 71 -24.10 26.61 0.43
CA SER I 71 -24.31 28.02 0.70
C SER I 71 -24.85 28.25 2.10
N TYR I 72 -25.62 27.30 2.63
CA TYR I 72 -26.14 27.42 3.99
C TYR I 72 -25.00 27.42 5.00
N CYS I 73 -24.05 26.49 4.85
CA CYS I 73 -22.97 26.36 5.82
C CYS I 73 -22.00 27.53 5.78
N THR I 74 -22.03 28.34 4.73
CA THR I 74 -21.15 29.49 4.59
C THR I 74 -21.81 30.80 4.98
N GLY I 75 -23.09 30.79 5.34
CA GLY I 75 -23.80 31.96 5.79
C GLY I 75 -25.02 32.33 4.97
N ASP I 76 -25.09 31.89 3.71
CA ASP I 76 -26.23 32.19 2.84
C ASP I 76 -27.31 31.15 3.12
N VAL I 77 -28.01 31.35 4.24
CA VAL I 77 -28.99 30.37 4.72
C VAL I 77 -30.39 30.61 4.20
N ALA I 78 -30.63 31.71 3.49
CA ALA I 78 -32.00 32.10 3.14
C ALA I 78 -32.64 31.09 2.20
N MET I 79 -31.90 30.61 1.20
CA MET I 79 -32.50 29.76 0.19
C MET I 79 -32.74 28.34 0.70
N PHE I 80 -31.79 27.78 1.46
CA PHE I 80 -31.94 26.41 1.93
C PHE I 80 -33.02 26.31 3.01
N VAL I 81 -33.08 27.30 3.90
CA VAL I 81 -34.07 27.26 4.98
C VAL I 81 -35.48 27.34 4.41
N HIS I 82 -35.69 28.19 3.39
CA HIS I 82 -36.99 28.25 2.74
C HIS I 82 -37.36 26.90 2.12
N TRP I 83 -36.36 26.18 1.59
CA TRP I 83 -36.64 24.89 0.99
C TRP I 83 -37.13 23.87 2.03
N LEU I 84 -36.64 23.96 3.27
CA LEU I 84 -37.12 23.07 4.31
C LEU I 84 -38.59 23.32 4.61
N TYR I 85 -38.98 24.59 4.72
CA TYR I 85 -40.39 24.93 4.90
C TYR I 85 -41.20 24.54 3.67
N TRP I 86 -40.65 24.78 2.48
CA TRP I 86 -41.39 24.49 1.24
C TRP I 86 -41.49 23.00 0.98
N LEU I 87 -40.54 22.21 1.51
CA LEU I 87 -40.58 20.76 1.28
C LEU I 87 -41.49 20.06 2.28
N THR I 88 -41.51 20.54 3.53
CA THR I 88 -42.29 19.92 4.58
C THR I 88 -43.70 20.50 4.70
N GLY I 89 -44.05 21.49 3.89
CA GLY I 89 -45.36 22.10 3.99
C GLY I 89 -45.59 22.85 5.29
N VAL I 90 -44.57 23.55 5.79
CA VAL I 90 -44.64 24.27 7.05
C VAL I 90 -44.57 25.76 6.75
N ASP I 91 -45.52 26.51 7.29
CA ASP I 91 -45.53 27.96 7.15
C ASP I 91 -44.47 28.58 8.05
N LYS I 92 -43.97 29.74 7.64
CA LYS I 92 -42.93 30.42 8.41
C LYS I 92 -43.46 30.83 9.79
N GLY I 93 -42.71 30.48 10.83
CA GLY I 93 -43.02 30.84 12.19
C GLY I 93 -43.60 29.72 13.02
N GLN I 94 -44.32 28.77 12.39
CA GLN I 94 -44.92 27.73 13.22
C GLN I 94 -43.93 26.58 13.41
N PRO I 95 -44.03 25.87 14.54
CA PRO I 95 -43.10 24.76 14.80
C PRO I 95 -43.41 23.55 13.93
N SER I 96 -42.43 22.65 13.88
CA SER I 96 -42.57 21.42 13.10
C SER I 96 -41.70 20.34 13.75
N ASP I 97 -41.66 19.18 13.10
CA ASP I 97 -40.92 18.03 13.60
C ASP I 97 -39.58 17.93 12.88
N SER I 98 -38.49 17.90 13.65
CA SER I 98 -37.17 17.75 13.05
C SER I 98 -36.94 16.33 12.54
N GLU I 99 -37.49 15.33 13.23
CA GLU I 99 -37.36 13.95 12.77
C GLU I 99 -38.15 13.72 11.49
N ASN I 100 -39.26 14.44 11.32
CA ASN I 100 -40.01 14.33 10.07
C ASN I 100 -39.24 14.94 8.91
N ALA I 101 -38.54 16.06 9.16
CA ALA I 101 -37.78 16.70 8.11
C ALA I 101 -36.62 15.82 7.64
N LEU I 102 -35.87 15.26 8.59
CA LEU I 102 -34.73 14.41 8.24
C LEU I 102 -35.17 13.19 7.43
N ASN I 103 -36.37 12.67 7.70
CA ASN I 103 -36.86 11.54 6.91
C ASN I 103 -37.19 11.96 5.49
N MET I 104 -37.84 13.12 5.33
CA MET I 104 -38.17 13.61 4.00
C MET I 104 -36.93 14.05 3.22
N LEU I 105 -35.82 14.29 3.91
CA LEU I 105 -34.56 14.61 3.26
C LEU I 105 -33.76 13.36 2.86
N SER I 106 -34.21 12.17 3.26
CA SER I 106 -33.40 10.97 3.07
C SER I 106 -33.24 10.62 1.60
N LYS I 107 -34.28 10.80 0.80
CA LYS I 107 -34.21 10.46 -0.62
C LYS I 107 -33.49 11.51 -1.45
N TYR I 108 -33.01 12.58 -0.82
CA TYR I 108 -32.22 13.59 -1.52
C TYR I 108 -30.75 13.60 -1.10
N ILE I 109 -30.37 12.78 -0.12
CA ILE I 109 -29.03 12.80 0.46
C ILE I 109 -28.28 11.56 -0.01
N VAL I 110 -27.02 11.75 -0.39
CA VAL I 110 -26.16 10.63 -0.79
C VAL I 110 -25.92 9.73 0.41
N PRO I 111 -26.18 8.43 0.31
CA PRO I 111 -25.89 7.52 1.44
C PRO I 111 -24.40 7.53 1.77
N ALA I 112 -24.09 7.91 3.02
CA ALA I 112 -22.72 8.05 3.47
C ALA I 112 -22.33 7.00 4.51
N GLY I 113 -23.15 5.97 4.71
CA GLY I 113 -22.83 4.97 5.69
C GLY I 113 -23.78 3.80 5.63
N SER I 114 -23.65 2.91 6.60
CA SER I 114 -24.46 1.71 6.67
C SER I 114 -24.79 1.42 8.13
N VAL I 115 -25.82 0.59 8.32
CA VAL I 115 -26.25 0.18 9.65
C VAL I 115 -26.83 -1.23 9.55
N THR I 116 -26.72 -1.98 10.64
CA THR I 116 -27.20 -3.35 10.70
C THR I 116 -28.23 -3.49 11.80
N ILE I 117 -29.40 -4.01 11.45
CA ILE I 117 -30.50 -4.17 12.39
C ILE I 117 -30.69 -5.66 12.64
N GLU I 118 -30.54 -6.07 13.90
CA GLU I 118 -30.75 -7.46 14.30
C GLU I 118 -32.18 -7.63 14.79
N ARG I 119 -32.84 -8.69 14.33
CA ARG I 119 -34.22 -8.99 14.67
C ARG I 119 -34.25 -10.34 15.37
N VAL I 120 -34.55 -10.34 16.67
CA VAL I 120 -34.53 -11.55 17.48
C VAL I 120 -35.55 -11.40 18.60
N THR I 121 -35.98 -12.53 19.16
CA THR I 121 -36.94 -12.55 20.24
C THR I 121 -36.22 -12.84 21.55
N HIS I 122 -37.00 -13.02 22.63
CA HIS I 122 -36.42 -13.25 23.95
C HIS I 122 -35.72 -14.60 24.03
N ASP I 123 -36.08 -15.56 23.18
CA ASP I 123 -35.43 -16.86 23.15
C ASP I 123 -34.84 -17.20 21.79
N GLY I 124 -34.75 -16.22 20.88
CA GLY I 124 -34.13 -16.45 19.59
C GLY I 124 -34.89 -17.38 18.66
N CYS I 125 -36.22 -17.34 18.70
CA CYS I 125 -37.01 -18.26 17.89
C CYS I 125 -37.07 -17.83 16.42
N CYS I 126 -36.96 -16.54 16.14
CA CYS I 126 -37.04 -16.03 14.77
C CYS I 126 -35.94 -14.99 14.59
N CYS I 127 -34.78 -15.44 14.10
CA CYS I 127 -33.60 -14.60 13.95
C CYS I 127 -33.50 -14.10 12.52
N SER I 128 -33.03 -12.85 12.38
CA SER I 128 -32.79 -12.26 11.06
C SER I 128 -31.97 -10.98 11.17
N LYS I 129 -30.87 -10.91 10.42
CA LYS I 129 -30.07 -9.71 10.30
C LYS I 129 -30.15 -9.15 8.89
N ARG I 130 -29.95 -7.84 8.77
CA ARG I 130 -29.94 -7.20 7.46
C ARG I 130 -29.17 -5.89 7.56
N VAL I 131 -28.73 -5.41 6.39
CA VAL I 131 -27.91 -4.22 6.28
C VAL I 131 -28.74 -3.12 5.62
N VAL I 132 -28.81 -1.96 6.26
CA VAL I 132 -29.60 -0.83 5.79
C VAL I 132 -28.64 0.27 5.38
N THR I 133 -28.64 0.61 4.09
CA THR I 133 -27.76 1.64 3.53
C THR I 133 -28.63 2.83 3.14
N ALA I 134 -28.96 3.66 4.14
CA ALA I 134 -29.77 4.85 3.94
C ALA I 134 -29.20 5.97 4.79
N PRO I 135 -29.34 7.22 4.35
CA PRO I 135 -28.87 8.34 5.19
C PRO I 135 -29.62 8.48 6.49
N VAL I 136 -30.91 8.17 6.52
CA VAL I 136 -31.73 8.26 7.72
C VAL I 136 -32.43 6.92 7.92
N VAL I 137 -32.15 6.27 9.04
CA VAL I 137 -32.77 5.00 9.40
C VAL I 137 -33.60 5.21 10.65
N ASN I 138 -34.81 4.64 10.65
CA ASN I 138 -35.71 4.72 11.80
C ASN I 138 -35.52 3.46 12.63
N ALA I 139 -34.81 3.60 13.76
CA ALA I 139 -34.56 2.49 14.66
C ALA I 139 -34.36 3.03 16.06
N SER I 140 -34.29 2.12 17.03
CA SER I 140 -34.13 2.52 18.42
C SER I 140 -32.73 3.11 18.65
N VAL I 141 -32.69 4.26 19.32
CA VAL I 141 -31.41 4.87 19.68
C VAL I 141 -30.76 4.19 20.88
N LEU I 142 -31.41 3.19 21.45
CA LEU I 142 -30.84 2.41 22.54
C LEU I 142 -30.13 1.18 22.00
N LYS I 143 -29.14 0.69 22.75
CA LYS I 143 -28.42 -0.51 22.35
C LYS I 143 -29.29 -1.76 22.46
N LEU I 144 -30.39 -1.70 23.21
CA LEU I 144 -31.25 -2.86 23.40
C LEU I 144 -32.29 -2.99 22.30
N GLY I 145 -32.97 -1.92 21.97
CA GLY I 145 -33.91 -1.89 20.87
C GLY I 145 -35.36 -1.78 21.35
N VAL I 146 -36.25 -1.77 20.36
CA VAL I 146 -37.69 -1.72 20.61
C VAL I 146 -38.34 -2.98 20.04
N GLU I 147 -39.67 -3.00 19.99
CA GLU I 147 -40.42 -4.19 19.61
C GLU I 147 -41.24 -3.91 18.36
N ASP I 148 -41.00 -4.70 17.31
CA ASP I 148 -41.60 -4.47 16.00
C ASP I 148 -42.63 -5.55 15.67
N GLY I 149 -43.52 -5.85 16.60
CA GLY I 149 -44.57 -6.80 16.37
C GLY I 149 -44.35 -8.13 17.05
N LEU I 150 -45.08 -9.14 16.58
CA LEU I 150 -45.08 -10.47 17.18
C LEU I 150 -44.55 -11.49 16.19
N CYS I 151 -43.77 -12.45 16.69
CA CYS I 151 -43.25 -13.54 15.88
C CYS I 151 -44.32 -14.62 15.72
N PRO I 152 -44.13 -15.57 14.80
CA PRO I 152 -45.12 -16.63 14.63
C PRO I 152 -45.38 -17.45 15.88
N HIS I 153 -44.48 -17.42 16.88
CA HIS I 153 -44.66 -18.16 18.12
C HIS I 153 -45.21 -17.30 19.24
N GLY I 154 -45.82 -16.16 18.92
CA GLY I 154 -46.43 -15.31 19.93
C GLY I 154 -45.46 -14.57 20.82
N LEU I 155 -44.30 -14.20 20.30
CA LEU I 155 -43.30 -13.44 21.05
C LEU I 155 -42.94 -12.17 20.29
N ASN I 156 -42.63 -11.13 21.04
CA ASN I 156 -42.30 -9.84 20.46
C ASN I 156 -40.89 -9.86 19.86
N TYR I 157 -40.75 -9.25 18.68
CA TYR I 157 -39.45 -9.06 18.08
C TYR I 157 -38.70 -7.95 18.83
N ILE I 158 -37.39 -7.87 18.57
CA ILE I 158 -36.54 -6.83 19.12
C ILE I 158 -35.62 -6.35 18.02
N ASP I 159 -35.68 -5.06 17.69
CA ASP I 159 -34.88 -4.45 16.63
C ASP I 159 -33.85 -3.53 17.24
N LYS I 160 -32.58 -3.91 17.16
CA LYS I 160 -31.48 -3.12 17.69
C LYS I 160 -30.43 -2.92 16.61
N VAL I 161 -29.70 -1.81 16.72
CA VAL I 161 -28.56 -1.53 15.85
C VAL I 161 -27.35 -2.22 16.46
N VAL I 162 -26.71 -3.09 15.67
CA VAL I 162 -25.60 -3.89 16.17
C VAL I 162 -24.26 -3.51 15.54
N VAL I 163 -24.26 -3.07 14.28
CA VAL I 163 -23.03 -2.70 13.58
C VAL I 163 -23.27 -1.37 12.88
N VAL I 164 -22.30 -0.46 12.99
CA VAL I 164 -22.38 0.86 12.37
C VAL I 164 -21.15 1.02 11.49
N LYS I 165 -21.35 1.00 10.18
CA LYS I 165 -20.30 1.28 9.21
C LYS I 165 -20.60 2.60 8.53
N GLY I 166 -19.59 3.48 8.49
CA GLY I 166 -19.83 4.79 7.92
C GLY I 166 -20.62 5.68 8.86
N THR I 167 -21.41 6.57 8.27
CA THR I 167 -22.18 7.56 9.03
C THR I 167 -23.63 7.54 8.58
N THR I 168 -24.55 7.44 9.53
CA THR I 168 -25.97 7.52 9.25
C THR I 168 -26.68 8.09 10.46
N ILE I 169 -27.86 8.64 10.23
CA ILE I 169 -28.68 9.26 11.28
C ILE I 169 -29.74 8.26 11.69
N VAL I 170 -29.79 7.94 12.98
CA VAL I 170 -30.74 6.97 13.52
C VAL I 170 -31.83 7.75 14.26
N VAL I 171 -33.01 7.81 13.67
CA VAL I 171 -34.15 8.47 14.27
C VAL I 171 -34.90 7.47 15.13
N ASN I 172 -35.13 7.83 16.40
CA ASN I 172 -35.83 6.95 17.32
C ASN I 172 -37.27 6.74 16.87
N VAL I 173 -37.78 5.55 17.12
CA VAL I 173 -39.16 5.19 16.80
C VAL I 173 -39.94 5.26 18.12
N GLY I 174 -40.49 6.42 18.41
CA GLY I 174 -41.28 6.62 19.60
C GLY I 174 -41.07 8.02 20.16
N LYS I 175 -41.52 8.20 21.39
CA LYS I 175 -41.38 9.48 22.06
C LYS I 175 -39.91 9.75 22.38
N PRO I 176 -39.57 11.00 22.69
CA PRO I 176 -38.21 11.29 23.20
C PRO I 176 -37.89 10.43 24.40
N VAL I 177 -36.70 9.82 24.38
CA VAL I 177 -36.31 8.81 25.36
C VAL I 177 -35.22 9.39 26.26
N VAL I 178 -35.38 9.20 27.57
CA VAL I 178 -34.38 9.55 28.57
C VAL I 178 -33.80 8.25 29.12
N ALA I 179 -32.47 8.17 29.17
CA ALA I 179 -31.78 6.97 29.63
C ALA I 179 -30.36 7.36 30.01
N PRO I 180 -29.69 6.55 30.82
CA PRO I 180 -28.27 6.80 31.10
C PRO I 180 -27.46 6.84 29.82
N SER I 181 -26.40 7.66 29.83
CA SER I 181 -25.66 7.97 28.61
C SER I 181 -25.03 6.72 28.00
N HIS I 182 -24.67 5.73 28.82
CA HIS I 182 -24.04 4.52 28.31
C HIS I 182 -25.01 3.56 27.65
N LEU I 183 -26.31 3.85 27.67
CA LEU I 183 -27.31 3.00 27.02
C LEU I 183 -27.67 3.44 25.62
N PHE I 184 -27.31 4.66 25.22
CA PHE I 184 -27.57 5.13 23.86
C PHE I 184 -26.53 4.54 22.90
N LEU I 185 -26.90 4.52 21.62
CA LEU I 185 -25.94 4.16 20.59
C LEU I 185 -24.80 5.18 20.56
N LYS I 186 -23.59 4.69 20.36
CA LYS I 186 -22.42 5.57 20.29
C LYS I 186 -22.54 6.46 19.05
N GLY I 187 -22.62 7.77 19.27
CA GLY I 187 -22.76 8.71 18.17
C GLY I 187 -22.00 9.99 18.46
N VAL I 188 -21.86 10.80 17.41
CA VAL I 188 -21.13 12.05 17.55
C VAL I 188 -22.02 13.16 18.11
N SER I 189 -23.32 13.09 17.87
CA SER I 189 -24.24 14.12 18.32
C SER I 189 -25.61 13.52 18.55
N TYR I 190 -26.36 14.13 19.47
CA TYR I 190 -27.68 13.65 19.86
C TYR I 190 -28.65 14.81 19.86
N THR I 191 -29.75 14.67 19.12
CA THR I 191 -30.79 15.68 19.11
C THR I 191 -31.77 15.42 20.26
N THR I 192 -32.04 16.45 21.06
CA THR I 192 -32.88 16.32 22.24
C THR I 192 -34.05 17.29 22.14
N PHE I 193 -35.25 16.80 22.42
CA PHE I 193 -36.48 17.58 22.38
C PHE I 193 -37.01 17.73 23.80
N LEU I 194 -36.78 18.89 24.39
CA LEU I 194 -37.25 19.18 25.75
C LEU I 194 -38.67 19.71 25.69
N ASP I 195 -39.61 18.97 26.28
CA ASP I 195 -41.00 19.40 26.33
C ASP I 195 -41.16 20.44 27.43
N ASN I 196 -41.61 21.64 27.05
CA ASN I 196 -41.74 22.74 27.98
C ASN I 196 -43.16 22.96 28.48
N GLY I 197 -44.16 22.30 27.89
CA GLY I 197 -45.53 22.48 28.32
C GLY I 197 -46.49 21.83 27.36
N ASN I 198 -47.76 22.20 27.51
CA ASN I 198 -48.84 21.69 26.67
C ASN I 198 -49.51 22.86 25.95
N GLY I 199 -49.83 22.66 24.68
CA GLY I 199 -50.35 23.72 23.85
C GLY I 199 -49.32 24.67 23.29
N VAL I 200 -48.06 24.53 23.69
CA VAL I 200 -46.98 25.36 23.19
C VAL I 200 -45.96 24.44 22.53
N ALA I 201 -44.88 25.01 21.98
CA ALA I 201 -43.84 24.24 21.32
C ALA I 201 -42.63 24.08 22.24
N GLY I 202 -41.92 22.97 22.07
CA GLY I 202 -40.79 22.62 22.91
C GLY I 202 -39.46 22.83 22.20
N HIS I 203 -38.43 23.15 22.99
CA HIS I 203 -37.14 23.50 22.43
C HIS I 203 -36.39 22.28 21.91
N TYR I 204 -35.70 22.46 20.79
CA TYR I 204 -34.79 21.47 20.23
C TYR I 204 -33.35 21.89 20.50
N THR I 205 -32.50 20.92 20.82
CA THR I 205 -31.07 21.15 21.01
C THR I 205 -30.30 19.94 20.51
N VAL I 206 -29.00 20.14 20.33
CA VAL I 206 -28.08 19.08 19.90
C VAL I 206 -26.96 18.97 20.92
N PHE I 207 -26.75 17.77 21.44
CA PHE I 207 -25.68 17.52 22.41
C PHE I 207 -24.44 17.04 21.66
N ASP I 208 -23.37 17.82 21.75
CA ASP I 208 -22.10 17.46 21.11
C ASP I 208 -21.33 16.52 22.03
N HIS I 209 -21.16 15.27 21.59
CA HIS I 209 -20.56 14.26 22.45
C HIS I 209 -19.07 14.51 22.66
N ASP I 210 -18.41 15.16 21.71
CA ASP I 210 -16.96 15.39 21.83
C ASP I 210 -16.66 16.34 22.98
N THR I 211 -17.19 17.57 22.90
CA THR I 211 -16.93 18.57 23.93
C THR I 211 -17.85 18.45 25.13
N GLY I 212 -18.87 17.59 25.07
CA GLY I 212 -19.82 17.51 26.15
C GLY I 212 -20.72 18.72 26.31
N MET I 213 -20.75 19.60 25.33
CA MET I 213 -21.58 20.80 25.36
C MET I 213 -22.86 20.55 24.56
N VAL I 214 -23.75 21.55 24.60
CA VAL I 214 -25.05 21.47 23.94
C VAL I 214 -25.19 22.67 23.00
N HIS I 215 -25.54 22.38 21.76
CA HIS I 215 -25.90 23.43 20.80
C HIS I 215 -27.31 23.91 21.11
N ASP I 216 -27.43 25.17 21.54
CA ASP I 216 -28.73 25.77 21.86
C ASP I 216 -28.82 27.08 21.09
N GLY I 217 -29.34 27.01 19.88
CA GLY I 217 -29.38 28.21 19.05
C GLY I 217 -27.97 28.60 18.63
N ASP I 218 -27.63 29.87 18.85
CA ASP I 218 -26.33 30.40 18.48
C ASP I 218 -25.34 30.44 19.64
N VAL I 219 -25.63 29.75 20.74
CA VAL I 219 -24.72 29.71 21.88
C VAL I 219 -24.28 28.27 22.13
N PHE I 220 -23.41 28.08 23.14
CA PHE I 220 -22.79 26.78 23.42
C PHE I 220 -22.83 26.56 24.94
N VAL I 221 -23.95 26.05 25.42
CA VAL I 221 -24.17 25.88 26.85
C VAL I 221 -23.79 24.46 27.28
N PRO I 222 -23.46 24.24 28.55
CA PRO I 222 -23.23 22.87 29.02
C PRO I 222 -24.54 22.12 29.17
N GLY I 223 -24.43 20.79 29.19
CA GLY I 223 -25.60 19.95 29.33
C GLY I 223 -25.22 18.55 29.76
N ASP I 224 -26.24 17.79 30.13
CA ASP I 224 -26.09 16.41 30.60
C ASP I 224 -26.91 15.49 29.71
N LEU I 225 -26.25 14.51 29.10
CA LEU I 225 -26.96 13.56 28.25
C LEU I 225 -27.83 12.61 29.07
N ASN I 226 -27.46 12.37 30.33
CA ASN I 226 -28.21 11.45 31.17
C ASN I 226 -29.62 11.94 31.49
N VAL I 227 -29.88 13.24 31.35
CA VAL I 227 -31.18 13.82 31.64
C VAL I 227 -31.80 14.48 30.42
N SER I 228 -31.27 14.20 29.22
CA SER I 228 -31.78 14.83 28.01
C SER I 228 -32.63 13.85 27.22
N PRO I 229 -33.86 14.21 26.85
CA PRO I 229 -34.68 13.31 26.04
C PRO I 229 -34.26 13.28 24.57
N VAL I 230 -33.55 12.24 24.17
CA VAL I 230 -32.98 12.15 22.83
C VAL I 230 -34.04 11.68 21.84
N THR I 231 -34.00 12.22 20.62
CA THR I 231 -34.89 11.80 19.55
C THR I 231 -34.17 11.22 18.34
N ASN I 232 -32.94 11.63 18.06
CA ASN I 232 -32.15 11.04 16.99
C ASN I 232 -30.68 11.26 17.29
N VAL I 233 -29.84 10.41 16.68
CA VAL I 233 -28.41 10.41 16.93
C VAL I 233 -27.67 10.09 15.63
N VAL I 234 -26.60 10.84 15.35
CA VAL I 234 -25.76 10.58 14.20
C VAL I 234 -24.70 9.57 14.65
N VAL I 235 -24.92 8.30 14.30
CA VAL I 235 -23.97 7.25 14.65
C VAL I 235 -22.83 7.23 13.64
N SER I 236 -21.65 6.83 14.09
CA SER I 236 -20.48 6.79 13.24
C SER I 236 -19.46 5.83 13.81
N GLU I 237 -18.61 5.29 12.95
CA GLU I 237 -17.58 4.34 13.36
C GLU I 237 -16.25 5.03 13.58
N MET J 1 -56.93 -7.94 3.48
CA MET J 1 -55.94 -8.36 4.46
C MET J 1 -55.96 -7.46 5.69
N GLN J 2 -55.47 -7.97 6.82
CA GLN J 2 -55.39 -7.22 8.05
C GLN J 2 -53.93 -6.95 8.41
N ILE J 3 -53.67 -5.77 8.95
CA ILE J 3 -52.34 -5.40 9.42
C ILE J 3 -52.47 -4.81 10.81
N PHE J 4 -51.34 -4.76 11.52
CA PHE J 4 -51.28 -4.23 12.87
C PHE J 4 -50.56 -2.89 12.88
N VAL J 5 -50.98 -2.00 13.77
CA VAL J 5 -50.41 -0.66 13.91
C VAL J 5 -50.13 -0.45 15.40
N LYS J 6 -48.88 -0.65 15.81
CA LYS J 6 -48.49 -0.47 17.20
C LYS J 6 -48.33 1.02 17.47
N THR J 7 -49.32 1.61 18.12
CA THR J 7 -49.35 3.04 18.40
C THR J 7 -48.36 3.37 19.53
N LEU J 8 -48.14 4.67 19.74
CA LEU J 8 -47.31 5.14 20.86
C LEU J 8 -47.79 4.62 22.21
N THR J 9 -49.02 4.11 22.28
CA THR J 9 -49.53 3.61 23.56
C THR J 9 -48.80 2.37 24.03
N GLY J 10 -48.29 1.56 23.10
CA GLY J 10 -47.75 0.25 23.40
C GLY J 10 -48.68 -0.88 23.07
N LYS J 11 -49.99 -0.63 23.04
CA LYS J 11 -50.96 -1.63 22.64
C LYS J 11 -51.09 -1.66 21.12
N THR J 12 -51.58 -2.78 20.61
CA THR J 12 -51.65 -3.03 19.18
C THR J 12 -53.10 -2.97 18.72
N ILE J 13 -53.40 -2.07 17.79
CA ILE J 13 -54.71 -2.00 17.16
C ILE J 13 -54.61 -2.64 15.79
N THR J 14 -55.73 -3.20 15.32
CA THR J 14 -55.79 -3.90 14.04
C THR J 14 -56.56 -3.07 13.04
N LEU J 15 -56.08 -3.08 11.79
CA LEU J 15 -56.69 -2.35 10.69
C LEU J 15 -57.03 -3.32 9.57
N GLU J 16 -58.19 -3.09 8.94
CA GLU J 16 -58.63 -3.89 7.80
C GLU J 16 -58.37 -3.07 6.54
N VAL J 17 -57.27 -3.39 5.85
CA VAL J 17 -56.83 -2.62 4.70
C VAL J 17 -56.69 -3.52 3.49
N GLU J 18 -56.10 -2.98 2.43
CA GLU J 18 -55.80 -3.71 1.21
C GLU J 18 -54.46 -3.22 0.68
N PRO J 19 -53.72 -4.07 -0.05
CA PRO J 19 -52.41 -3.65 -0.57
C PRO J 19 -52.49 -2.46 -1.51
N SER J 20 -53.63 -2.23 -2.17
CA SER J 20 -53.78 -1.08 -3.04
C SER J 20 -54.14 0.19 -2.30
N ASP J 21 -54.45 0.10 -1.01
CA ASP J 21 -54.78 1.29 -0.23
C ASP J 21 -53.56 2.17 -0.05
N THR J 22 -53.76 3.49 -0.13
CA THR J 22 -52.67 4.42 0.04
C THR J 22 -52.36 4.62 1.52
N ILE J 23 -51.19 5.21 1.78
CA ILE J 23 -50.79 5.47 3.17
C ILE J 23 -51.71 6.48 3.81
N GLU J 24 -52.14 7.49 3.04
CA GLU J 24 -53.10 8.47 3.56
C GLU J 24 -54.42 7.81 3.93
N ASN J 25 -54.77 6.71 3.26
CA ASN J 25 -55.96 5.96 3.65
C ASN J 25 -55.73 5.20 4.95
N VAL J 26 -54.50 4.76 5.21
CA VAL J 26 -54.20 4.08 6.46
C VAL J 26 -54.22 5.08 7.62
N LYS J 27 -53.81 6.33 7.36
CA LYS J 27 -53.90 7.35 8.40
C LYS J 27 -55.34 7.68 8.75
N ALA J 28 -56.25 7.57 7.79
CA ALA J 28 -57.66 7.82 8.07
C ALA J 28 -58.25 6.74 8.94
N LYS J 29 -57.90 5.47 8.69
CA LYS J 29 -58.41 4.38 9.50
C LYS J 29 -57.87 4.44 10.93
N ILE J 30 -56.63 4.89 11.10
CA ILE J 30 -56.11 5.09 12.45
C ILE J 30 -56.87 6.22 13.14
N GLN J 31 -57.24 7.26 12.39
CA GLN J 31 -58.09 8.30 12.93
C GLN J 31 -59.47 7.75 13.30
N ASP J 32 -59.96 6.78 12.54
CA ASP J 32 -61.27 6.19 12.80
C ASP J 32 -61.29 5.36 14.08
N LYS J 33 -60.12 4.92 14.56
CA LYS J 33 -60.05 4.05 15.72
C LYS J 33 -59.28 4.63 16.89
N GLU J 34 -58.42 5.63 16.68
CA GLU J 34 -57.66 6.24 17.76
C GLU J 34 -57.89 7.73 17.90
N GLY J 35 -58.75 8.32 17.07
CA GLY J 35 -59.05 9.74 17.19
C GLY J 35 -57.85 10.65 16.99
N ILE J 36 -56.85 10.20 16.25
CA ILE J 36 -55.64 10.98 15.98
C ILE J 36 -55.75 11.57 14.59
N PRO J 37 -55.68 12.89 14.43
CA PRO J 37 -55.80 13.49 13.10
C PRO J 37 -54.65 13.04 12.20
N PRO J 38 -54.92 12.81 10.92
CA PRO J 38 -53.85 12.35 10.02
C PRO J 38 -52.72 13.36 9.86
N ASP J 39 -52.98 14.63 10.11
CA ASP J 39 -51.93 15.65 9.97
C ASP J 39 -50.85 15.50 11.04
N GLN J 40 -51.11 14.73 12.09
CA GLN J 40 -50.16 14.54 13.18
C GLN J 40 -49.54 13.15 13.18
N GLN J 41 -49.81 12.33 12.17
CA GLN J 41 -49.36 10.95 12.14
C GLN J 41 -48.04 10.82 11.38
N ARG J 42 -47.19 9.91 11.85
CA ARG J 42 -45.98 9.50 11.14
C ARG J 42 -45.91 7.99 11.19
N LEU J 43 -46.16 7.33 10.06
CA LEU J 43 -46.12 5.88 9.98
C LEU J 43 -44.77 5.44 9.42
N ILE J 44 -44.12 4.52 10.12
CA ILE J 44 -42.84 3.97 9.67
C ILE J 44 -42.97 2.46 9.62
N PHE J 45 -42.22 1.85 8.69
CA PHE J 45 -42.21 0.41 8.50
C PHE J 45 -40.86 0.00 7.94
N ALA J 46 -40.29 -1.06 8.51
CA ALA J 46 -38.96 -1.56 8.12
C ALA J 46 -37.91 -0.45 8.17
N GLY J 47 -38.04 0.47 9.12
CA GLY J 47 -37.12 1.58 9.26
C GLY J 47 -37.32 2.71 8.28
N LYS J 48 -38.32 2.63 7.40
CA LYS J 48 -38.57 3.65 6.39
C LYS J 48 -39.80 4.47 6.76
N GLN J 49 -39.68 5.79 6.62
CA GLN J 49 -40.83 6.66 6.77
C GLN J 49 -41.75 6.53 5.57
N LEU J 50 -43.04 6.36 5.81
CA LEU J 50 -43.99 6.15 4.74
C LEU J 50 -44.44 7.47 4.14
N GLU J 51 -44.48 7.52 2.81
CA GLU J 51 -44.93 8.70 2.08
C GLU J 51 -46.44 8.63 1.86
N ASP J 52 -47.07 9.80 1.77
CA ASP J 52 -48.53 9.85 1.64
C ASP J 52 -49.00 9.26 0.31
N GLY J 53 -48.30 9.55 -0.78
CA GLY J 53 -48.75 9.17 -2.10
C GLY J 53 -48.48 7.76 -2.54
N ARG J 54 -48.02 6.88 -1.64
CA ARG J 54 -47.70 5.51 -1.99
C ARG J 54 -48.70 4.56 -1.33
N THR J 55 -48.68 3.32 -1.79
CA THR J 55 -49.58 2.28 -1.30
C THR J 55 -48.81 1.27 -0.46
N LEU J 56 -49.57 0.41 0.23
CA LEU J 56 -48.96 -0.65 1.03
C LEU J 56 -48.25 -1.66 0.16
N SER J 57 -48.68 -1.82 -1.09
CA SER J 57 -47.99 -2.72 -2.01
C SER J 57 -46.65 -2.14 -2.45
N ASP J 58 -46.55 -0.82 -2.54
CA ASP J 58 -45.30 -0.19 -2.93
C ASP J 58 -44.21 -0.43 -1.90
N TYR J 59 -44.59 -0.57 -0.62
CA TYR J 59 -43.64 -0.86 0.45
C TYR J 59 -43.56 -2.33 0.77
N ASN J 60 -44.17 -3.19 -0.06
CA ASN J 60 -44.15 -4.64 0.13
C ASN J 60 -44.68 -5.02 1.51
N ILE J 61 -45.78 -4.39 1.91
CA ILE J 61 -46.42 -4.67 3.20
C ILE J 61 -47.42 -5.80 2.97
N GLN J 62 -47.16 -6.95 3.60
CA GLN J 62 -47.96 -8.14 3.40
C GLN J 62 -49.04 -8.22 4.48
N LYS J 63 -49.78 -9.33 4.49
CA LYS J 63 -50.80 -9.55 5.51
C LYS J 63 -50.15 -9.75 6.87
N GLU J 64 -50.83 -9.27 7.91
CA GLU J 64 -50.37 -9.38 9.30
C GLU J 64 -49.01 -8.71 9.49
N SER J 65 -48.84 -7.53 8.87
CA SER J 65 -47.66 -6.72 9.08
C SER J 65 -47.90 -5.73 10.22
N THR J 66 -46.81 -5.30 10.85
CA THR J 66 -46.88 -4.42 12.00
C THR J 66 -46.25 -3.07 11.65
N LEU J 67 -47.05 -2.02 11.75
CA LEU J 67 -46.59 -0.65 11.54
C LEU J 67 -46.43 0.07 12.88
N HIS J 68 -45.63 1.13 12.86
CA HIS J 68 -45.39 1.96 14.02
C HIS J 68 -45.96 3.36 13.79
N LEU J 69 -46.55 3.94 14.82
CA LEU J 69 -47.10 5.28 14.77
C LEU J 69 -46.34 6.16 15.75
N VAL J 70 -45.56 7.09 15.22
CA VAL J 70 -44.88 8.09 16.04
C VAL J 70 -45.54 9.44 15.76
N LEU J 71 -45.41 10.35 16.71
CA LEU J 71 -46.15 11.60 16.69
C LEU J 71 -45.28 12.76 16.26
N ARG J 72 -45.87 13.68 15.50
CA ARG J 72 -45.17 14.88 15.07
C ARG J 72 -45.03 15.84 16.25
N LEU J 73 -43.79 16.11 16.65
CA LEU J 73 -43.50 16.98 17.78
C LEU J 73 -43.46 18.42 17.31
N ARG J 74 -44.31 19.26 17.89
CA ARG J 74 -44.28 20.69 17.61
C ARG J 74 -43.06 21.31 18.29
N GLY J 75 -41.96 21.42 17.57
CA GLY J 75 -40.73 21.94 18.12
C GLY J 75 -40.52 23.42 17.87
N HIS K 3 -19.18 32.02 -24.89
CA HIS K 3 -19.62 30.77 -24.30
C HIS K 3 -19.24 29.58 -25.18
N MET K 4 -19.58 29.68 -26.47
CA MET K 4 -19.21 28.63 -27.42
C MET K 4 -17.71 28.42 -27.47
N ASP K 5 -16.94 29.49 -27.28
CA ASP K 5 -15.49 29.36 -27.24
C ASP K 5 -15.03 28.63 -25.99
N SER K 6 -15.64 28.94 -24.83
CA SER K 6 -15.25 28.29 -23.59
C SER K 6 -15.69 26.83 -23.55
N HIS K 7 -16.83 26.51 -24.19
CA HIS K 7 -17.29 25.13 -24.20
C HIS K 7 -16.42 24.26 -25.10
N TYR K 8 -15.82 24.83 -26.13
CA TYR K 8 -14.97 24.09 -27.06
C TYR K 8 -13.48 24.35 -26.87
N GLY K 9 -13.10 25.40 -26.14
CA GLY K 9 -11.72 25.62 -25.76
C GLY K 9 -10.91 26.47 -26.70
N PHE K 10 -11.40 26.76 -27.90
CA PHE K 10 -10.67 27.58 -28.86
C PHE K 10 -11.55 28.74 -29.32
N ASP K 11 -10.89 29.81 -29.73
CA ASP K 11 -11.60 31.02 -30.15
C ASP K 11 -12.43 30.76 -31.40
N LYS K 12 -13.59 31.42 -31.46
CA LYS K 12 -14.47 31.39 -32.63
C LYS K 12 -14.93 29.97 -32.95
N ALA K 13 -15.37 29.26 -31.91
CA ALA K 13 -16.03 27.98 -32.12
C ALA K 13 -17.40 28.14 -32.77
N GLY K 14 -18.02 29.32 -32.63
CA GLY K 14 -19.29 29.56 -33.29
C GLY K 14 -19.19 29.48 -34.80
N GLU K 15 -18.03 29.85 -35.36
CA GLU K 15 -17.79 29.64 -36.78
C GLU K 15 -17.83 28.16 -37.13
N PHE K 16 -16.89 27.40 -36.58
CA PHE K 16 -16.74 25.99 -36.95
C PHE K 16 -17.98 25.18 -36.63
N HIS K 17 -18.70 25.54 -35.56
CA HIS K 17 -19.88 24.76 -35.18
C HIS K 17 -20.97 24.85 -36.22
N MET K 18 -21.06 25.96 -36.96
CA MET K 18 -22.09 26.16 -37.96
C MET K 18 -21.63 25.81 -39.37
N LEU K 19 -20.47 25.18 -39.51
CA LEU K 19 -19.96 24.79 -40.81
C LEU K 19 -20.46 23.41 -41.20
N ASP K 20 -20.14 23.00 -42.43
CA ASP K 20 -20.58 21.72 -42.98
C ASP K 20 -19.41 20.74 -42.91
N HIS K 21 -19.48 19.80 -41.96
CA HIS K 21 -18.43 18.82 -41.78
C HIS K 21 -18.56 17.62 -42.70
N THR K 22 -19.65 17.51 -43.47
CA THR K 22 -19.87 16.32 -44.28
C THR K 22 -18.82 16.16 -45.37
N GLY K 23 -18.22 17.26 -45.81
CA GLY K 23 -17.19 17.19 -46.83
C GLY K 23 -15.89 16.53 -46.40
N PHE K 24 -15.78 16.15 -45.13
CA PHE K 24 -14.56 15.55 -44.59
C PHE K 24 -14.81 14.17 -44.00
N ALA K 25 -15.94 13.55 -44.34
CA ALA K 25 -16.29 12.22 -43.81
C ALA K 25 -15.53 11.16 -44.61
N PHE K 26 -14.25 11.03 -44.29
CA PHE K 26 -13.41 10.07 -45.00
C PHE K 26 -13.63 8.66 -44.49
N PRO K 27 -13.51 7.66 -45.35
CA PRO K 27 -13.65 6.27 -44.90
C PRO K 27 -12.56 5.89 -43.92
N SER K 28 -12.96 5.37 -42.76
CA SER K 28 -12.04 5.04 -41.69
C SER K 28 -12.35 3.65 -41.15
N GLU K 29 -11.30 2.91 -40.82
CA GLU K 29 -11.42 1.62 -40.15
C GLU K 29 -10.39 1.55 -39.05
N VAL K 30 -10.55 0.59 -38.15
CA VAL K 30 -9.65 0.39 -37.02
C VAL K 30 -8.64 -0.68 -37.38
N VAL K 31 -7.37 -0.40 -37.14
CA VAL K 31 -6.27 -1.31 -37.44
C VAL K 31 -5.35 -1.35 -36.23
N ASN K 32 -5.23 -2.53 -35.62
CA ASN K 32 -4.39 -2.73 -34.43
C ASN K 32 -4.83 -1.78 -33.30
N GLY K 33 -6.14 -1.54 -33.20
CA GLY K 33 -6.67 -0.66 -32.21
C GLY K 33 -6.52 0.82 -32.50
N ARG K 34 -6.01 1.18 -33.68
CA ARG K 34 -5.79 2.57 -34.06
C ARG K 34 -6.80 2.97 -35.12
N ARG K 35 -7.42 4.12 -34.95
CA ARG K 35 -8.34 4.66 -35.95
C ARG K 35 -7.52 5.31 -37.06
N VAL K 36 -7.53 4.69 -38.24
CA VAL K 36 -6.75 5.17 -39.37
C VAL K 36 -7.70 5.59 -40.48
N LEU K 37 -7.19 6.45 -41.36
CA LEU K 37 -7.94 6.98 -42.49
C LEU K 37 -7.38 6.42 -43.79
N LYS K 38 -8.27 6.16 -44.74
CA LYS K 38 -7.85 5.73 -46.07
C LYS K 38 -7.12 6.86 -46.78
N THR K 39 -6.03 6.53 -47.46
CA THR K 39 -5.24 7.53 -48.17
C THR K 39 -6.04 8.06 -49.35
N THR K 40 -6.56 9.29 -49.22
CA THR K 40 -7.32 9.92 -50.27
C THR K 40 -7.37 11.41 -50.03
N ASP K 41 -7.39 12.19 -51.11
CA ASP K 41 -7.44 13.65 -51.05
C ASP K 41 -6.28 14.22 -50.23
N ASN K 42 -5.12 13.57 -50.29
CA ASN K 42 -3.93 13.97 -49.53
C ASN K 42 -4.22 14.00 -48.03
N ASN K 43 -4.57 12.83 -47.51
CA ASN K 43 -4.91 12.66 -46.10
C ASN K 43 -3.77 12.13 -45.27
N CYS K 44 -2.57 11.98 -45.86
CA CYS K 44 -1.46 11.38 -45.13
C CYS K 44 -1.05 12.22 -43.93
N TRP K 45 -1.15 13.55 -44.03
CA TRP K 45 -0.80 14.40 -42.91
C TRP K 45 -1.87 14.41 -41.83
N VAL K 46 -3.12 14.13 -42.17
CA VAL K 46 -4.18 14.01 -41.17
C VAL K 46 -4.11 12.66 -40.48
N ASN K 47 -3.79 11.60 -41.23
CA ASN K 47 -3.77 10.26 -40.65
C ASN K 47 -2.66 10.13 -39.61
N VAL K 48 -1.46 10.61 -39.93
CA VAL K 48 -0.34 10.48 -39.01
C VAL K 48 -0.43 11.46 -37.84
N THR K 49 -1.14 12.58 -38.01
CA THR K 49 -1.34 13.50 -36.89
C THR K 49 -2.26 12.90 -35.84
N CYS K 50 -3.38 12.32 -36.29
CA CYS K 50 -4.29 11.67 -35.36
C CYS K 50 -3.74 10.35 -34.85
N LEU K 51 -2.76 9.76 -35.55
CA LEU K 51 -2.17 8.50 -35.07
C LEU K 51 -1.28 8.74 -33.87
N GLN K 52 -0.43 9.77 -33.93
CA GLN K 52 0.44 10.07 -32.80
C GLN K 52 -0.36 10.53 -31.58
N LEU K 53 -1.54 11.11 -31.80
CA LEU K 53 -2.41 11.46 -30.69
C LEU K 53 -2.92 10.20 -29.98
N GLN K 54 -3.20 9.15 -30.75
CA GLN K 54 -3.65 7.89 -30.15
C GLN K 54 -2.49 7.12 -29.54
N PHE K 55 -1.31 7.14 -30.19
CA PHE K 55 -0.13 6.52 -29.61
C PHE K 55 0.31 7.21 -28.33
N ALA K 56 -0.05 8.47 -28.14
CA ALA K 56 0.31 9.21 -26.94
C ALA K 56 -0.79 9.17 -25.87
N ARG K 57 -1.95 8.60 -26.18
CA ARG K 57 -3.08 8.55 -25.25
C ARG K 57 -3.42 9.95 -24.74
N PHE K 58 -3.33 10.94 -25.63
CA PHE K 58 -3.56 12.32 -25.26
C PHE K 58 -5.04 12.60 -25.08
N ARG K 59 -5.34 13.68 -24.37
CA ARG K 59 -6.70 14.20 -24.24
C ARG K 59 -6.65 15.71 -24.35
N PHE K 60 -7.78 16.30 -24.70
CA PHE K 60 -7.88 17.74 -24.86
C PHE K 60 -8.46 18.37 -23.60
N LYS K 61 -8.15 19.66 -23.43
CA LYS K 61 -8.47 20.34 -22.18
C LYS K 61 -9.98 20.57 -22.03
N SER K 62 -10.62 21.11 -23.06
CA SER K 62 -12.04 21.39 -22.99
C SER K 62 -12.86 20.16 -23.34
N ALA K 63 -14.07 20.09 -22.78
CA ALA K 63 -14.95 18.95 -23.02
C ALA K 63 -15.50 18.95 -24.44
N GLY K 64 -15.65 20.12 -25.04
CA GLY K 64 -16.16 20.18 -26.41
C GLY K 64 -15.18 19.62 -27.42
N LEU K 65 -13.89 19.92 -27.24
CA LEU K 65 -12.88 19.38 -28.15
C LEU K 65 -12.68 17.89 -27.93
N GLN K 66 -12.72 17.44 -26.68
CA GLN K 66 -12.53 16.02 -26.39
C GLN K 66 -13.67 15.18 -26.97
N ALA K 67 -14.90 15.72 -26.93
CA ALA K 67 -16.03 15.01 -27.52
C ALA K 67 -15.84 14.82 -29.02
N MET K 68 -15.27 15.83 -29.70
CA MET K 68 -14.98 15.69 -31.11
C MET K 68 -13.87 14.66 -31.35
N TRP K 69 -12.87 14.63 -30.47
CA TRP K 69 -11.78 13.67 -30.63
C TRP K 69 -12.22 12.26 -30.25
N GLU K 70 -13.08 12.14 -29.24
CA GLU K 70 -13.60 10.82 -28.86
C GLU K 70 -14.45 10.23 -29.98
N SER K 71 -15.22 11.08 -30.67
CA SER K 71 -16.00 10.58 -31.80
C SER K 71 -15.12 10.17 -32.97
N TYR K 72 -13.97 10.82 -33.14
CA TYR K 72 -13.04 10.43 -34.19
C TYR K 72 -12.53 9.01 -33.98
N CYS K 73 -12.19 8.67 -32.73
CA CYS K 73 -11.68 7.34 -32.45
C CYS K 73 -12.75 6.27 -32.66
N THR K 74 -14.02 6.60 -32.41
CA THR K 74 -15.09 5.64 -32.60
C THR K 74 -15.48 5.47 -34.07
N GLY K 75 -15.15 6.43 -34.93
CA GLY K 75 -15.48 6.34 -36.34
C GLY K 75 -16.10 7.59 -36.90
N ASP K 76 -16.69 8.42 -36.04
CA ASP K 76 -17.31 9.68 -36.46
C ASP K 76 -16.19 10.70 -36.68
N VAL K 77 -15.52 10.55 -37.82
CA VAL K 77 -14.31 11.33 -38.10
C VAL K 77 -14.61 12.64 -38.83
N ALA K 78 -15.88 12.95 -39.10
CA ALA K 78 -16.19 14.10 -39.94
C ALA K 78 -15.81 15.40 -39.27
N MET K 79 -16.18 15.57 -37.99
CA MET K 79 -16.02 16.87 -37.34
C MET K 79 -14.56 17.16 -37.00
N PHE K 80 -13.84 16.18 -36.46
CA PHE K 80 -12.48 16.45 -35.98
C PHE K 80 -11.52 16.67 -37.15
N VAL K 81 -11.69 15.93 -38.24
CA VAL K 81 -10.82 16.11 -39.40
C VAL K 81 -11.03 17.50 -40.00
N HIS K 82 -12.28 17.95 -40.05
CA HIS K 82 -12.57 19.30 -40.54
C HIS K 82 -11.91 20.35 -39.64
N TRP K 83 -11.91 20.11 -38.34
CA TRP K 83 -11.30 21.07 -37.41
C TRP K 83 -9.79 21.15 -37.59
N LEU K 84 -9.15 20.06 -38.02
CA LEU K 84 -7.72 20.10 -38.29
C LEU K 84 -7.41 21.01 -39.48
N TYR K 85 -8.20 20.91 -40.54
CA TYR K 85 -8.06 21.86 -41.65
C TYR K 85 -8.42 23.27 -41.23
N TRP K 86 -9.48 23.41 -40.43
CA TRP K 86 -9.94 24.73 -40.01
C TRP K 86 -8.95 25.41 -39.07
N LEU K 87 -8.23 24.63 -38.27
CA LEU K 87 -7.29 25.21 -37.32
C LEU K 87 -6.00 25.64 -37.99
N THR K 88 -5.46 24.81 -38.87
CA THR K 88 -4.19 25.08 -39.55
C THR K 88 -4.36 25.93 -40.81
N GLY K 89 -5.59 26.24 -41.20
CA GLY K 89 -5.82 27.03 -42.40
C GLY K 89 -5.46 26.33 -43.69
N VAL K 90 -5.82 25.06 -43.81
CA VAL K 90 -5.48 24.24 -44.97
C VAL K 90 -6.75 23.94 -45.75
N ASP K 91 -6.65 24.03 -47.07
CA ASP K 91 -7.77 23.70 -47.94
C ASP K 91 -7.86 22.19 -48.16
N LYS K 92 -9.08 21.71 -48.35
CA LYS K 92 -9.30 20.28 -48.53
C LYS K 92 -8.67 19.82 -49.83
N GLY K 93 -7.85 18.76 -49.74
CA GLY K 93 -7.17 18.18 -50.87
C GLY K 93 -5.70 18.56 -50.97
N GLN K 94 -5.33 19.76 -50.49
CA GLN K 94 -3.94 20.15 -50.54
C GLN K 94 -3.18 19.55 -49.35
N PRO K 95 -1.89 19.28 -49.51
CA PRO K 95 -1.11 18.69 -48.41
C PRO K 95 -0.70 19.75 -47.40
N SER K 96 -0.16 19.26 -46.29
CA SER K 96 0.26 20.13 -45.19
C SER K 96 1.38 19.44 -44.41
N ASP K 97 1.76 20.04 -43.29
CA ASP K 97 2.85 19.55 -42.45
C ASP K 97 2.26 18.99 -41.16
N SER K 98 2.48 17.70 -40.93
CA SER K 98 1.99 17.08 -39.70
C SER K 98 2.73 17.61 -38.47
N GLU K 99 4.02 17.95 -38.63
CA GLU K 99 4.76 18.52 -37.53
C GLU K 99 4.28 19.93 -37.18
N ASN K 100 3.74 20.64 -38.18
CA ASN K 100 3.15 21.95 -37.90
C ASN K 100 1.81 21.80 -37.20
N ALA K 101 1.01 20.82 -37.61
CA ALA K 101 -0.30 20.63 -36.99
C ALA K 101 -0.16 20.20 -35.53
N LEU K 102 0.75 19.26 -35.24
CA LEU K 102 0.93 18.80 -33.88
C LEU K 102 1.37 19.93 -32.95
N ASN K 103 2.16 20.87 -33.47
CA ASN K 103 2.59 21.99 -32.63
C ASN K 103 1.44 22.96 -32.38
N MET K 104 0.57 23.18 -33.37
CA MET K 104 -0.59 24.03 -33.18
C MET K 104 -1.64 23.40 -32.28
N LEU K 105 -1.60 22.07 -32.13
CA LEU K 105 -2.49 21.37 -31.21
C LEU K 105 -1.96 21.31 -29.79
N SER K 106 -0.73 21.79 -29.55
CA SER K 106 -0.10 21.64 -28.24
C SER K 106 -0.86 22.41 -27.17
N LYS K 107 -1.33 23.61 -27.49
CA LYS K 107 -2.02 24.43 -26.50
C LYS K 107 -3.39 23.86 -26.13
N TYR K 108 -3.94 22.96 -26.93
CA TYR K 108 -5.26 22.38 -26.68
C TYR K 108 -5.20 21.01 -26.03
N ILE K 109 -4.00 20.46 -25.84
CA ILE K 109 -3.83 19.10 -25.32
C ILE K 109 -3.34 19.17 -23.88
N VAL K 110 -3.92 18.33 -23.03
CA VAL K 110 -3.48 18.23 -21.64
C VAL K 110 -2.10 17.59 -21.59
N PRO K 111 -1.12 18.18 -20.91
CA PRO K 111 0.21 17.56 -20.79
C PRO K 111 0.11 16.22 -20.06
N ALA K 112 0.56 15.17 -20.74
CA ALA K 112 0.54 13.82 -20.19
C ALA K 112 1.93 13.24 -20.01
N GLY K 113 2.97 14.05 -20.17
CA GLY K 113 4.32 13.55 -20.02
C GLY K 113 5.29 14.67 -19.73
N SER K 114 6.56 14.28 -19.59
CA SER K 114 7.62 15.23 -19.25
C SER K 114 8.91 14.81 -19.95
N VAL K 115 9.65 15.79 -20.46
CA VAL K 115 10.88 15.55 -21.19
C VAL K 115 11.98 16.44 -20.61
N THR K 116 13.12 15.85 -20.30
CA THR K 116 14.28 16.57 -19.80
C THR K 116 15.28 16.78 -20.93
N ILE K 117 15.69 18.03 -21.15
CA ILE K 117 16.61 18.39 -22.20
C ILE K 117 17.90 18.88 -21.56
N GLU K 118 19.00 18.15 -21.80
CA GLU K 118 20.30 18.53 -21.27
C GLU K 118 21.05 19.37 -22.30
N ARG K 119 21.59 20.49 -21.86
CA ARG K 119 22.32 21.43 -22.71
C ARG K 119 23.78 21.46 -22.27
N VAL K 120 24.62 20.67 -22.95
CA VAL K 120 26.02 20.55 -22.60
C VAL K 120 26.85 20.79 -23.86
N THR K 121 28.13 21.10 -23.66
CA THR K 121 29.04 21.40 -24.75
C THR K 121 29.83 20.13 -25.13
N HIS K 122 30.97 20.32 -25.80
CA HIS K 122 31.76 19.18 -26.24
C HIS K 122 32.49 18.52 -25.07
N ASP K 123 32.78 19.28 -24.01
CA ASP K 123 33.50 18.72 -22.87
C ASP K 123 32.92 19.19 -21.53
N GLY K 124 31.67 19.64 -21.51
CA GLY K 124 31.06 20.08 -20.27
C GLY K 124 31.42 21.50 -19.86
N CYS K 125 31.69 22.38 -20.83
CA CYS K 125 32.12 23.73 -20.50
C CYS K 125 30.99 24.53 -19.85
N CYS K 126 29.88 24.70 -20.57
CA CYS K 126 28.74 25.48 -20.10
C CYS K 126 27.52 24.57 -20.05
N CYS K 127 27.38 23.83 -18.95
CA CYS K 127 26.33 22.85 -18.81
C CYS K 127 25.01 23.51 -18.41
N SER K 128 23.93 22.77 -18.63
CA SER K 128 22.59 23.23 -18.30
C SER K 128 21.63 22.05 -18.37
N LYS K 129 20.65 22.04 -17.47
CA LYS K 129 19.61 21.02 -17.45
C LYS K 129 18.28 21.66 -17.11
N ARG K 130 17.22 21.24 -17.80
CA ARG K 130 15.89 21.77 -17.57
C ARG K 130 14.86 20.71 -17.95
N VAL K 131 13.65 20.88 -17.43
CA VAL K 131 12.56 19.93 -17.61
C VAL K 131 11.41 20.65 -18.33
N VAL K 132 11.08 20.18 -19.53
CA VAL K 132 10.00 20.74 -20.32
C VAL K 132 8.79 19.83 -20.22
N THR K 133 7.64 20.39 -19.85
CA THR K 133 6.40 19.65 -19.65
C THR K 133 5.35 20.21 -20.59
N ALA K 134 5.38 19.77 -21.84
CA ALA K 134 4.44 20.16 -22.87
C ALA K 134 3.99 18.92 -23.63
N PRO K 135 2.84 18.97 -24.29
CA PRO K 135 2.45 17.83 -25.13
C PRO K 135 3.39 17.60 -26.30
N VAL K 136 3.88 18.68 -26.91
CA VAL K 136 4.79 18.59 -28.06
C VAL K 136 6.05 19.38 -27.73
N VAL K 137 7.20 18.76 -27.93
CA VAL K 137 8.50 19.38 -27.68
C VAL K 137 9.34 19.25 -28.95
N ASN K 138 9.95 20.35 -29.37
CA ASN K 138 10.80 20.37 -30.56
C ASN K 138 12.25 20.10 -30.13
N ALA K 139 12.69 18.86 -30.26
CA ALA K 139 14.04 18.47 -29.90
C ALA K 139 14.53 17.43 -30.90
N SER K 140 15.79 17.04 -30.77
CA SER K 140 16.37 16.06 -31.67
C SER K 140 15.80 14.69 -31.38
N VAL K 141 15.31 14.00 -32.42
CA VAL K 141 14.82 12.63 -32.27
C VAL K 141 15.92 11.62 -32.08
N LEU K 142 17.18 12.04 -32.14
CA LEU K 142 18.33 11.17 -31.91
C LEU K 142 18.82 11.32 -30.49
N LYS K 143 19.39 10.24 -29.93
CA LYS K 143 19.95 10.31 -28.58
C LYS K 143 21.21 11.18 -28.52
N LEU K 144 21.84 11.44 -29.67
CA LEU K 144 23.04 12.25 -29.68
C LEU K 144 22.72 13.74 -29.56
N GLY K 145 21.63 14.19 -30.18
CA GLY K 145 21.24 15.57 -30.13
C GLY K 145 21.71 16.35 -31.34
N VAL K 146 21.56 17.67 -31.24
CA VAL K 146 21.95 18.60 -32.30
C VAL K 146 22.68 19.78 -31.68
N GLU K 147 23.40 20.51 -32.53
CA GLU K 147 23.99 21.77 -32.13
C GLU K 147 22.92 22.86 -32.14
N ASP K 148 23.21 23.96 -31.44
CA ASP K 148 22.22 25.02 -31.32
C ASP K 148 22.85 26.40 -31.26
N GLY K 149 24.16 26.47 -31.03
CA GLY K 149 24.83 27.75 -30.98
C GLY K 149 26.12 27.65 -30.18
N LEU K 150 26.71 28.83 -29.94
CA LEU K 150 27.98 28.93 -29.25
C LEU K 150 27.78 29.43 -27.82
N CYS K 151 28.63 28.94 -26.92
CA CYS K 151 28.66 29.34 -25.52
C CYS K 151 29.61 30.54 -25.41
N PRO K 152 29.77 31.15 -24.21
CA PRO K 152 30.75 32.24 -24.08
C PRO K 152 32.15 31.89 -24.54
N HIS K 153 32.49 30.59 -24.55
CA HIS K 153 33.82 30.15 -24.93
C HIS K 153 33.91 29.65 -26.37
N GLY K 154 32.85 29.85 -27.16
CA GLY K 154 32.91 29.51 -28.57
C GLY K 154 32.69 28.06 -28.92
N LEU K 155 32.36 27.21 -27.95
CA LEU K 155 32.08 25.81 -28.23
C LEU K 155 30.61 25.63 -28.59
N ASN K 156 30.31 24.47 -29.18
CA ASN K 156 28.96 24.18 -29.66
C ASN K 156 28.15 23.50 -28.57
N TYR K 157 26.93 24.00 -28.36
CA TYR K 157 25.99 23.35 -27.45
C TYR K 157 25.49 22.05 -28.06
N ILE K 158 24.91 21.20 -27.20
CA ILE K 158 24.29 19.95 -27.62
C ILE K 158 22.99 19.80 -26.84
N ASP K 159 21.87 19.71 -27.57
CA ASP K 159 20.55 19.60 -26.97
C ASP K 159 20.02 18.19 -27.21
N LYS K 160 19.94 17.39 -26.16
CA LYS K 160 19.51 16.00 -26.25
C LYS K 160 18.49 15.70 -25.15
N VAL K 161 17.58 14.80 -25.47
CA VAL K 161 16.59 14.32 -24.50
C VAL K 161 17.21 13.18 -23.71
N VAL K 162 17.39 13.38 -22.41
CA VAL K 162 18.08 12.43 -21.57
C VAL K 162 17.14 11.63 -20.67
N VAL K 163 16.01 12.21 -20.25
CA VAL K 163 15.06 11.55 -19.37
C VAL K 163 13.67 11.69 -19.97
N VAL K 164 12.91 10.59 -19.98
CA VAL K 164 11.56 10.57 -20.53
C VAL K 164 10.63 10.04 -19.44
N LYS K 165 9.74 10.90 -18.95
CA LYS K 165 8.70 10.51 -18.00
C LYS K 165 7.34 10.79 -18.61
N GLY K 166 6.43 9.84 -18.48
CA GLY K 166 5.12 9.99 -19.09
C GLY K 166 5.20 9.78 -20.59
N THR K 167 4.40 10.55 -21.33
CA THR K 167 4.35 10.44 -22.78
C THR K 167 4.36 11.82 -23.40
N THR K 168 5.31 12.04 -24.32
CA THR K 168 5.46 13.32 -25.00
C THR K 168 5.78 13.06 -26.46
N ILE K 169 5.36 13.98 -27.32
CA ILE K 169 5.66 13.92 -28.76
C ILE K 169 6.86 14.83 -29.03
N VAL K 170 7.95 14.23 -29.49
CA VAL K 170 9.18 14.96 -29.80
C VAL K 170 9.22 15.16 -31.31
N VAL K 171 9.11 16.42 -31.74
CA VAL K 171 9.16 16.78 -33.16
C VAL K 171 10.58 17.16 -33.52
N ASN K 172 11.10 16.58 -34.59
CA ASN K 172 12.49 16.82 -34.98
C ASN K 172 12.71 18.26 -35.39
N VAL K 173 13.89 18.79 -35.05
CA VAL K 173 14.25 20.16 -35.39
C VAL K 173 15.12 20.17 -36.64
N GLY K 174 14.50 19.94 -37.78
CA GLY K 174 15.21 19.95 -39.05
C GLY K 174 14.54 19.02 -40.05
N LYS K 175 15.28 18.73 -41.11
CA LYS K 175 14.79 17.87 -42.17
C LYS K 175 14.60 16.44 -41.65
N PRO K 176 13.75 15.66 -42.32
CA PRO K 176 13.61 14.25 -41.94
C PRO K 176 14.94 13.51 -41.99
N VAL K 177 15.28 12.86 -40.89
CA VAL K 177 16.60 12.25 -40.70
C VAL K 177 16.48 10.74 -40.84
N VAL K 178 17.36 10.16 -41.65
CA VAL K 178 17.51 8.71 -41.75
C VAL K 178 18.70 8.30 -40.91
N ALA K 179 18.53 7.26 -40.09
CA ALA K 179 19.55 6.83 -39.17
C ALA K 179 19.25 5.39 -38.75
N PRO K 180 20.25 4.66 -38.24
CA PRO K 180 19.97 3.33 -37.69
C PRO K 180 18.97 3.41 -36.55
N SER K 181 18.23 2.30 -36.37
CA SER K 181 17.16 2.28 -35.38
C SER K 181 17.68 2.47 -33.96
N HIS K 182 18.93 2.08 -33.69
CA HIS K 182 19.49 2.19 -32.36
C HIS K 182 19.95 3.61 -32.01
N LEU K 183 19.90 4.54 -32.97
CA LEU K 183 20.28 5.92 -32.70
C LEU K 183 19.10 6.81 -32.37
N PHE K 184 17.89 6.44 -32.75
CA PHE K 184 16.71 7.23 -32.43
C PHE K 184 16.35 7.09 -30.95
N LEU K 185 15.54 8.03 -30.47
CA LEU K 185 15.03 7.94 -29.11
C LEU K 185 14.05 6.78 -28.98
N LYS K 186 14.01 6.19 -27.79
CA LYS K 186 13.08 5.09 -27.53
C LYS K 186 11.66 5.61 -27.54
N GLY K 187 10.86 5.16 -28.51
CA GLY K 187 9.48 5.59 -28.64
C GLY K 187 8.59 4.47 -29.09
N VAL K 188 7.28 4.70 -28.94
CA VAL K 188 6.29 3.69 -29.32
C VAL K 188 5.84 3.83 -30.77
N SER K 189 6.03 5.00 -31.39
CA SER K 189 5.65 5.20 -32.79
C SER K 189 6.55 6.27 -33.39
N TYR K 190 6.88 6.08 -34.67
CA TYR K 190 7.76 6.99 -35.40
C TYR K 190 7.06 7.43 -36.68
N THR K 191 6.89 8.73 -36.84
CA THR K 191 6.26 9.29 -38.04
C THR K 191 7.33 9.48 -39.11
N THR K 192 7.21 8.74 -40.20
CA THR K 192 8.17 8.79 -41.29
C THR K 192 7.58 9.57 -42.46
N PHE K 193 8.39 10.47 -43.03
CA PHE K 193 7.99 11.28 -44.17
C PHE K 193 9.09 11.23 -45.22
N LEU K 194 8.85 10.49 -46.29
CA LEU K 194 9.79 10.38 -47.40
C LEU K 194 9.20 11.18 -48.55
N ASP K 195 9.78 12.36 -48.78
CA ASP K 195 9.30 13.23 -49.85
C ASP K 195 9.38 12.51 -51.20
N ASN K 196 8.22 12.30 -51.83
CA ASN K 196 8.15 11.81 -53.22
C ASN K 196 8.51 12.94 -54.18
N GLY K 197 9.71 13.48 -54.00
CA GLY K 197 10.17 14.56 -54.86
C GLY K 197 10.25 15.92 -54.21
N ASN K 198 9.96 16.99 -54.96
CA ASN K 198 10.04 18.34 -54.44
C ASN K 198 8.80 19.16 -54.79
N GLY K 199 8.54 19.32 -56.09
CA GLY K 199 7.45 20.11 -56.60
C GLY K 199 6.11 19.40 -56.69
N VAL K 200 6.06 18.13 -56.31
CA VAL K 200 4.82 17.37 -56.29
C VAL K 200 4.23 17.31 -54.88
N ALA K 201 4.60 16.31 -54.08
CA ALA K 201 4.11 16.18 -52.71
C ALA K 201 4.99 15.16 -51.99
N GLY K 202 4.71 14.94 -50.71
CA GLY K 202 5.37 13.91 -49.93
C GLY K 202 4.44 12.76 -49.59
N HIS K 203 4.83 11.99 -48.58
CA HIS K 203 4.04 10.85 -48.15
C HIS K 203 4.32 10.58 -46.68
N TYR K 204 3.29 10.73 -45.86
CA TYR K 204 3.43 10.52 -44.42
C TYR K 204 3.12 9.06 -44.06
N THR K 205 3.64 8.65 -42.90
CA THR K 205 3.57 7.25 -42.48
C THR K 205 4.05 7.14 -41.04
N VAL K 206 3.33 6.36 -40.24
CA VAL K 206 3.69 6.09 -38.85
C VAL K 206 4.22 4.67 -38.74
N PHE K 207 5.32 4.51 -38.01
CA PHE K 207 5.95 3.21 -37.79
C PHE K 207 5.64 2.74 -36.37
N ASP K 208 4.96 1.59 -36.27
CA ASP K 208 4.65 1.01 -34.97
C ASP K 208 5.86 0.25 -34.46
N HIS K 209 6.33 0.63 -33.27
CA HIS K 209 7.53 0.01 -32.71
C HIS K 209 7.26 -1.38 -32.13
N ASP K 210 6.07 -1.60 -31.57
CA ASP K 210 5.78 -2.88 -30.95
C ASP K 210 5.60 -3.98 -31.99
N THR K 211 4.68 -3.77 -32.94
CA THR K 211 4.40 -4.79 -33.96
C THR K 211 5.43 -4.82 -35.07
N GLY K 212 6.32 -3.83 -35.14
CA GLY K 212 7.29 -3.77 -36.21
C GLY K 212 6.72 -3.50 -37.58
N MET K 213 5.41 -3.31 -37.69
CA MET K 213 4.75 -3.01 -38.96
C MET K 213 4.55 -1.51 -39.10
N VAL K 214 4.01 -1.11 -40.25
CA VAL K 214 3.93 0.30 -40.64
C VAL K 214 2.47 0.65 -40.90
N HIS K 215 2.04 1.79 -40.36
CA HIS K 215 0.74 2.37 -40.66
C HIS K 215 0.87 3.24 -41.92
N ASP K 216 0.35 2.74 -43.03
CA ASP K 216 0.38 3.46 -44.30
C ASP K 216 -1.07 3.63 -44.75
N GLY K 217 -1.71 4.71 -44.30
CA GLY K 217 -3.12 4.91 -44.58
C GLY K 217 -3.98 4.00 -43.72
N ASP K 218 -4.83 3.19 -44.36
CA ASP K 218 -5.69 2.26 -43.65
C ASP K 218 -5.23 0.81 -43.80
N VAL K 219 -3.97 0.59 -44.16
CA VAL K 219 -3.41 -0.74 -44.29
C VAL K 219 -2.20 -0.87 -43.37
N PHE K 220 -1.74 -2.10 -43.19
CA PHE K 220 -0.67 -2.44 -42.24
C PHE K 220 0.42 -3.20 -43.02
N VAL K 221 1.39 -2.46 -43.53
CA VAL K 221 2.48 -3.04 -44.33
C VAL K 221 3.74 -3.11 -43.47
N PRO K 222 4.70 -3.97 -43.81
CA PRO K 222 5.97 -3.98 -43.06
C PRO K 222 6.83 -2.77 -43.43
N GLY K 223 7.84 -2.55 -42.59
CA GLY K 223 8.73 -1.42 -42.81
C GLY K 223 10.03 -1.59 -42.03
N ASP K 224 10.96 -0.69 -42.32
CA ASP K 224 12.29 -0.70 -41.70
C ASP K 224 12.59 0.70 -41.17
N LEU K 225 13.06 0.77 -39.93
CA LEU K 225 13.42 2.05 -39.33
C LEU K 225 14.78 2.55 -39.78
N ASN K 226 15.67 1.65 -40.21
CA ASN K 226 17.01 2.05 -40.64
C ASN K 226 16.98 2.87 -41.92
N VAL K 227 15.91 2.78 -42.70
CA VAL K 227 15.78 3.51 -43.95
C VAL K 227 14.59 4.46 -43.94
N SER K 228 13.95 4.64 -42.79
CA SER K 228 12.77 5.49 -42.69
C SER K 228 13.16 6.87 -42.20
N PRO K 229 12.83 7.93 -42.92
CA PRO K 229 13.13 9.29 -42.43
C PRO K 229 12.13 9.75 -41.38
N VAL K 230 12.54 9.70 -40.11
CA VAL K 230 11.64 10.02 -39.00
C VAL K 230 11.53 11.54 -38.85
N THR K 231 10.32 12.02 -38.59
CA THR K 231 10.08 13.43 -38.30
C THR K 231 9.63 13.69 -36.88
N ASN K 232 8.92 12.75 -36.26
CA ASN K 232 8.56 12.87 -34.85
C ASN K 232 8.41 11.47 -34.26
N VAL K 233 8.56 11.39 -32.94
CA VAL K 233 8.52 10.12 -32.22
C VAL K 233 7.76 10.32 -30.92
N VAL K 234 6.86 9.39 -30.61
CA VAL K 234 6.09 9.43 -29.37
C VAL K 234 6.89 8.65 -28.34
N VAL K 235 7.73 9.35 -27.59
CA VAL K 235 8.48 8.71 -26.51
C VAL K 235 7.53 8.44 -25.34
N SER K 236 7.77 7.33 -24.65
CA SER K 236 6.88 6.91 -23.57
C SER K 236 7.62 5.94 -22.66
N GLU K 237 7.35 6.04 -21.37
CA GLU K 237 7.91 5.13 -20.38
C GLU K 237 7.06 5.14 -19.10
N MET L 1 18.78 45.02 -31.49
CA MET L 1 19.61 43.91 -31.08
C MET L 1 19.77 42.90 -32.21
N GLN L 2 20.73 41.99 -32.07
CA GLN L 2 21.01 40.98 -33.09
C GLN L 2 20.73 39.59 -32.54
N ILE L 3 20.18 38.73 -33.40
CA ILE L 3 19.92 37.34 -33.07
C ILE L 3 20.46 36.47 -34.20
N PHE L 4 20.34 35.15 -34.02
CA PHE L 4 20.80 34.18 -35.01
C PHE L 4 19.66 33.28 -35.44
N VAL L 5 19.74 32.77 -36.67
CA VAL L 5 18.76 31.86 -37.22
C VAL L 5 19.50 30.75 -37.95
N LYS L 6 19.31 29.50 -37.52
CA LYS L 6 19.98 28.36 -38.12
C LYS L 6 19.18 27.89 -39.32
N THR L 7 19.82 27.88 -40.50
CA THR L 7 19.15 27.49 -41.73
C THR L 7 19.19 25.97 -41.89
N LEU L 8 18.45 25.48 -42.90
CA LEU L 8 18.35 24.04 -43.11
C LEU L 8 19.69 23.42 -43.50
N THR L 9 20.51 24.15 -44.24
CA THR L 9 21.77 23.62 -44.74
C THR L 9 22.87 23.58 -43.68
N GLY L 10 22.60 24.08 -42.48
CA GLY L 10 23.62 24.18 -41.46
C GLY L 10 24.33 25.52 -41.39
N LYS L 11 23.94 26.47 -42.23
CA LYS L 11 24.53 27.80 -42.24
C LYS L 11 23.80 28.70 -41.24
N THR L 12 24.57 29.35 -40.37
CA THR L 12 24.02 30.24 -39.36
C THR L 12 24.06 31.67 -39.88
N ILE L 13 22.90 32.32 -39.91
CA ILE L 13 22.79 33.70 -40.35
C ILE L 13 22.56 34.58 -39.12
N THR L 14 22.69 35.89 -39.32
CA THR L 14 22.49 36.86 -38.27
C THR L 14 21.50 37.93 -38.75
N LEU L 15 20.60 38.34 -37.86
CA LEU L 15 19.57 39.32 -38.16
C LEU L 15 19.65 40.47 -37.17
N GLU L 16 19.02 41.58 -37.55
CA GLU L 16 18.94 42.78 -36.71
C GLU L 16 17.48 43.00 -36.35
N VAL L 17 17.08 42.58 -35.16
CA VAL L 17 15.68 42.64 -34.74
C VAL L 17 15.54 43.53 -33.52
N GLU L 18 14.35 43.52 -32.91
CA GLU L 18 14.03 44.28 -31.73
C GLU L 18 13.13 43.44 -30.84
N PRO L 19 13.26 43.55 -29.52
CA PRO L 19 12.39 42.77 -28.62
C PRO L 19 10.90 43.03 -28.83
N SER L 20 10.55 44.17 -29.40
CA SER L 20 9.15 44.48 -29.69
C SER L 20 8.69 44.01 -31.06
N ASP L 21 9.60 43.51 -31.89
CA ASP L 21 9.22 43.00 -33.20
C ASP L 21 8.37 41.75 -33.07
N THR L 22 7.46 41.57 -34.02
CA THR L 22 6.61 40.40 -34.05
C THR L 22 7.29 39.25 -34.78
N ILE L 23 6.67 38.07 -34.72
CA ILE L 23 7.25 36.89 -35.35
C ILE L 23 7.16 37.00 -36.87
N GLU L 24 6.02 37.47 -37.39
CA GLU L 24 5.88 37.66 -38.82
C GLU L 24 6.86 38.69 -39.36
N ASN L 25 7.35 39.59 -38.50
CA ASN L 25 8.41 40.50 -38.92
C ASN L 25 9.74 39.77 -39.08
N VAL L 26 10.00 38.79 -38.21
CA VAL L 26 11.24 38.04 -38.30
C VAL L 26 11.25 37.16 -39.56
N LYS L 27 10.09 36.59 -39.91
CA LYS L 27 10.00 35.83 -41.15
C LYS L 27 10.26 36.72 -42.36
N ALA L 28 9.94 38.01 -42.26
CA ALA L 28 10.25 38.93 -43.35
C ALA L 28 11.74 39.19 -43.44
N LYS L 29 12.42 39.30 -42.28
CA LYS L 29 13.86 39.51 -42.30
C LYS L 29 14.60 38.26 -42.75
N ILE L 30 14.03 37.07 -42.50
CA ILE L 30 14.62 35.84 -43.03
C ILE L 30 14.36 35.74 -44.53
N GLN L 31 13.16 36.15 -44.97
CA GLN L 31 12.87 36.20 -46.39
C GLN L 31 13.77 37.20 -47.10
N ASP L 32 14.19 38.26 -46.40
CA ASP L 32 15.09 39.25 -46.98
C ASP L 32 16.52 38.75 -47.11
N LYS L 33 16.83 37.58 -46.55
CA LYS L 33 18.18 37.04 -46.59
C LYS L 33 18.29 35.72 -47.35
N GLU L 34 17.26 34.87 -47.31
CA GLU L 34 17.27 33.60 -48.03
C GLU L 34 16.21 33.50 -49.12
N GLY L 35 15.25 34.41 -49.16
CA GLY L 35 14.22 34.34 -50.19
C GLY L 35 13.19 33.27 -49.97
N ILE L 36 13.06 32.75 -48.76
CA ILE L 36 12.05 31.73 -48.45
C ILE L 36 10.76 32.44 -48.08
N PRO L 37 9.63 32.07 -48.68
CA PRO L 37 8.37 32.73 -48.33
C PRO L 37 8.03 32.49 -46.89
N PRO L 38 7.41 33.47 -46.23
CA PRO L 38 6.99 33.27 -44.83
C PRO L 38 5.97 32.14 -44.68
N ASP L 39 5.21 31.84 -45.72
CA ASP L 39 4.26 30.74 -45.67
C ASP L 39 4.93 29.38 -45.64
N GLN L 40 6.20 29.30 -46.03
CA GLN L 40 6.95 28.05 -46.10
C GLN L 40 7.82 27.80 -44.87
N GLN L 41 7.98 28.78 -43.99
CA GLN L 41 8.89 28.67 -42.87
C GLN L 41 8.15 28.68 -41.55
N ARG L 42 8.70 27.97 -40.57
CA ARG L 42 8.22 28.01 -39.20
C ARG L 42 9.42 27.97 -38.27
N LEU L 43 9.42 28.83 -37.25
CA LEU L 43 10.58 29.04 -36.40
C LEU L 43 10.39 28.36 -35.05
N ILE L 44 11.46 27.78 -34.54
CA ILE L 44 11.47 27.07 -33.25
C ILE L 44 12.50 27.73 -32.35
N PHE L 45 12.12 28.00 -31.11
CA PHE L 45 13.03 28.51 -30.10
C PHE L 45 12.73 27.86 -28.76
N ALA L 46 13.78 27.39 -28.09
CA ALA L 46 13.65 26.75 -26.77
C ALA L 46 12.67 25.58 -26.82
N GLY L 47 12.65 24.87 -27.94
CA GLY L 47 11.76 23.73 -28.09
C GLY L 47 10.30 24.06 -28.24
N LYS L 48 9.96 25.33 -28.43
CA LYS L 48 8.57 25.76 -28.56
C LYS L 48 8.35 26.35 -29.94
N GLN L 49 7.27 25.94 -30.59
CA GLN L 49 6.90 26.51 -31.88
C GLN L 49 6.50 27.96 -31.71
N LEU L 50 7.13 28.84 -32.48
CA LEU L 50 6.84 30.27 -32.39
C LEU L 50 5.56 30.60 -33.15
N GLU L 51 4.65 31.30 -32.48
CA GLU L 51 3.38 31.70 -33.07
C GLU L 51 3.51 33.06 -33.72
N ASP L 52 2.75 33.27 -34.81
CA ASP L 52 2.94 34.47 -35.63
C ASP L 52 2.55 35.73 -34.88
N GLY L 53 1.40 35.72 -34.19
CA GLY L 53 0.87 36.92 -33.59
C GLY L 53 1.46 37.31 -32.25
N ARG L 54 2.73 36.99 -32.03
CA ARG L 54 3.41 37.32 -30.78
C ARG L 54 4.76 37.95 -31.09
N THR L 55 5.36 38.53 -30.06
CA THR L 55 6.63 39.24 -30.17
C THR L 55 7.76 38.42 -29.55
N LEU L 56 8.99 38.90 -29.76
CA LEU L 56 10.15 38.23 -29.18
C LEU L 56 10.19 38.38 -27.67
N SER L 57 9.71 39.51 -27.15
CA SER L 57 9.65 39.67 -25.70
C SER L 57 8.61 38.75 -25.08
N ASP L 58 7.54 38.43 -25.82
CA ASP L 58 6.55 37.48 -25.34
C ASP L 58 7.13 36.08 -25.20
N TYR L 59 8.21 35.77 -25.91
CA TYR L 59 8.92 34.50 -25.77
C TYR L 59 10.22 34.65 -24.99
N ASN L 60 10.44 35.81 -24.37
CA ASN L 60 11.66 36.07 -23.59
C ASN L 60 12.92 35.86 -24.42
N ILE L 61 12.89 36.37 -25.65
CA ILE L 61 14.05 36.27 -26.55
C ILE L 61 15.01 37.40 -26.19
N GLN L 62 16.13 37.05 -25.58
CA GLN L 62 17.09 38.03 -25.09
C GLN L 62 18.10 38.39 -26.18
N LYS L 63 19.12 39.16 -25.80
CA LYS L 63 20.17 39.52 -26.75
C LYS L 63 21.01 38.31 -27.10
N GLU L 64 21.44 38.24 -28.36
CA GLU L 64 22.29 37.16 -28.86
C GLU L 64 21.59 35.80 -28.77
N SER L 65 20.28 35.80 -29.00
CA SER L 65 19.52 34.56 -28.99
C SER L 65 19.72 33.81 -30.31
N THR L 66 19.33 32.54 -30.31
CA THR L 66 19.46 31.70 -31.49
C THR L 66 18.15 30.99 -31.75
N LEU L 67 17.64 31.13 -32.98
CA LEU L 67 16.41 30.48 -33.41
C LEU L 67 16.74 29.33 -34.36
N HIS L 68 15.71 28.54 -34.66
CA HIS L 68 15.82 27.43 -35.60
C HIS L 68 14.81 27.60 -36.72
N LEU L 69 15.24 27.29 -37.94
CA LEU L 69 14.42 27.46 -39.14
C LEU L 69 14.20 26.10 -39.78
N VAL L 70 12.94 25.70 -39.91
CA VAL L 70 12.58 24.44 -40.55
C VAL L 70 11.53 24.72 -41.61
N LEU L 71 11.51 23.88 -42.65
CA LEU L 71 10.65 24.07 -43.80
C LEU L 71 9.28 23.47 -43.56
N ARG L 72 8.24 24.13 -44.08
CA ARG L 72 6.90 23.56 -44.08
C ARG L 72 6.83 22.43 -45.09
N LEU L 73 6.68 21.21 -44.61
CA LEU L 73 6.61 20.05 -45.50
C LEU L 73 5.24 19.99 -46.16
N ARG L 74 5.24 19.85 -47.48
CA ARG L 74 4.00 19.75 -48.26
C ARG L 74 3.68 18.31 -48.61
N GLY L 75 3.71 17.43 -47.61
CA GLY L 75 3.41 16.02 -47.82
C GLY L 75 1.98 15.66 -47.46
N HIS M 3 20.81 -27.28 28.66
CA HIS M 3 20.64 -27.53 27.24
C HIS M 3 19.90 -28.84 27.00
N MET M 4 19.79 -29.23 25.72
CA MET M 4 19.03 -30.39 25.26
C MET M 4 17.53 -30.16 25.46
N ASP M 5 17.11 -29.88 26.70
CA ASP M 5 15.71 -29.51 26.93
C ASP M 5 15.40 -28.15 26.32
N SER M 6 16.30 -27.18 26.51
CA SER M 6 16.09 -25.85 25.96
C SER M 6 16.11 -25.83 24.43
N HIS M 7 16.73 -26.83 23.81
CA HIS M 7 16.72 -26.93 22.36
C HIS M 7 15.51 -27.69 21.83
N TYR M 8 15.12 -28.78 22.50
CA TYR M 8 13.94 -29.53 22.08
C TYR M 8 12.65 -28.90 22.58
N GLY M 9 12.67 -28.27 23.75
CA GLY M 9 11.51 -27.57 24.24
C GLY M 9 10.56 -28.37 25.10
N PHE M 10 10.97 -29.54 25.58
CA PHE M 10 10.15 -30.33 26.47
C PHE M 10 11.04 -31.07 27.46
N ASP M 11 10.48 -31.35 28.64
CA ASP M 11 11.24 -31.97 29.70
C ASP M 11 11.68 -33.38 29.33
N LYS M 12 12.80 -33.80 29.91
CA LYS M 12 13.39 -35.13 29.67
C LYS M 12 13.67 -35.34 28.19
N ALA M 13 14.12 -34.28 27.51
CA ALA M 13 14.41 -34.38 26.08
C ALA M 13 15.63 -35.25 25.82
N GLY M 14 16.64 -35.17 26.69
CA GLY M 14 17.82 -36.00 26.52
C GLY M 14 17.51 -37.48 26.68
N GLU M 15 16.58 -37.82 27.57
CA GLU M 15 16.21 -39.22 27.74
C GLU M 15 15.46 -39.76 26.53
N PHE M 16 14.58 -38.95 25.94
CA PHE M 16 13.88 -39.37 24.74
C PHE M 16 14.82 -39.44 23.54
N HIS M 17 15.85 -38.59 23.52
CA HIS M 17 16.77 -38.57 22.38
C HIS M 17 17.60 -39.85 22.30
N MET M 18 17.92 -40.46 23.44
CA MET M 18 18.72 -41.68 23.46
C MET M 18 17.92 -42.92 23.08
N LEU M 19 16.62 -42.80 22.85
CA LEU M 19 15.78 -43.95 22.56
C LEU M 19 15.85 -44.32 21.08
N ASP M 20 15.26 -45.46 20.75
CA ASP M 20 15.23 -45.98 19.38
C ASP M 20 13.85 -45.69 18.79
N HIS M 21 13.83 -44.92 17.70
CA HIS M 21 12.58 -44.53 17.06
C HIS M 21 12.26 -45.37 15.82
N THR M 22 13.09 -46.35 15.49
CA THR M 22 12.87 -47.14 14.28
C THR M 22 11.62 -48.01 14.40
N GLY M 23 11.24 -48.40 15.61
CA GLY M 23 10.05 -49.19 15.81
C GLY M 23 8.74 -48.47 15.55
N PHE M 24 8.81 -47.16 15.28
CA PHE M 24 7.61 -46.35 15.05
C PHE M 24 7.56 -45.82 13.63
N ALA M 25 8.27 -46.45 12.70
CA ALA M 25 8.30 -46.02 11.29
C ALA M 25 7.12 -46.64 10.57
N PHE M 26 5.95 -46.04 10.80
CA PHE M 26 4.75 -46.51 10.12
C PHE M 26 4.80 -46.12 8.64
N PRO M 27 4.31 -46.98 7.74
CA PRO M 27 4.32 -46.64 6.31
C PRO M 27 3.47 -45.40 6.04
N SER M 28 4.09 -44.38 5.46
CA SER M 28 3.44 -43.10 5.23
C SER M 28 3.37 -42.81 3.74
N GLU M 29 2.34 -42.05 3.35
CA GLU M 29 2.14 -41.64 1.97
C GLU M 29 1.69 -40.18 1.95
N VAL M 30 1.43 -39.67 0.76
CA VAL M 30 0.98 -38.29 0.55
C VAL M 30 -0.34 -38.34 -0.20
N VAL M 31 -1.42 -37.94 0.47
CA VAL M 31 -2.76 -37.94 -0.11
C VAL M 31 -3.30 -36.52 -0.06
N ASN M 32 -3.54 -35.93 -1.23
CA ASN M 32 -4.09 -34.58 -1.35
C ASN M 32 -3.23 -33.55 -0.64
N GLY M 33 -1.90 -33.73 -0.75
CA GLY M 33 -0.96 -32.80 -0.15
C GLY M 33 -0.78 -32.96 1.34
N ARG M 34 -1.35 -33.98 1.95
CA ARG M 34 -1.23 -34.22 3.38
C ARG M 34 -0.43 -35.50 3.64
N ARG M 35 0.31 -35.50 4.74
CA ARG M 35 1.09 -36.66 5.15
C ARG M 35 0.20 -37.55 6.03
N VAL M 36 -0.13 -38.73 5.53
CA VAL M 36 -1.04 -39.64 6.21
C VAL M 36 -0.34 -40.98 6.44
N LEU M 37 -0.76 -41.66 7.50
CA LEU M 37 -0.18 -42.93 7.90
C LEU M 37 -1.13 -44.08 7.57
N LYS M 38 -0.55 -45.24 7.26
CA LYS M 38 -1.34 -46.42 6.98
C LYS M 38 -1.96 -46.97 8.26
N THR M 39 -3.20 -47.44 8.16
CA THR M 39 -3.91 -47.99 9.31
C THR M 39 -3.30 -49.33 9.69
N THR M 40 -2.56 -49.35 10.80
CA THR M 40 -1.94 -50.56 11.31
C THR M 40 -1.47 -50.30 12.73
N ASP M 41 -1.50 -51.35 13.55
CA ASP M 41 -1.07 -51.27 14.95
C ASP M 41 -1.85 -50.22 15.73
N ASN M 42 -3.07 -49.93 15.31
CA ASN M 42 -3.94 -48.93 15.93
C ASN M 42 -3.24 -47.56 15.96
N ASN M 43 -2.85 -47.10 14.77
CA ASN M 43 -2.25 -45.77 14.61
C ASN M 43 -3.23 -44.77 14.01
N CYS M 44 -4.52 -45.10 13.94
CA CYS M 44 -5.50 -44.18 13.39
C CYS M 44 -5.69 -42.96 14.29
N TRP M 45 -5.35 -43.06 15.57
CA TRP M 45 -5.39 -41.88 16.43
C TRP M 45 -4.19 -40.99 16.21
N VAL M 46 -3.05 -41.56 15.83
CA VAL M 46 -1.89 -40.74 15.46
C VAL M 46 -2.11 -40.10 14.10
N ASN M 47 -2.79 -40.80 13.19
CA ASN M 47 -3.03 -40.25 11.86
C ASN M 47 -3.89 -38.99 11.92
N VAL M 48 -5.03 -39.07 12.62
CA VAL M 48 -5.92 -37.92 12.69
C VAL M 48 -5.38 -36.82 13.61
N THR M 49 -4.49 -37.15 14.54
CA THR M 49 -3.88 -36.13 15.37
C THR M 49 -2.92 -35.27 14.55
N CYS M 50 -2.03 -35.91 13.80
CA CYS M 50 -1.10 -35.17 12.94
C CYS M 50 -1.79 -34.59 11.72
N LEU M 51 -2.95 -35.12 11.33
CA LEU M 51 -3.70 -34.53 10.22
C LEU M 51 -4.26 -33.17 10.59
N GLN M 52 -4.74 -33.02 11.82
CA GLN M 52 -5.29 -31.73 12.24
C GLN M 52 -4.20 -30.69 12.44
N LEU M 53 -2.98 -31.13 12.76
CA LEU M 53 -1.86 -30.19 12.85
C LEU M 53 -1.48 -29.66 11.47
N GLN M 54 -1.76 -30.42 10.41
CA GLN M 54 -1.48 -29.94 9.06
C GLN M 54 -2.63 -29.08 8.53
N PHE M 55 -3.88 -29.47 8.82
CA PHE M 55 -5.01 -28.64 8.41
C PHE M 55 -4.99 -27.29 9.11
N ALA M 56 -4.42 -27.23 10.31
CA ALA M 56 -4.23 -25.97 11.00
C ALA M 56 -2.92 -25.28 10.63
N ARG M 57 -2.01 -25.98 9.96
CA ARG M 57 -0.71 -25.45 9.57
C ARG M 57 0.02 -24.87 10.78
N PHE M 58 0.02 -25.65 11.86
CA PHE M 58 0.63 -25.22 13.11
C PHE M 58 2.15 -25.29 13.02
N ARG M 59 2.81 -24.67 14.00
CA ARG M 59 4.26 -24.68 14.11
C ARG M 59 4.61 -24.87 15.59
N PHE M 60 5.64 -25.67 15.85
CA PHE M 60 6.04 -25.93 17.22
C PHE M 60 6.93 -24.79 17.74
N LYS M 61 6.96 -24.66 19.06
CA LYS M 61 7.60 -23.50 19.67
C LYS M 61 9.11 -23.55 19.54
N SER M 62 9.73 -24.65 19.97
CA SER M 62 11.18 -24.79 19.89
C SER M 62 11.60 -25.24 18.49
N ALA M 63 12.82 -24.86 18.11
CA ALA M 63 13.34 -25.24 16.79
C ALA M 63 13.57 -26.73 16.68
N GLY M 64 13.96 -27.38 17.77
CA GLY M 64 14.17 -28.82 17.73
C GLY M 64 12.89 -29.60 17.53
N LEU M 65 11.81 -29.18 18.18
CA LEU M 65 10.53 -29.85 18.01
C LEU M 65 9.98 -29.63 16.61
N GLN M 66 10.10 -28.40 16.08
CA GLN M 66 9.60 -28.12 14.73
C GLN M 66 10.34 -28.92 13.69
N ALA M 67 11.64 -29.18 13.90
CA ALA M 67 12.39 -30.03 13.00
C ALA M 67 11.80 -31.44 12.94
N MET M 68 11.40 -31.98 14.10
CA MET M 68 10.76 -33.29 14.14
C MET M 68 9.44 -33.28 13.38
N TRP M 69 8.62 -32.25 13.61
CA TRP M 69 7.33 -32.17 12.93
C TRP M 69 7.51 -31.93 11.43
N GLU M 70 8.43 -31.04 11.06
CA GLU M 70 8.72 -30.83 9.64
C GLU M 70 9.29 -32.08 9.00
N SER M 71 10.03 -32.89 9.76
CA SER M 71 10.51 -34.17 9.23
C SER M 71 9.36 -35.15 9.04
N TYR M 72 8.36 -35.11 9.91
CA TYR M 72 7.21 -35.99 9.76
C TYR M 72 6.48 -35.75 8.44
N CYS M 73 6.29 -34.48 8.08
CA CYS M 73 5.55 -34.14 6.86
C CYS M 73 6.31 -34.49 5.59
N THR M 74 7.60 -34.78 5.67
CA THR M 74 8.41 -35.10 4.50
C THR M 74 8.66 -36.60 4.35
N GLY M 75 8.17 -37.43 5.27
CA GLY M 75 8.33 -38.86 5.18
C GLY M 75 9.12 -39.49 6.31
N ASP M 76 9.85 -38.71 7.10
CA ASP M 76 10.60 -39.24 8.24
C ASP M 76 9.70 -39.18 9.49
N VAL M 77 8.70 -40.06 9.50
CA VAL M 77 7.67 -40.05 10.54
C VAL M 77 8.11 -40.77 11.81
N ALA M 78 9.32 -41.33 11.83
CA ALA M 78 9.70 -42.18 12.96
C ALA M 78 9.81 -41.39 14.26
N MET M 79 10.57 -40.29 14.24
CA MET M 79 10.89 -39.61 15.50
C MET M 79 9.68 -38.92 16.11
N PHE M 80 8.79 -38.37 15.28
CA PHE M 80 7.66 -37.62 15.82
C PHE M 80 6.55 -38.54 16.32
N VAL M 81 6.29 -39.64 15.61
CA VAL M 81 5.26 -40.58 16.05
C VAL M 81 5.64 -41.18 17.39
N HIS M 82 6.92 -41.48 17.59
CA HIS M 82 7.38 -41.99 18.88
C HIS M 82 7.20 -40.96 19.97
N TRP M 83 7.40 -39.68 19.65
CA TRP M 83 7.24 -38.62 20.65
C TRP M 83 5.79 -38.51 21.12
N LEU M 84 4.84 -38.81 20.24
CA LEU M 84 3.43 -38.81 20.66
C LEU M 84 3.14 -39.95 21.62
N TYR M 85 3.65 -41.15 21.33
CA TYR M 85 3.51 -42.25 22.28
C TYR M 85 4.25 -41.98 23.58
N TRP M 86 5.37 -41.25 23.50
CA TRP M 86 6.16 -40.95 24.68
C TRP M 86 5.53 -39.84 25.53
N LEU M 87 4.82 -38.90 24.90
CA LEU M 87 4.22 -37.79 25.63
C LEU M 87 2.88 -38.18 26.24
N THR M 88 2.05 -38.93 25.50
CA THR M 88 0.74 -39.34 25.97
C THR M 88 0.79 -40.62 26.80
N GLY M 89 1.97 -41.20 27.00
CA GLY M 89 2.11 -42.40 27.80
C GLY M 89 1.37 -43.60 27.23
N VAL M 90 1.55 -43.85 25.93
CA VAL M 90 0.87 -44.94 25.24
C VAL M 90 1.92 -45.91 24.72
N ASP M 91 1.66 -47.20 24.91
CA ASP M 91 2.54 -48.23 24.36
C ASP M 91 2.21 -48.49 22.90
N LYS M 92 3.24 -48.86 22.13
CA LYS M 92 3.06 -49.10 20.71
C LYS M 92 2.10 -50.27 20.48
N GLY M 93 1.14 -50.05 19.58
CA GLY M 93 0.16 -51.06 19.24
C GLY M 93 -1.18 -50.90 19.93
N GLN M 94 -1.27 -50.03 20.94
CA GLN M 94 -2.53 -49.85 21.66
C GLN M 94 -3.25 -48.60 21.19
N PRO M 95 -4.57 -48.68 21.06
CA PRO M 95 -5.34 -47.49 20.68
C PRO M 95 -5.37 -46.46 21.79
N SER M 96 -5.49 -45.19 21.39
CA SER M 96 -5.47 -44.08 22.32
C SER M 96 -6.43 -42.99 21.85
N ASP M 97 -6.45 -41.88 22.58
CA ASP M 97 -7.36 -40.77 22.32
C ASP M 97 -6.64 -39.69 21.52
N SER M 98 -7.23 -39.31 20.38
CA SER M 98 -6.66 -38.23 19.58
C SER M 98 -6.92 -36.87 20.19
N GLU M 99 -8.12 -36.67 20.76
CA GLU M 99 -8.42 -35.39 21.41
C GLU M 99 -7.60 -35.19 22.66
N ASN M 100 -7.23 -36.27 23.37
CA ASN M 100 -6.36 -36.14 24.52
C ASN M 100 -4.94 -35.78 24.10
N ALA M 101 -4.52 -36.21 22.91
CA ALA M 101 -3.18 -35.88 22.43
C ALA M 101 -3.12 -34.41 22.01
N LEU M 102 -4.10 -33.95 21.24
CA LEU M 102 -4.11 -32.57 20.77
C LEU M 102 -4.07 -31.58 21.95
N ASN M 103 -4.73 -31.93 23.06
CA ASN M 103 -4.70 -31.06 24.22
C ASN M 103 -3.31 -31.01 24.86
N MET M 104 -2.65 -32.16 24.96
CA MET M 104 -1.32 -32.21 25.57
C MET M 104 -0.26 -31.57 24.69
N LEU M 105 -0.54 -31.37 23.40
CA LEU M 105 0.38 -30.70 22.50
C LEU M 105 0.22 -29.19 22.49
N SER M 106 -0.78 -28.65 23.18
CA SER M 106 -1.11 -27.24 23.06
C SER M 106 0.04 -26.36 23.56
N LYS M 107 0.64 -26.70 24.70
CA LYS M 107 1.71 -25.88 25.24
C LYS M 107 3.00 -25.95 24.43
N TYR M 108 3.07 -26.83 23.44
CA TYR M 108 4.23 -26.90 22.55
C TYR M 108 3.97 -26.27 21.19
N ILE M 109 2.73 -25.93 20.86
CA ILE M 109 2.37 -25.36 19.57
C ILE M 109 2.31 -23.85 19.68
N VAL M 110 2.84 -23.17 18.67
CA VAL M 110 2.73 -21.72 18.62
C VAL M 110 1.29 -21.32 18.31
N PRO M 111 0.67 -20.47 19.12
CA PRO M 111 -0.70 -20.01 18.79
C PRO M 111 -0.73 -19.33 17.44
N ALA M 112 -1.60 -19.83 16.56
CA ALA M 112 -1.76 -19.27 15.22
C ALA M 112 -3.21 -18.91 14.95
N GLY M 113 -3.97 -18.63 16.01
CA GLY M 113 -5.37 -18.29 15.83
C GLY M 113 -5.98 -17.76 17.11
N SER M 114 -7.30 -17.61 17.07
CA SER M 114 -8.04 -17.04 18.18
C SER M 114 -9.48 -17.51 18.09
N VAL M 115 -10.18 -17.44 19.22
CA VAL M 115 -11.58 -17.86 19.29
C VAL M 115 -12.25 -17.13 20.43
N THR M 116 -13.50 -16.73 20.21
CA THR M 116 -14.28 -16.00 21.20
C THR M 116 -15.38 -16.91 21.74
N ILE M 117 -15.45 -17.04 23.05
CA ILE M 117 -16.44 -17.87 23.73
C ILE M 117 -17.41 -16.94 24.45
N GLU M 118 -18.65 -16.92 23.99
CA GLU M 118 -19.69 -16.11 24.62
C GLU M 118 -20.47 -16.97 25.61
N ARG M 119 -20.55 -16.51 26.85
CA ARG M 119 -21.26 -17.20 27.92
C ARG M 119 -22.50 -16.39 28.28
N VAL M 120 -23.68 -16.96 28.02
CA VAL M 120 -24.94 -16.27 28.26
C VAL M 120 -25.98 -17.33 28.65
N THR M 121 -27.07 -16.86 29.24
CA THR M 121 -28.18 -17.71 29.65
C THR M 121 -29.38 -17.49 28.73
N HIS M 122 -30.47 -18.20 29.04
CA HIS M 122 -31.72 -17.99 28.32
C HIS M 122 -32.26 -16.58 28.56
N ASP M 123 -32.22 -16.13 29.81
CA ASP M 123 -32.65 -14.78 30.17
C ASP M 123 -31.61 -13.72 29.80
N GLY M 124 -30.44 -14.10 29.33
CA GLY M 124 -29.35 -13.16 29.18
C GLY M 124 -28.94 -12.52 30.48
N CYS M 125 -29.13 -13.23 31.59
CA CYS M 125 -29.01 -12.63 32.92
C CYS M 125 -27.56 -12.47 33.36
N CYS M 126 -26.64 -13.31 32.86
CA CYS M 126 -25.23 -13.25 33.25
C CYS M 126 -24.39 -13.38 31.99
N CYS M 127 -24.24 -12.28 31.28
CA CYS M 127 -23.49 -12.26 30.03
C CYS M 127 -22.01 -12.04 30.28
N SER M 128 -21.19 -12.66 29.43
CA SER M 128 -19.74 -12.48 29.46
C SER M 128 -19.10 -12.96 28.17
N LYS M 129 -18.21 -12.14 27.60
CA LYS M 129 -17.48 -12.51 26.40
C LYS M 129 -15.99 -12.36 26.65
N ARG M 130 -15.22 -13.27 26.04
CA ARG M 130 -13.77 -13.22 26.16
C ARG M 130 -13.16 -13.88 24.94
N VAL M 131 -11.90 -13.57 24.69
CA VAL M 131 -11.16 -14.07 23.54
C VAL M 131 -10.12 -15.05 24.04
N VAL M 132 -10.27 -16.32 23.66
CA VAL M 132 -9.29 -17.37 23.97
C VAL M 132 -8.39 -17.53 22.76
N THR M 133 -7.08 -17.52 22.99
CA THR M 133 -6.09 -17.60 21.92
C THR M 133 -5.04 -18.66 22.26
N ALA M 134 -5.51 -19.91 22.33
CA ALA M 134 -4.65 -21.07 22.54
C ALA M 134 -4.67 -21.95 21.30
N PRO M 135 -3.61 -22.75 21.08
CA PRO M 135 -3.62 -23.64 19.91
C PRO M 135 -4.77 -24.62 19.90
N VAL M 136 -5.15 -25.17 21.06
CA VAL M 136 -6.25 -26.09 21.18
C VAL M 136 -7.19 -25.58 22.27
N VAL M 137 -8.47 -25.46 21.93
CA VAL M 137 -9.49 -24.98 22.86
C VAL M 137 -10.61 -26.01 22.93
N ASN M 138 -11.06 -26.32 24.14
CA ASN M 138 -12.12 -27.30 24.35
C ASN M 138 -13.44 -26.55 24.51
N ALA M 139 -14.30 -26.64 23.49
CA ALA M 139 -15.61 -26.01 23.51
C ALA M 139 -16.53 -26.78 22.58
N SER M 140 -17.80 -26.38 22.56
CA SER M 140 -18.78 -27.06 21.72
C SER M 140 -18.44 -26.89 20.25
N VAL M 141 -18.64 -27.95 19.48
CA VAL M 141 -18.38 -27.94 18.05
C VAL M 141 -19.66 -27.58 17.31
N LEU M 142 -20.70 -27.24 18.06
CA LEU M 142 -21.97 -26.81 17.51
C LEU M 142 -22.12 -25.30 17.69
N LYS M 143 -22.69 -24.65 16.67
CA LYS M 143 -22.84 -23.19 16.72
C LYS M 143 -23.74 -22.76 17.85
N LEU M 144 -24.74 -23.57 18.21
CA LEU M 144 -25.63 -23.23 19.30
C LEU M 144 -24.99 -23.43 20.66
N GLY M 145 -24.09 -24.40 20.78
CA GLY M 145 -23.35 -24.62 22.01
C GLY M 145 -23.96 -25.70 22.87
N VAL M 146 -23.40 -25.82 24.08
CA VAL M 146 -23.85 -26.77 25.08
C VAL M 146 -24.10 -26.02 26.38
N GLU M 147 -24.54 -26.76 27.40
CA GLU M 147 -24.78 -26.19 28.72
C GLU M 147 -23.54 -26.36 29.60
N ASP M 148 -23.39 -25.44 30.56
CA ASP M 148 -22.20 -25.40 31.40
C ASP M 148 -22.48 -25.47 32.89
N GLY M 149 -23.71 -25.23 33.32
CA GLY M 149 -24.05 -25.27 34.74
C GLY M 149 -24.83 -24.04 35.16
N LEU M 150 -25.33 -24.10 36.39
CA LEU M 150 -26.22 -23.08 36.90
C LEU M 150 -25.47 -21.83 37.30
N CYS M 151 -26.04 -20.68 36.97
CA CYS M 151 -25.51 -19.36 37.29
C CYS M 151 -26.15 -18.88 38.60
N PRO M 152 -25.75 -17.73 39.15
CA PRO M 152 -26.39 -17.23 40.38
C PRO M 152 -27.92 -17.21 40.34
N HIS M 153 -28.53 -17.03 39.17
CA HIS M 153 -29.98 -16.95 39.06
C HIS M 153 -30.64 -18.32 38.92
N GLY M 154 -29.87 -19.39 38.87
CA GLY M 154 -30.46 -20.72 38.72
C GLY M 154 -30.76 -21.12 37.30
N LEU M 155 -30.11 -20.50 36.32
CA LEU M 155 -30.33 -20.81 34.91
C LEU M 155 -29.06 -21.41 34.32
N ASN M 156 -29.25 -22.38 33.42
CA ASN M 156 -28.11 -23.04 32.80
C ASN M 156 -27.38 -22.11 31.85
N TYR M 157 -26.06 -22.26 31.79
CA TYR M 157 -25.22 -21.46 30.92
C TYR M 157 -25.24 -22.01 29.49
N ILE M 158 -24.75 -21.20 28.55
CA ILE M 158 -24.57 -21.62 27.17
C ILE M 158 -23.21 -21.10 26.72
N ASP M 159 -22.24 -22.01 26.57
CA ASP M 159 -20.91 -21.67 26.07
C ASP M 159 -20.83 -22.03 24.60
N LYS M 160 -20.59 -21.03 23.75
CA LYS M 160 -20.58 -21.22 22.31
C LYS M 160 -19.46 -20.41 21.69
N VAL M 161 -19.08 -20.80 20.48
CA VAL M 161 -18.06 -20.10 19.69
C VAL M 161 -18.78 -19.19 18.71
N VAL M 162 -18.44 -17.90 18.74
CA VAL M 162 -19.11 -16.89 17.93
C VAL M 162 -18.17 -16.22 16.94
N VAL M 163 -16.92 -16.00 17.32
CA VAL M 163 -15.94 -15.32 16.48
C VAL M 163 -14.72 -16.21 16.32
N VAL M 164 -14.21 -16.29 15.09
CA VAL M 164 -13.04 -17.10 14.77
C VAL M 164 -12.06 -16.22 14.00
N LYS M 165 -10.88 -16.00 14.59
CA LYS M 165 -9.79 -15.30 13.93
C LYS M 165 -8.57 -16.21 13.87
N GLY M 166 -7.89 -16.20 12.74
CA GLY M 166 -6.74 -17.09 12.58
C GLY M 166 -7.20 -18.53 12.40
N THR M 167 -6.47 -19.45 13.03
CA THR M 167 -6.77 -20.87 12.93
C THR M 167 -6.50 -21.53 14.27
N THR M 168 -7.49 -22.25 14.79
CA THR M 168 -7.34 -23.00 16.03
C THR M 168 -8.17 -24.27 15.94
N ILE M 169 -7.84 -25.23 16.80
CA ILE M 169 -8.53 -26.52 16.85
C ILE M 169 -9.49 -26.50 18.03
N VAL M 170 -10.76 -26.78 17.74
CA VAL M 170 -11.82 -26.81 18.75
C VAL M 170 -12.18 -28.26 19.02
N VAL M 171 -11.92 -28.73 20.23
CA VAL M 171 -12.20 -30.10 20.64
C VAL M 171 -13.53 -30.13 21.38
N ASN M 172 -14.45 -30.99 20.92
CA ASN M 172 -15.74 -31.09 21.58
C ASN M 172 -15.59 -31.60 23.01
N VAL M 173 -16.34 -30.99 23.92
CA VAL M 173 -16.32 -31.42 25.32
C VAL M 173 -17.51 -32.35 25.50
N GLY M 174 -17.31 -33.60 25.12
CA GLY M 174 -18.34 -34.60 25.24
C GLY M 174 -18.10 -35.75 24.28
N LYS M 175 -19.12 -36.58 24.14
CA LYS M 175 -19.08 -37.72 23.26
C LYS M 175 -19.33 -37.28 21.83
N PRO M 176 -18.89 -38.08 20.84
CA PRO M 176 -19.04 -37.70 19.43
C PRO M 176 -20.48 -37.34 19.06
N VAL M 177 -20.67 -36.11 18.57
CA VAL M 177 -21.99 -35.57 18.28
C VAL M 177 -22.29 -35.76 16.80
N VAL M 178 -23.49 -36.25 16.50
CA VAL M 178 -23.99 -36.37 15.14
C VAL M 178 -25.03 -35.29 14.92
N ALA M 179 -24.90 -34.55 13.82
CA ALA M 179 -25.79 -33.44 13.53
C ALA M 179 -25.68 -33.13 12.04
N PRO M 180 -26.69 -32.47 11.47
CA PRO M 180 -26.58 -32.04 10.07
C PRO M 180 -25.40 -31.11 9.87
N SER M 181 -24.87 -31.10 8.64
CA SER M 181 -23.64 -30.37 8.35
C SER M 181 -23.80 -28.88 8.58
N HIS M 182 -25.00 -28.35 8.40
CA HIS M 182 -25.24 -26.91 8.56
C HIS M 182 -25.30 -26.49 10.02
N LEU M 183 -25.10 -27.40 10.97
CA LEU M 183 -25.15 -27.08 12.39
C LEU M 183 -23.78 -27.06 13.06
N PHE M 184 -22.74 -27.57 12.40
CA PHE M 184 -21.40 -27.55 12.97
C PHE M 184 -20.73 -26.20 12.71
N LEU M 185 -19.62 -25.99 13.41
CA LEU M 185 -18.83 -24.77 13.20
C LEU M 185 -18.17 -24.81 11.83
N LYS M 186 -17.97 -23.62 11.26
CA LYS M 186 -17.32 -23.49 9.95
C LYS M 186 -15.86 -23.91 10.09
N GLY M 187 -15.55 -25.13 9.68
CA GLY M 187 -14.21 -25.64 9.76
C GLY M 187 -13.78 -26.30 8.47
N VAL M 188 -12.47 -26.49 8.34
CA VAL M 188 -11.92 -27.08 7.12
C VAL M 188 -11.79 -28.60 7.25
N SER M 189 -11.65 -29.12 8.46
CA SER M 189 -11.49 -30.55 8.67
C SER M 189 -12.22 -30.96 9.94
N TYR M 190 -12.79 -32.17 9.93
CA TYR M 190 -13.56 -32.68 11.04
C TYR M 190 -13.07 -34.09 11.38
N THR M 191 -12.53 -34.25 12.58
CA THR M 191 -12.10 -35.57 13.04
C THR M 191 -13.31 -36.34 13.55
N THR M 192 -13.57 -37.50 12.95
CA THR M 192 -14.74 -38.31 13.28
C THR M 192 -14.30 -39.60 13.95
N PHE M 193 -15.06 -40.02 14.96
CA PHE M 193 -14.77 -41.22 15.73
C PHE M 193 -16.02 -42.11 15.70
N LEU M 194 -16.02 -43.08 14.80
CA LEU M 194 -17.11 -44.05 14.72
C LEU M 194 -16.76 -45.27 15.56
N ASP M 195 -17.70 -45.67 16.41
CA ASP M 195 -17.48 -46.79 17.32
C ASP M 195 -17.78 -48.11 16.61
N ASN M 196 -16.91 -49.09 16.81
CA ASN M 196 -17.12 -50.41 16.21
C ASN M 196 -18.14 -51.24 16.98
N GLY M 197 -18.44 -50.89 18.22
CA GLY M 197 -19.40 -51.62 19.02
C GLY M 197 -18.78 -52.37 20.18
N ALA M 201 -12.49 -51.45 19.92
CA ALA M 201 -13.04 -50.12 20.14
C ALA M 201 -13.19 -49.36 18.83
N GLY M 202 -13.09 -48.04 18.89
CA GLY M 202 -13.44 -47.18 17.78
C GLY M 202 -12.33 -47.04 16.75
N HIS M 203 -12.57 -46.12 15.80
CA HIS M 203 -11.67 -45.85 14.70
C HIS M 203 -11.79 -44.38 14.32
N TYR M 204 -10.66 -43.72 14.11
CA TYR M 204 -10.61 -42.28 13.85
C TYR M 204 -10.44 -42.01 12.36
N THR M 205 -11.15 -40.99 11.87
CA THR M 205 -11.03 -40.52 10.50
C THR M 205 -11.14 -39.00 10.49
N VAL M 206 -10.81 -38.40 9.35
CA VAL M 206 -10.83 -36.96 9.17
C VAL M 206 -11.61 -36.63 7.91
N PHE M 207 -12.56 -35.71 8.01
CA PHE M 207 -13.40 -35.30 6.90
C PHE M 207 -12.92 -33.96 6.36
N ASP M 208 -12.48 -33.95 5.10
CA ASP M 208 -12.06 -32.73 4.45
C ASP M 208 -13.26 -32.00 3.87
N HIS M 209 -13.37 -30.70 4.16
CA HIS M 209 -14.57 -29.95 3.78
C HIS M 209 -14.58 -29.58 2.31
N ASP M 210 -13.42 -29.24 1.74
CA ASP M 210 -13.36 -28.82 0.35
C ASP M 210 -13.69 -29.99 -0.59
N THR M 211 -12.89 -31.06 -0.52
CA THR M 211 -13.11 -32.20 -1.40
C THR M 211 -14.31 -33.03 -0.98
N GLY M 212 -14.78 -32.90 0.26
CA GLY M 212 -15.89 -33.70 0.72
C GLY M 212 -15.55 -35.16 0.95
N MET M 213 -14.28 -35.53 0.96
CA MET M 213 -13.85 -36.90 1.17
C MET M 213 -13.50 -37.11 2.65
N VAL M 214 -13.03 -38.32 2.96
CA VAL M 214 -12.67 -38.71 4.32
C VAL M 214 -11.29 -39.33 4.30
N HIS M 215 -10.39 -38.80 5.12
CA HIS M 215 -9.05 -39.35 5.26
C HIS M 215 -9.11 -40.60 6.14
N ASP M 216 -9.13 -41.77 5.50
CA ASP M 216 -9.17 -43.05 6.20
C ASP M 216 -7.81 -43.71 6.02
N GLY M 217 -6.92 -43.48 6.97
CA GLY M 217 -5.57 -44.00 6.88
C GLY M 217 -4.78 -43.33 5.77
N ASP M 218 -4.37 -44.11 4.78
CA ASP M 218 -3.59 -43.59 3.65
C ASP M 218 -4.39 -43.60 2.34
N VAL M 219 -5.72 -43.64 2.42
CA VAL M 219 -6.58 -43.60 1.25
C VAL M 219 -7.53 -42.42 1.38
N PHE M 220 -8.31 -42.18 0.32
CA PHE M 220 -9.20 -41.03 0.21
C PHE M 220 -10.57 -41.54 -0.22
N VAL M 221 -11.39 -41.91 0.76
CA VAL M 221 -12.71 -42.48 0.49
C VAL M 221 -13.78 -41.40 0.63
N PRO M 222 -14.93 -41.55 0.00
CA PRO M 222 -16.01 -40.57 0.20
C PRO M 222 -16.61 -40.66 1.59
N GLY M 223 -17.42 -39.67 1.93
CA GLY M 223 -18.06 -39.65 3.23
C GLY M 223 -19.11 -38.55 3.28
N ASP M 224 -19.94 -38.62 4.32
CA ASP M 224 -21.01 -37.66 4.55
C ASP M 224 -20.87 -37.07 5.94
N LEU M 225 -20.82 -35.74 6.02
CA LEU M 225 -20.66 -35.07 7.31
C LEU M 225 -21.95 -35.14 8.12
N ASN M 226 -23.10 -35.25 7.47
CA ASN M 226 -24.38 -35.27 8.17
C ASN M 226 -24.52 -36.47 9.08
N VAL M 227 -23.81 -37.56 8.80
CA VAL M 227 -23.90 -38.79 9.59
C VAL M 227 -22.62 -39.08 10.36
N SER M 228 -21.54 -38.36 10.11
CA SER M 228 -20.28 -38.63 10.77
C SER M 228 -20.28 -38.03 12.18
N PRO M 229 -19.90 -38.79 13.21
CA PRO M 229 -19.84 -38.25 14.57
C PRO M 229 -18.55 -37.48 14.81
N VAL M 230 -18.66 -36.17 14.94
CA VAL M 230 -17.49 -35.30 15.04
C VAL M 230 -17.02 -35.24 16.48
N THR M 231 -15.70 -35.17 16.67
CA THR M 231 -15.08 -34.96 17.97
C THR M 231 -14.29 -33.67 18.08
N ASN M 232 -13.68 -33.21 16.99
CA ASN M 232 -13.00 -31.92 16.99
C ASN M 232 -12.97 -31.38 15.56
N VAL M 233 -12.77 -30.07 15.45
CA VAL M 233 -12.80 -29.39 14.16
C VAL M 233 -11.71 -28.33 14.15
N VAL M 234 -11.00 -28.23 13.02
CA VAL M 234 -10.03 -27.16 12.80
C VAL M 234 -10.79 -26.01 12.17
N VAL M 235 -11.11 -25.01 12.99
CA VAL M 235 -11.84 -23.84 12.52
C VAL M 235 -10.86 -22.83 11.94
N SER M 236 -11.35 -22.03 11.00
CA SER M 236 -10.51 -21.03 10.34
C SER M 236 -11.41 -19.97 9.74
N GLU M 237 -10.79 -18.93 9.21
CA GLU M 237 -11.51 -17.82 8.59
C GLU M 237 -11.14 -17.67 7.11
N MET N 1 -14.33 -26.12 50.20
CA MET N 1 -15.26 -25.67 49.16
C MET N 1 -15.79 -26.86 48.37
N GLN N 2 -16.84 -26.62 47.59
CA GLN N 2 -17.44 -27.64 46.74
C GLN N 2 -17.37 -27.22 45.28
N ILE N 3 -17.30 -28.21 44.40
CA ILE N 3 -17.29 -27.98 42.95
C ILE N 3 -18.31 -28.92 42.32
N PHE N 4 -18.49 -28.77 41.01
CA PHE N 4 -19.46 -29.54 40.26
C PHE N 4 -18.79 -30.16 39.04
N VAL N 5 -19.18 -31.40 38.71
CA VAL N 5 -18.62 -32.14 37.59
C VAL N 5 -19.78 -32.68 36.77
N LYS N 6 -20.01 -32.12 35.59
CA LYS N 6 -21.10 -32.54 34.71
C LYS N 6 -20.58 -33.58 33.74
N THR N 7 -21.17 -34.78 33.77
CA THR N 7 -20.75 -35.88 32.92
C THR N 7 -21.37 -35.73 31.53
N LEU N 8 -20.99 -36.64 30.62
CA LEU N 8 -21.55 -36.62 29.27
C LEU N 8 -23.03 -36.98 29.24
N THR N 9 -23.53 -37.66 30.28
CA THR N 9 -24.95 -37.98 30.34
C THR N 9 -25.82 -36.80 30.74
N GLY N 10 -25.22 -35.74 31.27
CA GLY N 10 -25.95 -34.63 31.84
C GLY N 10 -26.07 -34.69 33.36
N LYS N 11 -25.68 -35.82 33.97
CA LYS N 11 -25.74 -35.95 35.41
C LYS N 11 -24.61 -35.13 36.05
N THR N 12 -24.97 -34.31 37.03
CA THR N 12 -24.03 -33.43 37.71
C THR N 12 -23.83 -33.92 39.14
N ILE N 13 -22.57 -34.15 39.51
CA ILE N 13 -22.21 -34.58 40.86
C ILE N 13 -21.36 -33.49 41.51
N THR N 14 -21.41 -33.43 42.83
CA THR N 14 -20.65 -32.46 43.61
C THR N 14 -19.55 -33.16 44.39
N LEU N 15 -18.44 -32.45 44.58
CA LEU N 15 -17.28 -32.99 45.27
C LEU N 15 -16.82 -32.00 46.34
N GLU N 16 -16.30 -32.54 47.43
CA GLU N 16 -15.73 -31.76 48.53
C GLU N 16 -14.21 -31.78 48.38
N VAL N 17 -13.65 -30.68 47.88
CA VAL N 17 -12.23 -30.63 47.54
C VAL N 17 -11.56 -29.47 48.27
N GLU N 18 -10.30 -29.22 47.93
CA GLU N 18 -9.50 -28.14 48.49
C GLU N 18 -8.78 -27.41 47.37
N PRO N 19 -8.54 -26.10 47.53
CA PRO N 19 -7.78 -25.38 46.51
C PRO N 19 -6.34 -25.86 46.36
N SER N 20 -5.79 -26.55 47.35
CA SER N 20 -4.43 -27.05 47.30
C SER N 20 -4.34 -28.48 46.79
N ASP N 21 -5.47 -29.17 46.66
CA ASP N 21 -5.45 -30.55 46.16
C ASP N 21 -5.14 -30.57 44.67
N THR N 22 -4.40 -31.59 44.25
CA THR N 22 -4.02 -31.74 42.86
C THR N 22 -5.22 -32.23 42.02
N ILE N 23 -5.03 -32.21 40.71
CA ILE N 23 -6.09 -32.68 39.81
C ILE N 23 -6.25 -34.19 39.93
N GLU N 24 -5.14 -34.92 40.09
CA GLU N 24 -5.22 -36.36 40.26
C GLU N 24 -5.98 -36.72 41.53
N ASN N 25 -5.95 -35.86 42.54
CA ASN N 25 -6.78 -36.06 43.72
C ASN N 25 -8.27 -35.91 43.37
N VAL N 26 -8.58 -34.98 42.46
CA VAL N 26 -9.96 -34.81 42.04
C VAL N 26 -10.39 -35.98 41.15
N LYS N 27 -9.47 -36.48 40.32
CA LYS N 27 -9.78 -37.65 39.50
C LYS N 27 -10.05 -38.88 40.36
N ALA N 28 -9.36 -39.00 41.50
CA ALA N 28 -9.63 -40.11 42.40
C ALA N 28 -10.98 -39.95 43.09
N LYS N 29 -11.39 -38.70 43.36
CA LYS N 29 -12.70 -38.49 43.97
C LYS N 29 -13.83 -38.74 42.98
N ILE N 30 -13.57 -38.53 41.69
CA ILE N 30 -14.55 -38.93 40.67
C ILE N 30 -14.66 -40.45 40.62
N GLN N 31 -13.55 -41.14 40.82
CA GLN N 31 -13.57 -42.61 40.84
C GLN N 31 -14.38 -43.14 42.01
N ASP N 32 -14.23 -42.53 43.19
CA ASP N 32 -14.99 -42.95 44.36
C ASP N 32 -16.47 -42.63 44.24
N LYS N 33 -16.86 -41.78 43.28
CA LYS N 33 -18.25 -41.39 43.10
C LYS N 33 -18.91 -42.06 41.92
N GLU N 34 -18.22 -42.19 40.79
CA GLU N 34 -18.80 -42.76 39.58
C GLU N 34 -18.10 -44.02 39.10
N GLY N 35 -17.03 -44.45 39.76
CA GLY N 35 -16.37 -45.69 39.40
C GLY N 35 -15.64 -45.65 38.07
N ILE N 36 -15.16 -44.49 37.65
CA ILE N 36 -14.41 -44.35 36.40
C ILE N 36 -12.93 -44.23 36.76
N PRO N 37 -12.05 -45.02 36.14
CA PRO N 37 -10.62 -44.93 36.46
C PRO N 37 -10.06 -43.57 36.14
N PRO N 38 -9.17 -43.05 37.00
CA PRO N 38 -8.58 -41.73 36.71
C PRO N 38 -7.77 -41.71 35.41
N ASP N 39 -7.22 -42.84 35.00
CA ASP N 39 -6.46 -42.90 33.75
C ASP N 39 -7.34 -42.78 32.52
N GLN N 40 -8.67 -42.75 32.69
CA GLN N 40 -9.60 -42.57 31.58
C GLN N 40 -10.46 -41.33 31.77
N GLN N 41 -10.06 -40.41 32.64
CA GLN N 41 -10.79 -39.18 32.89
C GLN N 41 -10.07 -38.00 32.25
N ARG N 42 -10.85 -37.10 31.66
CA ARG N 42 -10.32 -35.84 31.14
C ARG N 42 -11.20 -34.72 31.68
N LEU N 43 -10.62 -33.86 32.52
CA LEU N 43 -11.36 -32.77 33.15
C LEU N 43 -11.07 -31.48 32.41
N ILE N 44 -12.13 -30.72 32.13
CA ILE N 44 -12.05 -29.47 31.38
C ILE N 44 -12.63 -28.34 32.22
N PHE N 45 -11.95 -27.20 32.20
CA PHE N 45 -12.45 -26.00 32.87
C PHE N 45 -11.94 -24.78 32.11
N ALA N 46 -12.85 -23.90 31.70
CA ALA N 46 -12.52 -22.71 30.94
C ALA N 46 -11.78 -23.06 29.64
N GLY N 47 -12.22 -24.12 28.98
CA GLY N 47 -11.68 -24.52 27.71
C GLY N 47 -10.31 -25.16 27.74
N LYS N 48 -9.73 -25.36 28.93
CA LYS N 48 -8.40 -25.93 29.05
C LYS N 48 -8.47 -27.37 29.56
N GLN N 49 -7.55 -28.19 29.09
CA GLN N 49 -7.40 -29.55 29.59
C GLN N 49 -6.56 -29.50 30.87
N LEU N 50 -7.11 -30.02 31.96
CA LEU N 50 -6.45 -29.93 33.26
C LEU N 50 -5.31 -30.94 33.34
N GLU N 51 -4.12 -30.45 33.67
CA GLU N 51 -2.95 -31.30 33.85
C GLU N 51 -3.03 -32.05 35.17
N ASP N 52 -2.43 -33.25 35.19
CA ASP N 52 -2.52 -34.09 36.38
C ASP N 52 -1.67 -33.57 37.53
N GLY N 53 -0.64 -32.79 37.25
CA GLY N 53 0.28 -32.33 38.28
C GLY N 53 0.00 -30.95 38.85
N ARG N 54 -1.12 -30.33 38.50
CA ARG N 54 -1.46 -29.00 38.98
C ARG N 54 -2.60 -29.07 39.99
N THR N 55 -2.81 -27.96 40.68
CA THR N 55 -3.85 -27.84 41.69
C THR N 55 -5.02 -27.02 41.15
N LEU N 56 -6.11 -27.00 41.92
CA LEU N 56 -7.28 -26.22 41.54
C LEU N 56 -7.00 -24.72 41.63
N SER N 57 -6.09 -24.31 42.52
CA SER N 57 -5.71 -22.91 42.61
C SER N 57 -4.82 -22.46 41.46
N ASP N 58 -4.11 -23.40 40.82
CA ASP N 58 -3.32 -23.05 39.65
C ASP N 58 -4.20 -22.65 38.47
N TYR N 59 -5.38 -23.24 38.36
CA TYR N 59 -6.34 -22.90 37.33
C TYR N 59 -7.33 -21.82 37.78
N ASN N 60 -7.14 -21.28 38.99
CA ASN N 60 -8.01 -20.24 39.54
C ASN N 60 -9.47 -20.72 39.60
N ILE N 61 -9.66 -21.92 40.12
CA ILE N 61 -10.99 -22.51 40.24
C ILE N 61 -11.60 -22.05 41.56
N GLN N 62 -12.62 -21.20 41.47
CA GLN N 62 -13.25 -20.63 42.65
C GLN N 62 -14.23 -21.64 43.25
N LYS N 63 -15.00 -21.19 44.25
CA LYS N 63 -15.99 -22.05 44.87
C LYS N 63 -17.18 -22.25 43.92
N GLU N 64 -17.73 -23.46 43.93
CA GLU N 64 -18.92 -23.81 43.15
C GLU N 64 -18.71 -23.62 41.65
N SER N 65 -17.47 -23.82 41.20
CA SER N 65 -17.19 -23.84 39.77
C SER N 65 -17.60 -25.19 39.19
N THR N 66 -17.92 -25.20 37.90
CA THR N 66 -18.41 -26.38 37.23
C THR N 66 -17.32 -26.91 36.28
N LEU N 67 -16.93 -28.16 36.48
CA LEU N 67 -15.99 -28.84 35.61
C LEU N 67 -16.72 -29.79 34.67
N HIS N 68 -16.02 -30.20 33.61
CA HIS N 68 -16.54 -31.15 32.65
C HIS N 68 -15.75 -32.46 32.73
N LEU N 69 -16.46 -33.56 32.50
CA LEU N 69 -15.86 -34.89 32.53
C LEU N 69 -16.16 -35.59 31.21
N VAL N 70 -15.11 -35.93 30.47
CA VAL N 70 -15.24 -36.65 29.21
C VAL N 70 -14.34 -37.88 29.27
N LEU N 71 -14.81 -38.97 28.67
CA LEU N 71 -14.07 -40.23 28.72
C LEU N 71 -12.97 -40.26 27.67
N ARG N 72 -11.86 -40.89 28.01
CA ARG N 72 -10.73 -41.03 27.09
C ARG N 72 -11.07 -42.11 26.08
N LEU N 73 -11.42 -41.69 24.86
CA LEU N 73 -11.76 -42.63 23.80
C LEU N 73 -10.52 -43.45 23.40
N ARG N 74 -10.77 -44.61 22.81
CA ARG N 74 -9.73 -45.49 22.32
C ARG N 74 -9.93 -45.68 20.82
N GLY N 75 -9.02 -45.11 20.03
CA GLY N 75 -9.10 -45.20 18.58
C GLY N 75 -7.96 -45.98 17.97
N HIS O 3 35.60 -25.44 13.47
CA HIS O 3 34.30 -24.80 13.66
C HIS O 3 34.44 -23.29 13.88
N MET O 4 35.50 -22.91 14.60
CA MET O 4 35.66 -21.51 14.99
C MET O 4 35.78 -20.59 13.79
N ASP O 5 36.37 -21.06 12.70
CA ASP O 5 36.60 -20.21 11.53
C ASP O 5 35.30 -19.87 10.80
N SER O 6 34.27 -20.70 10.94
CA SER O 6 33.01 -20.42 10.27
C SER O 6 32.05 -19.57 11.09
N HIS O 7 32.19 -19.58 12.42
CA HIS O 7 31.34 -18.74 13.27
C HIS O 7 31.80 -17.29 13.26
N TYR O 8 33.11 -17.05 13.15
CA TYR O 8 33.64 -15.69 13.11
C TYR O 8 33.77 -15.14 11.70
N GLY O 9 33.82 -16.00 10.69
CA GLY O 9 33.78 -15.54 9.32
C GLY O 9 35.11 -15.17 8.71
N PHE O 10 36.22 -15.60 9.29
CA PHE O 10 37.53 -15.33 8.73
C PHE O 10 38.50 -16.43 9.13
N ASP O 11 39.57 -16.56 8.35
CA ASP O 11 40.58 -17.58 8.62
C ASP O 11 41.36 -17.24 9.88
N LYS O 12 41.90 -18.29 10.52
CA LYS O 12 42.66 -18.16 11.75
C LYS O 12 41.84 -17.49 12.85
N ALA O 13 40.55 -17.83 12.90
CA ALA O 13 39.69 -17.29 13.95
C ALA O 13 40.05 -17.88 15.31
N GLY O 14 40.37 -19.16 15.35
CA GLY O 14 40.80 -19.77 16.61
C GLY O 14 42.12 -19.22 17.10
N GLU O 15 42.98 -18.77 16.19
CA GLU O 15 44.26 -18.18 16.60
C GLU O 15 44.05 -16.78 17.17
N PHE O 16 43.11 -16.02 16.60
CA PHE O 16 42.89 -14.65 17.05
C PHE O 16 42.12 -14.61 18.37
N HIS O 17 41.18 -15.53 18.57
CA HIS O 17 40.34 -15.49 19.76
C HIS O 17 41.13 -15.73 21.04
N MET O 18 42.21 -16.51 20.96
CA MET O 18 43.02 -16.81 22.14
C MET O 18 44.02 -15.71 22.47
N LEU O 19 44.02 -14.60 21.73
CA LEU O 19 44.91 -13.50 22.01
C LEU O 19 44.34 -12.61 23.11
N ASP O 20 45.11 -11.59 23.50
CA ASP O 20 44.72 -10.66 24.55
C ASP O 20 44.34 -9.34 23.91
N HIS O 21 43.06 -8.95 24.04
CA HIS O 21 42.54 -7.75 23.42
C HIS O 21 42.48 -6.56 24.36
N THR O 22 42.81 -6.74 25.64
CA THR O 22 42.65 -5.68 26.62
C THR O 22 43.61 -4.51 26.39
N GLY O 23 44.69 -4.73 25.63
CA GLY O 23 45.59 -3.64 25.33
C GLY O 23 45.03 -2.61 24.37
N PHE O 24 44.00 -2.99 23.61
CA PHE O 24 43.41 -2.12 22.60
C PHE O 24 42.12 -1.45 23.07
N ALA O 25 41.84 -1.50 24.37
CA ALA O 25 40.62 -0.89 24.92
C ALA O 25 40.84 0.63 25.05
N PHE O 26 40.79 1.30 23.91
CA PHE O 26 40.96 2.73 23.89
C PHE O 26 39.72 3.42 24.49
N PRO O 27 39.91 4.54 25.19
CA PRO O 27 38.77 5.25 25.77
C PRO O 27 37.86 5.81 24.68
N SER O 28 36.59 5.46 24.74
CA SER O 28 35.61 5.85 23.74
C SER O 28 34.52 6.70 24.37
N GLU O 29 33.79 7.42 23.51
CA GLU O 29 32.67 8.25 23.93
C GLU O 29 31.58 8.15 22.88
N VAL O 30 30.49 8.88 23.10
CA VAL O 30 29.36 8.94 22.17
C VAL O 30 29.17 10.40 21.79
N VAL O 31 29.39 10.71 20.51
CA VAL O 31 29.29 12.07 19.98
C VAL O 31 28.29 12.05 18.85
N ASN O 32 27.20 12.82 19.00
CA ASN O 32 26.16 12.96 17.98
C ASN O 32 25.58 11.60 17.57
N GLY O 33 25.54 10.66 18.50
CA GLY O 33 25.04 9.34 18.21
C GLY O 33 26.02 8.41 17.55
N ARG O 34 27.30 8.77 17.47
CA ARG O 34 28.34 7.96 16.87
C ARG O 34 29.35 7.52 17.93
N ARG O 35 29.93 6.34 17.73
CA ARG O 35 30.95 5.82 18.61
C ARG O 35 32.32 6.29 18.12
N VAL O 36 33.03 7.04 18.95
CA VAL O 36 34.30 7.64 18.58
C VAL O 36 35.36 7.26 19.61
N LEU O 37 36.61 7.19 19.16
CA LEU O 37 37.74 6.86 20.00
C LEU O 37 38.60 8.11 20.22
N LYS O 38 39.09 8.27 21.45
CA LYS O 38 39.90 9.43 21.79
C LYS O 38 41.25 9.36 21.08
N THR O 39 41.71 10.50 20.59
CA THR O 39 42.98 10.59 19.89
C THR O 39 44.15 10.26 20.82
N THR O 40 44.69 9.05 20.70
CA THR O 40 45.83 8.63 21.49
C THR O 40 46.43 7.38 20.85
N ASP O 41 47.76 7.27 20.94
CA ASP O 41 48.49 6.12 20.41
C ASP O 41 48.29 5.97 18.90
N ASN O 42 48.07 7.08 18.20
CA ASN O 42 47.85 7.09 16.75
C ASN O 42 46.72 6.15 16.35
N ASN O 43 45.53 6.42 16.91
CA ASN O 43 44.35 5.61 16.63
C ASN O 43 43.31 6.35 15.80
N CYS O 44 43.66 7.50 15.23
CA CYS O 44 42.70 8.23 14.40
C CYS O 44 42.36 7.49 13.12
N TRP O 45 43.30 6.69 12.60
CA TRP O 45 42.98 5.85 11.46
C TRP O 45 42.02 4.72 11.81
N VAL O 46 41.94 4.37 13.09
CA VAL O 46 40.92 3.42 13.54
C VAL O 46 39.61 4.15 13.80
N ASN O 47 39.66 5.40 14.25
CA ASN O 47 38.45 6.15 14.55
C ASN O 47 37.65 6.44 13.29
N VAL O 48 38.32 6.97 12.25
CA VAL O 48 37.61 7.31 11.02
C VAL O 48 37.20 6.06 10.25
N THR O 49 37.89 4.93 10.45
CA THR O 49 37.48 3.70 9.79
C THR O 49 36.18 3.18 10.36
N CYS O 50 36.07 3.13 11.69
CA CYS O 50 34.82 2.70 12.32
C CYS O 50 33.72 3.72 12.16
N LEU O 51 34.08 5.00 12.00
CA LEU O 51 33.06 6.03 11.78
C LEU O 51 32.40 5.86 10.41
N GLN O 52 33.19 5.56 9.38
CA GLN O 52 32.61 5.30 8.07
C GLN O 52 31.79 4.03 8.07
N LEU O 53 32.07 3.09 8.98
CA LEU O 53 31.24 1.90 9.10
C LEU O 53 29.93 2.22 9.80
N GLN O 54 29.91 3.25 10.65
CA GLN O 54 28.67 3.64 11.32
C GLN O 54 27.84 4.57 10.45
N PHE O 55 28.49 5.50 9.75
CA PHE O 55 27.77 6.36 8.82
C PHE O 55 27.14 5.56 7.69
N ALA O 56 27.75 4.45 7.31
CA ALA O 56 27.21 3.58 6.28
C ALA O 56 26.20 2.57 6.81
N ARG O 57 26.06 2.47 8.14
CA ARG O 57 25.14 1.52 8.77
C ARG O 57 25.37 0.10 8.27
N PHE O 58 26.65 -0.25 8.14
CA PHE O 58 27.03 -1.56 7.63
C PHE O 58 26.78 -2.65 8.68
N ARG O 59 26.74 -3.88 8.19
CA ARG O 59 26.71 -5.06 9.06
C ARG O 59 27.61 -6.12 8.44
N PHE O 60 28.19 -6.96 9.30
CA PHE O 60 29.12 -7.98 8.85
C PHE O 60 28.38 -9.28 8.56
N LYS O 61 29.00 -10.12 7.72
CA LYS O 61 28.33 -11.31 7.21
C LYS O 61 28.13 -12.35 8.31
N SER O 62 29.19 -12.67 9.06
CA SER O 62 29.09 -13.70 10.07
C SER O 62 28.50 -13.15 11.36
N ALA O 63 27.91 -14.05 12.16
CA ALA O 63 27.35 -13.66 13.45
C ALA O 63 28.45 -13.31 14.44
N GLY O 64 29.60 -13.99 14.37
CA GLY O 64 30.68 -13.70 15.31
C GLY O 64 31.29 -12.34 15.09
N LEU O 65 31.52 -11.96 13.82
CA LEU O 65 32.09 -10.64 13.54
C LEU O 65 31.10 -9.53 13.85
N GLN O 66 29.81 -9.75 13.57
CA GLN O 66 28.82 -8.75 13.90
C GLN O 66 28.69 -8.54 15.40
N ALA O 67 28.87 -9.60 16.19
CA ALA O 67 28.85 -9.46 17.64
C ALA O 67 29.99 -8.56 18.11
N MET O 68 31.16 -8.68 17.49
CA MET O 68 32.26 -7.78 17.82
C MET O 68 31.95 -6.35 17.42
N TRP O 69 31.33 -6.15 16.26
CA TRP O 69 31.02 -4.80 15.79
C TRP O 69 29.87 -4.19 16.57
N GLU O 70 28.85 -4.98 16.90
CA GLU O 70 27.76 -4.47 17.72
C GLU O 70 28.24 -4.15 19.13
N SER O 71 29.25 -4.88 19.63
CA SER O 71 29.81 -4.57 20.93
C SER O 71 30.67 -3.30 20.88
N TYR O 72 31.26 -3.01 19.72
CA TYR O 72 32.06 -1.79 19.58
C TYR O 72 31.17 -0.55 19.74
N CYS O 73 30.04 -0.53 19.05
CA CYS O 73 29.18 0.65 19.07
C CYS O 73 28.52 0.86 20.42
N THR O 74 28.54 -0.14 21.30
CA THR O 74 27.95 -0.02 22.63
C THR O 74 28.98 0.26 23.72
N GLY O 75 30.26 0.32 23.37
CA GLY O 75 31.28 0.64 24.36
C GLY O 75 32.42 -0.36 24.41
N ASP O 76 32.12 -1.64 24.22
CA ASP O 76 33.14 -2.69 24.28
C ASP O 76 33.94 -2.66 22.98
N VAL O 77 34.86 -1.69 22.91
CA VAL O 77 35.69 -1.52 21.72
C VAL O 77 36.97 -2.35 21.78
N ALA O 78 37.13 -3.19 22.80
CA ALA O 78 38.40 -3.89 22.99
C ALA O 78 38.63 -4.95 21.91
N MET O 79 37.63 -5.81 21.67
CA MET O 79 37.83 -6.94 20.78
C MET O 79 37.83 -6.52 19.31
N PHE O 80 37.05 -5.51 18.94
CA PHE O 80 36.96 -5.13 17.53
C PHE O 80 38.16 -4.32 17.08
N VAL O 81 38.62 -3.38 17.91
CA VAL O 81 39.77 -2.55 17.53
C VAL O 81 41.01 -3.41 17.35
N HIS O 82 41.21 -4.40 18.22
CA HIS O 82 42.34 -5.31 18.06
C HIS O 82 42.24 -6.08 16.75
N TRP O 83 41.03 -6.45 16.35
CA TRP O 83 40.87 -7.21 15.10
C TRP O 83 41.28 -6.38 13.89
N LEU O 84 41.14 -5.06 13.96
CA LEU O 84 41.58 -4.21 12.86
C LEU O 84 43.10 -4.25 12.72
N TYR O 85 43.82 -4.14 13.83
CA TYR O 85 45.28 -4.29 13.79
C TYR O 85 45.67 -5.68 13.34
N TRP O 86 44.94 -6.70 13.80
CA TRP O 86 45.25 -8.08 13.43
C TRP O 86 44.99 -8.33 11.95
N LEU O 87 43.95 -7.70 11.40
CA LEU O 87 43.59 -7.94 10.00
C LEU O 87 44.62 -7.31 9.06
N THR O 88 44.94 -6.03 9.28
CA THR O 88 45.86 -5.32 8.41
C THR O 88 47.33 -5.58 8.72
N GLY O 89 47.62 -6.23 9.84
CA GLY O 89 49.00 -6.51 10.19
C GLY O 89 49.76 -5.31 10.71
N VAL O 90 49.15 -4.50 11.56
CA VAL O 90 49.75 -3.30 12.11
C VAL O 90 49.90 -3.45 13.61
N ASP O 91 51.03 -2.98 14.14
CA ASP O 91 51.28 -3.01 15.57
C ASP O 91 50.59 -1.82 16.25
N LYS O 92 50.24 -2.00 17.52
CA LYS O 92 49.56 -0.94 18.25
C LYS O 92 50.47 0.27 18.42
N GLY O 93 49.91 1.45 18.24
CA GLY O 93 50.64 2.69 18.37
C GLY O 93 51.22 3.23 17.09
N GLN O 94 51.25 2.43 16.03
CA GLN O 94 51.83 2.85 14.76
C GLN O 94 50.72 3.34 13.83
N PRO O 95 50.90 4.49 13.17
CA PRO O 95 49.90 4.94 12.21
C PRO O 95 49.78 4.00 11.02
N SER O 96 48.64 4.07 10.35
CA SER O 96 48.36 3.21 9.21
C SER O 96 47.36 3.92 8.30
N ASP O 97 46.90 3.19 7.28
CA ASP O 97 46.00 3.73 6.27
C ASP O 97 44.57 3.35 6.60
N SER O 98 43.66 4.33 6.52
CA SER O 98 42.25 4.05 6.74
C SER O 98 41.58 3.49 5.48
N GLU O 99 42.02 3.93 4.30
CA GLU O 99 41.48 3.39 3.06
C GLU O 99 41.91 1.95 2.85
N ASN O 100 43.12 1.59 3.29
CA ASN O 100 43.56 0.20 3.22
C ASN O 100 42.71 -0.68 4.12
N ALA O 101 42.33 -0.16 5.30
CA ALA O 101 41.52 -0.94 6.22
C ALA O 101 40.13 -1.19 5.63
N LEU O 102 39.47 -0.13 5.15
CA LEU O 102 38.12 -0.29 4.60
C LEU O 102 38.11 -1.24 3.42
N ASN O 103 39.18 -1.23 2.61
CA ASN O 103 39.24 -2.12 1.46
C ASN O 103 39.41 -3.57 1.88
N MET O 104 40.21 -3.82 2.91
CA MET O 104 40.37 -5.17 3.43
C MET O 104 39.17 -5.62 4.25
N LEU O 105 38.35 -4.68 4.72
CA LEU O 105 37.12 -5.02 5.43
C LEU O 105 35.94 -5.27 4.49
N SER O 106 36.09 -4.99 3.20
CA SER O 106 34.95 -5.03 2.29
C SER O 106 34.39 -6.44 2.15
N LYS O 107 35.27 -7.44 2.03
CA LYS O 107 34.81 -8.81 1.80
C LYS O 107 34.06 -9.38 3.00
N TYR O 108 34.18 -8.77 4.17
CA TYR O 108 33.50 -9.24 5.37
C TYR O 108 32.23 -8.47 5.68
N ILE O 109 31.88 -7.48 4.87
CA ILE O 109 30.74 -6.60 5.13
C ILE O 109 29.62 -6.94 4.16
N VAL O 110 28.40 -6.97 4.67
CA VAL O 110 27.21 -7.17 3.84
C VAL O 110 27.01 -5.95 2.96
N PRO O 111 26.95 -6.12 1.63
CA PRO O 111 26.70 -4.97 0.76
C PRO O 111 25.34 -4.33 1.06
N ALA O 112 25.34 -3.01 1.21
CA ALA O 112 24.14 -2.26 1.53
C ALA O 112 23.83 -1.18 0.49
N GLY O 113 24.47 -1.25 -0.68
CA GLY O 113 24.24 -0.23 -1.68
C GLY O 113 24.74 -0.65 -3.04
N SER O 114 24.82 0.32 -3.94
CA SER O 114 25.20 0.06 -5.32
C SER O 114 25.66 1.37 -5.95
N VAL O 115 26.48 1.25 -6.99
CA VAL O 115 27.10 2.40 -7.66
C VAL O 115 27.16 2.12 -9.15
N THR O 116 26.77 3.13 -9.95
CA THR O 116 26.91 3.08 -11.40
C THR O 116 28.14 3.87 -11.80
N ILE O 117 29.05 3.21 -12.52
CA ILE O 117 30.30 3.83 -12.97
C ILE O 117 30.26 3.92 -14.49
N GLU O 118 30.12 5.14 -15.00
CA GLU O 118 30.08 5.38 -16.44
C GLU O 118 31.48 5.67 -16.95
N ARG O 119 31.89 4.93 -17.98
CA ARG O 119 33.21 5.08 -18.60
C ARG O 119 33.02 5.56 -20.03
N VAL O 120 33.52 6.75 -20.33
CA VAL O 120 33.36 7.36 -21.65
C VAL O 120 34.50 8.34 -21.87
N THR O 121 34.75 8.67 -23.14
CA THR O 121 35.76 9.63 -23.51
C THR O 121 35.10 11.00 -23.72
N HIS O 122 35.86 11.94 -24.27
CA HIS O 122 35.36 13.30 -24.45
C HIS O 122 34.37 13.42 -25.60
N ASP O 123 34.32 12.44 -26.50
CA ASP O 123 33.38 12.46 -27.61
C ASP O 123 32.59 11.15 -27.72
N GLY O 124 32.56 10.35 -26.65
CA GLY O 124 31.76 9.15 -26.64
C GLY O 124 32.22 8.06 -27.58
N CYS O 125 33.53 7.98 -27.86
CA CYS O 125 34.01 6.99 -28.82
C CYS O 125 34.01 5.57 -28.24
N CYS O 126 34.05 5.42 -26.91
CA CYS O 126 34.06 4.10 -26.27
C CYS O 126 33.22 4.20 -25.00
N CYS O 127 31.92 3.95 -25.14
CA CYS O 127 30.99 4.05 -24.02
C CYS O 127 30.84 2.70 -23.34
N SER O 128 30.73 2.74 -22.00
CA SER O 128 30.53 1.54 -21.21
C SER O 128 30.04 1.94 -19.83
N LYS O 129 29.01 1.27 -19.35
CA LYS O 129 28.46 1.52 -18.02
C LYS O 129 28.26 0.20 -17.31
N ARG O 130 28.61 0.16 -16.03
CA ARG O 130 28.44 -1.03 -15.21
C ARG O 130 27.98 -0.62 -13.82
N VAL O 131 27.34 -1.56 -13.13
CA VAL O 131 26.74 -1.31 -11.83
C VAL O 131 27.47 -2.18 -10.82
N VAL O 132 28.19 -1.54 -9.90
CA VAL O 132 28.99 -2.23 -8.89
C VAL O 132 28.21 -2.28 -7.59
N THR O 133 28.20 -3.46 -6.95
CA THR O 133 27.50 -3.68 -5.69
C THR O 133 28.51 -4.25 -4.69
N ALA O 134 29.27 -3.36 -4.06
CA ALA O 134 30.28 -3.74 -3.09
C ALA O 134 30.21 -2.78 -1.91
N PRO O 135 30.59 -3.24 -0.71
CA PRO O 135 30.60 -2.32 0.44
C PRO O 135 31.58 -1.16 0.27
N VAL O 136 32.71 -1.40 -0.39
CA VAL O 136 33.71 -0.36 -0.64
C VAL O 136 34.13 -0.46 -2.10
N VAL O 137 33.99 0.65 -2.83
CA VAL O 137 34.34 0.73 -4.24
C VAL O 137 35.38 1.83 -4.41
N ASN O 138 36.44 1.53 -5.15
CA ASN O 138 37.53 2.47 -5.39
C ASN O 138 37.22 3.27 -6.66
N ALA O 139 36.86 4.54 -6.48
CA ALA O 139 36.55 5.42 -7.60
C ALA O 139 36.76 6.86 -7.17
N SER O 140 36.83 7.74 -8.16
CA SER O 140 37.06 9.15 -7.88
C SER O 140 35.90 9.74 -7.08
N VAL O 141 36.25 10.45 -6.00
CA VAL O 141 35.24 11.07 -5.14
C VAL O 141 34.63 12.32 -5.76
N LEU O 142 35.08 12.72 -6.94
CA LEU O 142 34.55 13.89 -7.61
C LEU O 142 33.44 13.50 -8.59
N LYS O 143 32.51 14.42 -8.82
CA LYS O 143 31.46 14.16 -9.81
C LYS O 143 32.00 14.13 -11.23
N LEU O 144 33.10 14.84 -11.48
CA LEU O 144 33.67 14.87 -12.82
C LEU O 144 34.45 13.61 -13.15
N GLY O 145 35.09 13.00 -12.16
CA GLY O 145 35.84 11.78 -12.36
C GLY O 145 37.32 12.02 -12.56
N VAL O 146 38.02 10.94 -12.91
CA VAL O 146 39.45 10.96 -13.18
C VAL O 146 39.72 10.17 -14.45
N GLU O 147 40.87 10.43 -15.06
CA GLU O 147 41.28 9.72 -16.26
C GLU O 147 41.86 8.35 -15.91
N ASP O 148 41.70 7.40 -16.82
CA ASP O 148 42.13 6.03 -16.58
C ASP O 148 42.40 5.36 -17.92
N GLY O 149 43.68 5.31 -18.31
CA GLY O 149 44.07 4.60 -19.51
C GLY O 149 43.71 5.33 -20.78
N LEU O 150 44.03 4.66 -21.89
CA LEU O 150 43.82 5.22 -23.23
C LEU O 150 42.74 4.43 -23.96
N CYS O 151 41.98 5.13 -24.78
CA CYS O 151 40.94 4.55 -25.61
C CYS O 151 41.56 3.95 -26.88
N PRO O 152 40.95 2.88 -27.42
CA PRO O 152 41.45 2.31 -28.68
C PRO O 152 41.58 3.33 -29.81
N HIS O 153 40.88 4.45 -29.70
CA HIS O 153 41.05 5.57 -30.62
C HIS O 153 42.10 6.57 -30.14
N GLY O 154 42.75 6.30 -29.02
CA GLY O 154 43.82 7.16 -28.54
C GLY O 154 43.41 8.24 -27.56
N LEU O 155 42.20 8.18 -27.01
CA LEU O 155 41.70 9.19 -26.09
C LEU O 155 41.74 8.67 -24.66
N ASN O 156 41.57 9.59 -23.72
CA ASN O 156 41.58 9.25 -22.30
C ASN O 156 40.17 8.88 -21.84
N TYR O 157 40.06 7.74 -21.16
CA TYR O 157 38.80 7.38 -20.53
C TYR O 157 38.51 8.30 -19.34
N ILE O 158 37.25 8.31 -18.92
CA ILE O 158 36.82 9.06 -17.75
C ILE O 158 35.93 8.15 -16.91
N ASP O 159 36.39 7.85 -15.70
CA ASP O 159 35.65 6.99 -14.76
C ASP O 159 35.01 7.87 -13.70
N LYS O 160 33.68 7.92 -13.68
CA LYS O 160 32.96 8.72 -12.71
C LYS O 160 31.75 7.95 -12.21
N VAL O 161 31.36 8.22 -10.97
CA VAL O 161 30.18 7.64 -10.36
C VAL O 161 29.00 8.56 -10.67
N VAL O 162 27.97 8.01 -11.31
CA VAL O 162 26.85 8.80 -11.81
C VAL O 162 25.58 8.54 -11.00
N VAL O 163 25.31 7.29 -10.61
CA VAL O 163 24.09 6.94 -9.91
C VAL O 163 24.47 6.15 -8.66
N VAL O 164 23.96 6.58 -7.51
CA VAL O 164 24.19 5.92 -6.23
C VAL O 164 22.86 5.42 -5.70
N LYS O 165 22.77 4.11 -5.50
CA LYS O 165 21.59 3.48 -4.92
C LYS O 165 22.00 2.75 -3.65
N GLY O 166 21.29 3.03 -2.55
CA GLY O 166 21.63 2.44 -1.28
C GLY O 166 22.73 3.20 -0.55
N THR O 167 23.66 2.47 0.04
CA THR O 167 24.75 3.07 0.80
C THR O 167 26.03 2.28 0.56
N THR O 168 27.12 3.00 0.26
CA THR O 168 28.39 2.36 -0.02
C THR O 168 29.50 3.39 0.18
N ILE O 169 30.69 2.89 0.50
CA ILE O 169 31.87 3.73 0.72
C ILE O 169 32.65 3.82 -0.57
N VAL O 170 32.96 5.04 -0.99
CA VAL O 170 33.74 5.30 -2.20
C VAL O 170 35.12 5.78 -1.76
N VAL O 171 36.14 4.96 -2.03
CA VAL O 171 37.52 5.29 -1.70
C VAL O 171 38.18 5.87 -2.94
N ASN O 172 38.83 7.02 -2.78
CA ASN O 172 39.49 7.68 -3.90
C ASN O 172 40.67 6.86 -4.39
N VAL O 173 40.91 6.93 -5.70
CA VAL O 173 42.05 6.27 -6.33
C VAL O 173 43.16 7.29 -6.54
N GLY O 174 43.72 7.80 -5.45
CA GLY O 174 44.77 8.80 -5.56
C GLY O 174 45.01 9.47 -4.22
N LYS O 175 45.87 10.49 -4.26
CA LYS O 175 46.19 11.25 -3.07
C LYS O 175 44.96 12.02 -2.59
N PRO O 176 44.93 12.43 -1.33
CA PRO O 176 43.80 13.22 -0.82
C PRO O 176 43.57 14.47 -1.66
N VAL O 177 42.34 14.63 -2.13
CA VAL O 177 41.98 15.70 -3.06
C VAL O 177 41.22 16.78 -2.31
N VAL O 178 41.68 18.02 -2.44
CA VAL O 178 41.01 19.19 -1.90
C VAL O 178 40.32 19.92 -3.04
N ALA O 179 39.05 20.27 -2.86
CA ALA O 179 38.25 20.87 -3.91
C ALA O 179 37.04 21.52 -3.27
N PRO O 180 36.33 22.39 -3.99
CA PRO O 180 35.07 22.93 -3.47
C PRO O 180 34.07 21.82 -3.19
N SER O 181 33.22 22.06 -2.18
CA SER O 181 32.31 21.00 -1.71
C SER O 181 31.30 20.60 -2.78
N HIS O 182 30.94 21.52 -3.68
CA HIS O 182 29.95 21.20 -4.71
C HIS O 182 30.49 20.28 -5.79
N LEU O 183 31.81 20.01 -5.79
CA LEU O 183 32.38 19.10 -6.78
C LEU O 183 32.51 17.67 -6.27
N PHE O 184 32.41 17.45 -4.96
CA PHE O 184 32.46 16.11 -4.42
C PHE O 184 31.14 15.40 -4.64
N LEU O 185 31.16 14.07 -4.47
CA LEU O 185 29.94 13.28 -4.50
C LEU O 185 29.10 13.58 -3.27
N LYS O 186 27.80 13.75 -3.47
CA LYS O 186 26.89 13.98 -2.35
C LYS O 186 26.91 12.79 -1.41
N GLY O 187 27.35 13.02 -0.17
CA GLY O 187 27.48 11.96 0.80
C GLY O 187 27.17 12.44 2.19
N VAL O 188 27.11 11.48 3.12
CA VAL O 188 26.78 11.79 4.51
C VAL O 188 28.01 12.05 5.36
N SER O 189 29.19 11.59 4.94
CA SER O 189 30.39 11.77 5.74
C SER O 189 31.61 11.74 4.81
N TYR O 190 32.62 12.53 5.15
CA TYR O 190 33.83 12.64 4.35
C TYR O 190 35.03 12.45 5.27
N THR O 191 35.89 11.50 4.93
CA THR O 191 37.12 11.26 5.68
C THR O 191 38.20 12.22 5.21
N THR O 192 38.77 12.99 6.14
CA THR O 192 39.78 13.99 5.84
C THR O 192 41.11 13.54 6.44
N PHE O 193 42.15 13.45 5.60
CA PHE O 193 43.49 13.11 6.03
C PHE O 193 44.36 14.35 5.91
N LEU O 194 44.82 14.87 7.06
CA LEU O 194 45.58 16.10 7.11
C LEU O 194 47.06 15.77 7.28
N ASP O 195 47.90 16.29 6.38
CA ASP O 195 49.33 16.09 6.49
C ASP O 195 49.89 16.95 7.60
N ASN O 196 50.70 16.35 8.49
CA ASN O 196 51.17 17.02 9.69
C ASN O 196 52.66 17.35 9.64
N GLY O 197 53.31 17.23 8.49
CA GLY O 197 54.70 17.61 8.37
C GLY O 197 55.38 16.84 7.26
N ASN O 198 56.71 16.97 7.25
CA ASN O 198 57.55 16.35 6.22
C ASN O 198 57.97 14.96 6.72
N GLY O 199 57.42 13.92 6.10
CA GLY O 199 57.69 12.58 6.57
C GLY O 199 57.14 12.27 7.94
N VAL O 200 56.11 12.99 8.36
CA VAL O 200 55.53 12.84 9.69
C VAL O 200 54.15 12.20 9.55
N ALA O 201 53.71 11.53 10.61
CA ALA O 201 52.39 10.93 10.64
C ALA O 201 51.32 12.02 10.59
N GLY O 202 50.36 11.86 9.68
CA GLY O 202 49.32 12.86 9.50
C GLY O 202 48.24 12.81 10.56
N HIS O 203 46.99 13.02 10.15
CA HIS O 203 45.86 12.97 11.06
C HIS O 203 44.59 12.75 10.28
N TYR O 204 43.68 11.95 10.84
CA TYR O 204 42.43 11.59 10.19
C TYR O 204 41.25 12.24 10.91
N THR O 205 40.27 12.69 10.13
CA THR O 205 39.04 13.24 10.66
C THR O 205 37.88 12.85 9.74
N VAL O 206 36.67 12.97 10.27
CA VAL O 206 35.44 12.70 9.52
C VAL O 206 34.58 13.95 9.54
N PHE O 207 34.12 14.38 8.36
CA PHE O 207 33.31 15.58 8.20
C PHE O 207 31.85 15.16 8.09
N ASP O 208 31.03 15.59 9.05
CA ASP O 208 29.59 15.33 9.01
C ASP O 208 28.93 16.35 8.10
N HIS O 209 28.22 15.86 7.08
CA HIS O 209 27.60 16.76 6.12
C HIS O 209 26.27 17.32 6.62
N ASP O 210 25.57 16.59 7.49
CA ASP O 210 24.31 17.08 8.02
C ASP O 210 24.54 18.23 8.99
N THR O 211 25.34 18.01 10.03
CA THR O 211 25.60 19.03 11.03
C THR O 211 26.65 20.04 10.59
N GLY O 212 27.50 19.69 9.63
CA GLY O 212 28.56 20.58 9.21
C GLY O 212 29.74 20.63 10.16
N MET O 213 29.86 19.67 11.06
CA MET O 213 30.95 19.61 12.02
C MET O 213 31.99 18.59 11.55
N VAL O 214 33.00 18.35 12.39
CA VAL O 214 34.09 17.44 12.08
C VAL O 214 34.34 16.53 13.27
N HIS O 215 34.46 15.23 13.01
CA HIS O 215 34.82 14.25 14.03
C HIS O 215 36.33 14.21 14.15
N ASP O 216 36.87 14.77 15.23
CA ASP O 216 38.31 14.77 15.51
C ASP O 216 38.51 14.07 16.85
N GLY O 217 38.78 12.77 16.80
CA GLY O 217 38.92 12.00 18.01
C GLY O 217 37.59 11.76 18.69
N ASP O 218 37.41 12.33 19.88
CA ASP O 218 36.17 12.18 20.63
C ASP O 218 35.47 13.52 20.86
N VAL O 219 35.81 14.54 20.07
CA VAL O 219 35.16 15.84 20.19
C VAL O 219 34.45 16.17 18.89
N PHE O 220 33.75 17.31 18.84
CA PHE O 220 32.92 17.72 17.71
C PHE O 220 33.25 19.18 17.40
N VAL O 221 34.30 19.39 16.61
CA VAL O 221 34.76 20.74 16.29
C VAL O 221 34.23 21.16 14.93
N PRO O 222 34.06 22.44 14.66
CA PRO O 222 33.64 22.88 13.33
C PRO O 222 34.75 22.68 12.30
N GLY O 223 34.34 22.56 11.05
CA GLY O 223 35.29 22.37 9.97
C GLY O 223 34.72 22.81 8.65
N ASP O 224 35.58 22.83 7.64
CA ASP O 224 35.22 23.26 6.29
C ASP O 224 35.59 22.17 5.30
N LEU O 225 34.61 21.75 4.50
CA LEU O 225 34.83 20.67 3.54
C LEU O 225 35.58 21.17 2.30
N ASN O 226 35.45 22.45 1.95
CA ASN O 226 36.11 22.97 0.77
C ASN O 226 37.62 22.92 0.88
N VAL O 227 38.15 23.07 2.09
CA VAL O 227 39.59 23.02 2.32
C VAL O 227 40.05 21.69 2.91
N SER O 228 39.12 20.75 3.10
CA SER O 228 39.48 19.46 3.71
C SER O 228 39.86 18.47 2.62
N PRO O 229 41.09 17.94 2.63
CA PRO O 229 41.46 16.92 1.65
C PRO O 229 40.74 15.61 1.90
N VAL O 230 39.86 15.22 0.98
CA VAL O 230 39.00 14.06 1.14
C VAL O 230 39.68 12.83 0.57
N THR O 231 39.59 11.71 1.30
CA THR O 231 40.11 10.43 0.84
C THR O 231 39.01 9.42 0.54
N ASN O 232 37.91 9.45 1.29
CA ASN O 232 36.77 8.59 1.01
C ASN O 232 35.51 9.26 1.52
N VAL O 233 34.37 8.81 1.02
CA VAL O 233 33.08 9.41 1.35
C VAL O 233 32.02 8.33 1.32
N VAL O 234 31.16 8.31 2.34
CA VAL O 234 30.02 7.41 2.41
C VAL O 234 28.87 8.07 1.66
N VAL O 235 28.66 7.67 0.42
CA VAL O 235 27.56 8.21 -0.38
C VAL O 235 26.27 7.48 -0.02
N SER O 236 25.15 8.19 -0.20
CA SER O 236 23.85 7.61 0.11
C SER O 236 22.80 8.34 -0.71
N GLU O 237 21.71 7.64 -1.00
CA GLU O 237 20.62 8.21 -1.79
C GLU O 237 19.52 8.79 -0.90
N MET P 1 52.33 -11.48 -21.32
CA MET P 1 51.53 -10.36 -21.78
C MET P 1 52.04 -9.05 -21.21
N GLN P 2 51.49 -7.94 -21.69
CA GLN P 2 51.88 -6.59 -21.28
C GLN P 2 50.71 -5.91 -20.61
N ILE P 3 50.95 -5.29 -19.45
CA ILE P 3 49.94 -4.53 -18.74
C ILE P 3 50.51 -3.17 -18.37
N PHE P 4 49.63 -2.25 -18.03
CA PHE P 4 50.01 -0.88 -17.67
C PHE P 4 49.74 -0.63 -16.20
N VAL P 5 50.59 0.21 -15.61
CA VAL P 5 50.48 0.59 -14.20
C VAL P 5 50.67 2.10 -14.11
N LYS P 6 49.61 2.82 -13.76
CA LYS P 6 49.68 4.27 -13.63
C LYS P 6 50.17 4.61 -12.22
N THR P 7 51.32 5.30 -12.15
CA THR P 7 51.96 5.61 -10.89
C THR P 7 51.32 6.86 -10.27
N LEU P 8 51.91 7.35 -9.17
CA LEU P 8 51.36 8.50 -8.48
C LEU P 8 51.62 9.80 -9.24
N THR P 9 52.74 9.87 -9.97
CA THR P 9 53.12 11.10 -10.67
C THR P 9 52.25 11.37 -11.89
N GLY P 10 51.39 10.43 -12.28
CA GLY P 10 50.55 10.59 -13.44
C GLY P 10 51.03 9.87 -14.68
N LYS P 11 52.30 9.47 -14.71
CA LYS P 11 52.85 8.75 -15.85
C LYS P 11 52.51 7.27 -15.75
N THR P 12 52.42 6.63 -16.91
CA THR P 12 52.04 5.22 -17.01
C THR P 12 53.28 4.40 -17.34
N ILE P 13 53.59 3.42 -16.49
CA ILE P 13 54.69 2.50 -16.73
C ILE P 13 54.12 1.19 -17.26
N THR P 14 54.95 0.46 -18.00
CA THR P 14 54.54 -0.80 -18.62
C THR P 14 55.31 -1.95 -17.98
N LEU P 15 54.59 -3.03 -17.67
CA LEU P 15 55.18 -4.23 -17.10
C LEU P 15 54.97 -5.42 -18.02
N GLU P 16 55.92 -6.33 -18.02
CA GLU P 16 55.85 -7.57 -18.80
C GLU P 16 55.63 -8.71 -17.83
N VAL P 17 54.40 -9.21 -17.78
CA VAL P 17 54.02 -10.22 -16.79
C VAL P 17 53.33 -11.40 -17.47
N GLU P 18 52.71 -12.25 -16.66
CA GLU P 18 51.99 -13.44 -17.12
C GLU P 18 50.74 -13.58 -16.27
N PRO P 19 49.63 -14.02 -16.87
CA PRO P 19 48.39 -14.19 -16.08
C PRO P 19 48.54 -15.15 -14.90
N SER P 20 49.58 -15.97 -14.87
CA SER P 20 49.82 -16.88 -13.74
C SER P 20 50.61 -16.23 -12.62
N ASP P 21 51.10 -14.99 -12.80
CA ASP P 21 51.89 -14.33 -11.78
C ASP P 21 51.01 -13.83 -10.65
N THR P 22 51.53 -13.89 -9.43
CA THR P 22 50.82 -13.39 -8.27
C THR P 22 50.95 -11.88 -8.17
N ILE P 23 50.06 -11.27 -7.37
CA ILE P 23 50.07 -9.81 -7.25
C ILE P 23 51.28 -9.36 -6.43
N GLU P 24 51.79 -10.22 -5.55
CA GLU P 24 52.99 -9.86 -4.79
C GLU P 24 54.21 -9.86 -5.70
N ASN P 25 54.20 -10.70 -6.75
CA ASN P 25 55.21 -10.60 -7.78
C ASN P 25 55.04 -9.33 -8.62
N VAL P 26 53.79 -8.89 -8.80
CA VAL P 26 53.54 -7.66 -9.54
C VAL P 26 54.00 -6.45 -8.73
N LYS P 27 53.76 -6.45 -7.42
CA LYS P 27 54.24 -5.38 -6.57
C LYS P 27 55.77 -5.32 -6.56
N ALA P 28 56.43 -6.47 -6.71
CA ALA P 28 57.89 -6.48 -6.74
C ALA P 28 58.41 -5.91 -8.05
N LYS P 29 57.73 -6.19 -9.16
CA LYS P 29 58.15 -5.65 -10.44
C LYS P 29 57.94 -4.14 -10.52
N ILE P 30 56.97 -3.62 -9.76
CA ILE P 30 56.79 -2.17 -9.68
C ILE P 30 57.94 -1.54 -8.89
N GLN P 31 58.41 -2.24 -7.85
CA GLN P 31 59.55 -1.74 -7.09
C GLN P 31 60.83 -1.76 -7.92
N ASP P 32 60.99 -2.77 -8.78
CA ASP P 32 62.13 -2.83 -9.67
C ASP P 32 62.09 -1.76 -10.75
N LYS P 33 60.98 -1.05 -10.90
CA LYS P 33 60.82 0.00 -11.91
C LYS P 33 60.74 1.39 -11.32
N GLU P 34 60.01 1.58 -10.22
CA GLU P 34 59.82 2.88 -9.61
C GLU P 34 60.48 3.03 -8.25
N GLY P 35 60.64 1.94 -7.51
CA GLY P 35 61.35 1.99 -6.25
C GLY P 35 60.50 2.23 -5.02
N ILE P 36 59.27 1.72 -5.01
CA ILE P 36 58.36 1.85 -3.87
C ILE P 36 58.25 0.48 -3.21
N PRO P 37 58.42 0.37 -1.90
CA PRO P 37 58.37 -0.95 -1.25
C PRO P 37 56.99 -1.54 -1.38
N PRO P 38 56.88 -2.87 -1.42
CA PRO P 38 55.54 -3.50 -1.54
C PRO P 38 54.63 -3.22 -0.36
N ASP P 39 55.18 -2.89 0.81
CA ASP P 39 54.33 -2.59 1.96
C ASP P 39 53.67 -1.21 1.86
N GLN P 40 54.20 -0.34 1.00
CA GLN P 40 53.63 0.98 0.80
C GLN P 40 52.74 1.07 -0.44
N GLN P 41 52.54 -0.04 -1.14
CA GLN P 41 51.77 -0.04 -2.37
C GLN P 41 50.31 -0.40 -2.13
N ARG P 42 49.45 0.11 -3.01
CA ARG P 42 48.04 -0.27 -3.07
C ARG P 42 47.62 -0.30 -4.52
N LEU P 43 47.26 -1.48 -5.01
CA LEU P 43 46.87 -1.67 -6.41
C LEU P 43 45.36 -1.77 -6.51
N ILE P 44 44.78 -1.05 -7.47
CA ILE P 44 43.35 -1.02 -7.69
C ILE P 44 43.08 -1.35 -9.15
N PHE P 45 42.18 -2.30 -9.40
CA PHE P 45 41.76 -2.66 -10.75
C PHE P 45 40.26 -2.80 -10.75
N ALA P 46 39.59 -2.03 -11.63
CA ALA P 46 38.13 -2.04 -11.76
C ALA P 46 37.45 -1.73 -10.43
N GLY P 47 38.07 -0.85 -9.65
CA GLY P 47 37.50 -0.41 -8.39
C GLY P 47 37.66 -1.39 -7.23
N LYS P 48 38.46 -2.44 -7.40
CA LYS P 48 38.66 -3.43 -6.35
C LYS P 48 40.09 -3.35 -5.83
N GLN P 49 40.25 -3.55 -4.53
CA GLN P 49 41.56 -3.66 -3.92
C GLN P 49 42.08 -5.09 -4.10
N LEU P 50 43.21 -5.22 -4.79
CA LEU P 50 43.75 -6.54 -5.11
C LEU P 50 44.39 -7.15 -3.88
N GLU P 51 44.01 -8.40 -3.58
CA GLU P 51 44.55 -9.11 -2.44
C GLU P 51 45.90 -9.74 -2.79
N ASP P 52 46.71 -9.96 -1.75
CA ASP P 52 48.09 -10.39 -1.96
C ASP P 52 48.19 -11.84 -2.43
N GLY P 53 47.20 -12.68 -2.11
CA GLY P 53 47.32 -14.10 -2.39
C GLY P 53 46.60 -14.57 -3.63
N ARG P 54 46.41 -13.70 -4.61
CA ARG P 54 45.70 -14.05 -5.84
C ARG P 54 46.58 -13.73 -7.05
N THR P 55 46.11 -14.17 -8.21
CA THR P 55 46.83 -14.01 -9.47
C THR P 55 46.11 -13.01 -10.37
N LEU P 56 46.78 -12.66 -11.47
CA LEU P 56 46.20 -11.75 -12.45
C LEU P 56 45.02 -12.39 -13.17
N SER P 57 45.02 -13.71 -13.31
CA SER P 57 43.91 -14.39 -13.97
C SER P 57 42.66 -14.42 -13.10
N ASP P 58 42.83 -14.39 -11.77
CA ASP P 58 41.69 -14.39 -10.88
C ASP P 58 40.89 -13.09 -10.96
N TYR P 59 41.50 -12.00 -11.41
CA TYR P 59 40.82 -10.72 -11.56
C TYR P 59 40.46 -10.41 -13.01
N ASN P 60 40.63 -11.39 -13.92
CA ASN P 60 40.30 -11.23 -15.34
C ASN P 60 41.06 -10.05 -15.95
N ILE P 61 42.36 -10.01 -15.68
CA ILE P 61 43.23 -8.96 -16.22
C ILE P 61 43.73 -9.42 -17.59
N GLN P 62 43.29 -8.75 -18.64
CA GLN P 62 43.64 -9.11 -20.01
C GLN P 62 44.93 -8.39 -20.40
N LYS P 63 45.18 -8.28 -21.71
CA LYS P 63 46.36 -7.58 -22.19
C LYS P 63 46.14 -6.07 -22.15
N GLU P 64 47.19 -5.34 -21.78
CA GLU P 64 47.18 -3.87 -21.79
C GLU P 64 46.14 -3.30 -20.84
N SER P 65 45.86 -3.99 -19.75
CA SER P 65 45.00 -3.45 -18.71
C SER P 65 45.76 -2.36 -17.94
N THR P 66 45.00 -1.54 -17.21
CA THR P 66 45.55 -0.40 -16.49
C THR P 66 45.33 -0.62 -14.99
N LEU P 67 46.42 -0.66 -14.23
CA LEU P 67 46.37 -0.72 -12.78
C LEU P 67 46.72 0.65 -12.20
N HIS P 68 46.16 0.93 -11.02
CA HIS P 68 46.42 2.17 -10.32
C HIS P 68 47.33 1.90 -9.12
N LEU P 69 48.17 2.88 -8.80
CA LEU P 69 49.10 2.79 -7.68
C LEU P 69 48.92 4.02 -6.80
N VAL P 70 48.65 3.79 -5.52
CA VAL P 70 48.54 4.85 -4.53
C VAL P 70 49.35 4.45 -3.31
N LEU P 71 49.81 5.46 -2.58
CA LEU P 71 50.67 5.22 -1.42
C LEU P 71 49.84 5.01 -0.16
N ARG P 72 50.38 4.18 0.74
CA ARG P 72 49.78 4.01 2.05
C ARG P 72 49.94 5.28 2.87
N LEU P 73 48.85 5.78 3.42
CA LEU P 73 48.91 6.92 4.33
C LEU P 73 49.19 6.44 5.75
N ARG P 74 49.82 7.31 6.53
CA ARG P 74 50.15 7.03 7.93
C ARG P 74 49.59 8.17 8.77
N GLY P 75 48.37 8.01 9.24
CA GLY P 75 47.73 9.02 10.07
C GLY P 75 48.17 8.95 11.51
#